data_9ISK
#
_entry.id   9ISK
#
loop_
_entity.id
_entity.type
_entity.pdbx_description
1 polymer 'Cell division protein FtsZ'
2 polymer 'Cell division protein ZapA'
3 non-polymer 'PHOSPHOMETHYLPHOSPHONIC ACID GUANYLATE ESTER'
4 non-polymer 'MAGNESIUM ION'
5 non-polymer 'POTASSIUM ION'
#
loop_
_entity_poly.entity_id
_entity_poly.type
_entity_poly.pdbx_seq_one_letter_code
_entity_poly.pdbx_strand_id
1 'polypeptide(L)'
;MFEPMELTNDAVIKVIGVGGGGGNAVEHMVRERIEGVEFFAVNTDAQALRKTAVGQTIQIGSGITKGLGAGANPEVGRNA
ADEDREALRAALDGADMVFIAAGMGGGTGTGAAPVVAEVAKDLGILTVAVVTKPFNFEGKKRMAFAEQGITELSKHVDSL
ITIPNDKLLKVLGRGISLLDAFGAANDVLKGAVQGIAELITRPGLMNVDFADVRTVMSEMGYAMMGSGVASGEDRAEEAA
EMAISSPLLEDIDLSGARGVLVNITAGFDLRLDEFETVGNTIRAFASDNATVVIGTSLDPDMNDELRVTVVATGIGMDKR
PEITLVTNKQVQQPVMDRYQQHGMSPLTQEQKPAAKVVNDNTPQTAKEPDYLDIPAFLRKQAD
;
A,B,C,D,E,F
2 'polypeptide(L)'
;MSAQPVDLQIFGRSLRVNCPPEQRDALNQAAEDLNQRLQDLKERTRVTNTEQLVFIAALNISYELTQEKAKTRDYASSME
QRIRMLQQTIEQALLEQGRISERPGSKFE
;
G,I,H,J,K,M,L,N
#
loop_
_chem_comp.id
_chem_comp.type
_chem_comp.name
_chem_comp.formula
G2P non-polymer 'PHOSPHOMETHYLPHOSPHONIC ACID GUANYLATE ESTER' 'C11 H18 N5 O13 P3'
K non-polymer 'POTASSIUM ION' 'K 1'
MG non-polymer 'MAGNESIUM ION' 'Mg 2'
#
# COMPACT_ATOMS: atom_id res chain seq x y z
N MET A 1 -29.14 17.03 22.75
CA MET A 1 -28.70 15.71 23.18
C MET A 1 -28.38 14.84 21.98
N PHE A 2 -27.14 14.33 21.93
CA PHE A 2 -26.71 13.47 20.83
C PHE A 2 -27.39 12.12 20.97
N GLU A 3 -28.30 11.80 20.06
CA GLU A 3 -29.06 10.57 20.23
C GLU A 3 -28.78 9.58 19.10
N PRO A 4 -28.70 8.30 19.40
CA PRO A 4 -28.59 7.30 18.35
C PRO A 4 -29.86 7.24 17.53
N MET A 5 -29.71 6.81 16.28
CA MET A 5 -30.85 6.78 15.38
C MET A 5 -31.84 5.69 15.79
N GLU A 6 -33.09 5.85 15.35
CA GLU A 6 -34.14 4.87 15.55
C GLU A 6 -34.56 4.33 14.19
N LEU A 7 -34.19 3.08 13.90
CA LEU A 7 -34.41 2.49 12.60
C LEU A 7 -35.70 1.69 12.54
N THR A 8 -36.65 1.96 13.43
CA THR A 8 -37.91 1.23 13.50
C THR A 8 -39.02 2.11 12.94
N ASN A 9 -39.76 1.57 11.98
CA ASN A 9 -40.89 2.28 11.41
C ASN A 9 -42.00 2.42 12.45
N ASP A 10 -43.00 3.22 12.12
CA ASP A 10 -44.17 3.41 12.98
C ASP A 10 -45.38 2.80 12.28
N ALA A 11 -46.08 1.93 12.98
CA ALA A 11 -47.26 1.27 12.42
C ALA A 11 -48.38 1.25 13.45
N VAL A 12 -49.60 1.46 12.96
CA VAL A 12 -50.80 1.32 13.78
C VAL A 12 -51.55 0.11 13.28
N ILE A 13 -51.63 -0.92 14.10
CA ILE A 13 -52.34 -2.16 13.77
C ILE A 13 -53.32 -2.44 14.90
N LYS A 14 -54.57 -2.73 14.54
CA LYS A 14 -55.63 -2.96 15.50
C LYS A 14 -56.19 -4.37 15.30
N VAL A 15 -56.39 -5.08 16.40
CA VAL A 15 -57.02 -6.40 16.36
C VAL A 15 -58.32 -6.31 17.15
N ILE A 16 -59.43 -6.66 16.50
CA ILE A 16 -60.76 -6.51 17.08
C ILE A 16 -61.38 -7.89 17.18
N GLY A 17 -61.80 -8.26 18.39
CA GLY A 17 -62.52 -9.50 18.57
C GLY A 17 -64.01 -9.29 18.70
N VAL A 18 -64.77 -9.58 17.64
CA VAL A 18 -66.19 -9.31 17.60
C VAL A 18 -66.95 -10.58 17.96
N GLY A 19 -67.74 -10.50 19.04
CA GLY A 19 -68.44 -11.67 19.53
C GLY A 19 -67.57 -12.51 20.43
N GLY A 20 -68.15 -13.64 20.87
CA GLY A 20 -67.45 -14.49 21.80
C GLY A 20 -66.21 -15.15 21.20
N GLY A 21 -66.33 -15.66 19.98
CA GLY A 21 -65.19 -16.32 19.36
C GLY A 21 -64.04 -15.37 19.09
N GLY A 22 -64.35 -14.19 18.54
CA GLY A 22 -63.31 -13.21 18.33
C GLY A 22 -62.69 -12.71 19.63
N GLY A 23 -63.52 -12.53 20.65
CA GLY A 23 -62.98 -12.15 21.94
C GLY A 23 -62.02 -13.18 22.49
N ASN A 24 -62.35 -14.46 22.34
CA ASN A 24 -61.44 -15.51 22.76
C ASN A 24 -60.14 -15.46 21.97
N ALA A 25 -60.23 -15.29 20.65
CA ALA A 25 -59.03 -15.27 19.83
C ALA A 25 -58.12 -14.11 20.20
N VAL A 26 -58.70 -12.94 20.47
CA VAL A 26 -57.88 -11.79 20.86
C VAL A 26 -57.30 -11.98 22.25
N GLU A 27 -58.10 -12.51 23.18
CA GLU A 27 -57.61 -12.75 24.53
C GLU A 27 -56.44 -13.73 24.52
N HIS A 28 -56.42 -14.64 23.54
CA HIS A 28 -55.26 -15.52 23.40
C HIS A 28 -53.98 -14.71 23.22
N MET A 29 -53.98 -13.78 22.27
CA MET A 29 -52.81 -12.95 22.04
C MET A 29 -52.50 -12.09 23.27
N VAL A 30 -53.53 -11.58 23.94
CA VAL A 30 -53.30 -10.76 25.12
C VAL A 30 -52.55 -11.56 26.18
N ARG A 31 -53.00 -12.79 26.44
CA ARG A 31 -52.34 -13.64 27.43
C ARG A 31 -50.95 -14.05 26.97
N GLU A 32 -50.73 -14.13 25.65
CA GLU A 32 -49.41 -14.51 25.14
C GLU A 32 -48.44 -13.33 25.07
N ARG A 33 -48.89 -12.12 25.40
CA ARG A 33 -48.02 -10.95 25.50
C ARG A 33 -47.32 -10.63 24.18
N ILE A 34 -48.12 -10.26 23.19
CA ILE A 34 -47.61 -9.75 21.92
C ILE A 34 -47.61 -8.23 21.97
N GLU A 35 -46.45 -7.63 21.72
CA GLU A 35 -46.25 -6.20 21.87
C GLU A 35 -46.55 -5.46 20.56
N GLY A 36 -46.77 -4.16 20.69
CA GLY A 36 -46.87 -3.29 19.53
C GLY A 36 -48.21 -3.30 18.83
N VAL A 37 -49.21 -3.97 19.37
CA VAL A 37 -50.52 -4.10 18.74
C VAL A 37 -51.59 -3.65 19.72
N GLU A 38 -52.60 -2.95 19.22
CA GLU A 38 -53.73 -2.53 20.03
C GLU A 38 -54.79 -3.63 20.05
N PHE A 39 -55.26 -3.98 21.25
CA PHE A 39 -56.24 -5.04 21.43
C PHE A 39 -57.61 -4.44 21.70
N PHE A 40 -58.66 -5.09 21.19
CA PHE A 40 -60.03 -4.63 21.38
C PHE A 40 -60.96 -5.83 21.52
N ALA A 41 -62.11 -5.58 22.14
CA ALA A 41 -63.16 -6.58 22.28
C ALA A 41 -64.50 -5.91 22.06
N VAL A 42 -65.20 -6.30 20.99
CA VAL A 42 -66.49 -5.72 20.62
C VAL A 42 -67.54 -6.82 20.75
N ASN A 43 -68.60 -6.54 21.50
CA ASN A 43 -69.57 -7.58 21.78
C ASN A 43 -70.90 -6.95 22.17
N THR A 44 -71.94 -7.77 22.15
CA THR A 44 -73.23 -7.41 22.72
C THR A 44 -73.43 -7.96 24.12
N ASP A 45 -72.63 -8.96 24.51
CA ASP A 45 -72.79 -9.65 25.79
C ASP A 45 -71.94 -8.95 26.83
N ALA A 46 -72.60 -8.33 27.81
CA ALA A 46 -71.87 -7.65 28.88
C ALA A 46 -71.05 -8.63 29.69
N GLN A 47 -71.59 -9.81 29.97
CA GLN A 47 -70.87 -10.80 30.77
C GLN A 47 -69.60 -11.25 30.08
N ALA A 48 -69.66 -11.50 28.76
CA ALA A 48 -68.47 -11.91 28.03
C ALA A 48 -67.42 -10.82 28.01
N LEU A 49 -67.86 -9.56 27.87
CA LEU A 49 -66.91 -8.45 27.91
C LEU A 49 -66.26 -8.33 29.28
N ARG A 50 -67.03 -8.52 30.35
CA ARG A 50 -66.48 -8.44 31.69
C ARG A 50 -65.53 -9.59 31.97
N LYS A 51 -65.78 -10.76 31.37
CA LYS A 51 -64.93 -11.92 31.67
C LYS A 51 -63.59 -11.87 30.96
N THR A 52 -63.54 -11.35 29.73
CA THR A 52 -62.33 -11.43 28.93
C THR A 52 -61.18 -10.66 29.58
N ALA A 53 -59.96 -11.10 29.29
CA ALA A 53 -58.76 -10.40 29.72
C ALA A 53 -58.38 -9.26 28.79
N VAL A 54 -59.13 -9.05 27.71
CA VAL A 54 -58.90 -7.91 26.83
C VAL A 54 -59.23 -6.64 27.59
N GLY A 55 -58.29 -5.69 27.58
CA GLY A 55 -58.47 -4.46 28.32
C GLY A 55 -59.55 -3.58 27.76
N GLN A 56 -59.32 -3.01 26.59
CA GLN A 56 -60.31 -2.14 25.98
C GLN A 56 -61.48 -2.96 25.47
N THR A 57 -62.70 -2.56 25.85
CA THR A 57 -63.92 -3.21 25.42
C THR A 57 -64.86 -2.18 24.80
N ILE A 58 -65.71 -2.63 23.89
CA ILE A 58 -66.70 -1.78 23.24
C ILE A 58 -68.01 -2.55 23.21
N GLN A 59 -68.90 -2.25 24.15
CA GLN A 59 -70.21 -2.90 24.21
C GLN A 59 -71.11 -2.26 23.17
N ILE A 60 -71.51 -3.02 22.17
CA ILE A 60 -72.36 -2.51 21.10
C ILE A 60 -73.80 -2.89 21.38
N GLY A 61 -74.72 -2.05 20.91
CA GLY A 61 -76.15 -2.36 21.00
C GLY A 61 -76.67 -2.50 22.41
N SER A 62 -76.22 -1.65 23.32
CA SER A 62 -76.72 -1.70 24.69
C SER A 62 -78.18 -1.28 24.79
N GLY A 63 -78.71 -0.61 23.77
CA GLY A 63 -80.08 -0.20 23.74
C GLY A 63 -81.02 -1.10 22.98
N ILE A 64 -80.53 -2.23 22.46
CA ILE A 64 -81.37 -3.16 21.71
C ILE A 64 -81.36 -4.51 22.41
N THR A 65 -80.28 -4.83 23.11
CA THR A 65 -80.16 -6.09 23.81
C THR A 65 -80.01 -5.94 25.32
N LYS A 66 -79.74 -4.74 25.82
CA LYS A 66 -79.61 -4.48 27.26
C LYS A 66 -78.52 -5.35 27.88
N GLY A 67 -77.44 -5.57 27.13
CA GLY A 67 -76.31 -6.32 27.64
C GLY A 67 -76.38 -7.82 27.47
N LEU A 68 -77.27 -8.32 26.62
CA LEU A 68 -77.37 -9.74 26.33
C LEU A 68 -76.85 -10.01 24.93
N GLY A 69 -76.51 -11.26 24.68
CA GLY A 69 -76.04 -11.63 23.36
C GLY A 69 -77.14 -11.56 22.34
N ALA A 70 -76.75 -11.58 21.07
CA ALA A 70 -77.72 -11.44 20.00
C ALA A 70 -78.65 -12.65 19.87
N GLY A 71 -78.35 -13.74 20.56
CA GLY A 71 -79.22 -14.90 20.49
C GLY A 71 -79.28 -15.57 19.15
N ALA A 72 -78.14 -15.77 18.50
CA ALA A 72 -78.06 -16.48 17.23
C ALA A 72 -78.87 -15.79 16.13
N ASN A 73 -79.01 -14.48 16.23
CA ASN A 73 -79.73 -13.70 15.21
C ASN A 73 -78.77 -12.74 14.54
N PRO A 74 -78.36 -12.99 13.28
CA PRO A 74 -77.46 -12.04 12.61
C PRO A 74 -78.05 -10.66 12.47
N GLU A 75 -79.38 -10.55 12.31
CA GLU A 75 -80.00 -9.25 12.17
C GLU A 75 -79.82 -8.42 13.43
N VAL A 76 -79.94 -9.03 14.60
CA VAL A 76 -79.74 -8.31 15.85
C VAL A 76 -78.31 -7.81 15.96
N GLY A 77 -77.35 -8.64 15.57
CA GLY A 77 -75.96 -8.20 15.59
C GLY A 77 -75.70 -7.04 14.65
N ARG A 78 -76.25 -7.11 13.43
CA ARG A 78 -76.09 -6.01 12.48
C ARG A 78 -76.72 -4.73 13.02
N ASN A 79 -77.90 -4.83 13.62
CA ASN A 79 -78.54 -3.65 14.18
C ASN A 79 -77.74 -3.08 15.35
N ALA A 80 -77.20 -3.94 16.20
CA ALA A 80 -76.39 -3.47 17.32
C ALA A 80 -75.11 -2.81 16.83
N ALA A 81 -74.54 -3.31 15.74
CA ALA A 81 -73.37 -2.66 15.16
C ALA A 81 -73.74 -1.31 14.57
N ASP A 82 -74.85 -1.24 13.86
CA ASP A 82 -75.27 0.02 13.25
C ASP A 82 -75.57 1.07 14.31
N GLU A 83 -76.13 0.66 15.44
CA GLU A 83 -76.44 1.61 16.50
C GLU A 83 -75.18 2.28 17.04
N ASP A 84 -74.11 1.52 17.24
CA ASP A 84 -72.89 2.03 17.85
C ASP A 84 -71.76 2.21 16.84
N ARG A 85 -72.10 2.55 15.59
CA ARG A 85 -71.07 2.74 14.57
C ARG A 85 -70.12 3.87 14.94
N GLU A 86 -70.61 4.87 15.68
CA GLU A 86 -69.75 5.98 16.07
C GLU A 86 -68.65 5.52 17.00
N ALA A 87 -68.97 4.67 17.97
CA ALA A 87 -67.95 4.16 18.88
C ALA A 87 -66.92 3.31 18.13
N LEU A 88 -67.39 2.50 17.18
CA LEU A 88 -66.48 1.71 16.36
C LEU A 88 -65.53 2.61 15.59
N ARG A 89 -66.07 3.64 14.94
CA ARG A 89 -65.24 4.55 14.17
C ARG A 89 -64.24 5.27 15.08
N ALA A 90 -64.68 5.70 16.25
CA ALA A 90 -63.79 6.42 17.16
C ALA A 90 -62.66 5.54 17.64
N ALA A 91 -62.96 4.29 18.00
CA ALA A 91 -61.92 3.40 18.50
C ALA A 91 -61.03 2.86 17.38
N LEU A 92 -61.52 2.86 16.14
CA LEU A 92 -60.81 2.28 15.01
C LEU A 92 -60.17 3.36 14.13
N ASP A 93 -60.27 4.62 14.51
CA ASP A 93 -59.74 5.71 13.71
C ASP A 93 -58.22 5.80 13.85
N GLY A 94 -57.58 6.33 12.81
CA GLY A 94 -56.14 6.48 12.79
C GLY A 94 -55.37 5.18 12.78
N ALA A 95 -55.79 4.23 11.96
CA ALA A 95 -55.17 2.91 11.90
C ALA A 95 -54.67 2.63 10.49
N ASP A 96 -53.47 2.03 10.41
CA ASP A 96 -52.94 1.64 9.12
C ASP A 96 -53.64 0.40 8.58
N MET A 97 -53.88 -0.59 9.44
CA MET A 97 -54.51 -1.82 9.02
C MET A 97 -55.04 -2.54 10.25
N VAL A 98 -56.23 -3.12 10.13
CA VAL A 98 -56.90 -3.77 11.25
C VAL A 98 -57.00 -5.26 10.98
N PHE A 99 -57.08 -6.03 12.06
CA PHE A 99 -57.29 -7.46 12.01
C PHE A 99 -58.58 -7.77 12.78
N ILE A 100 -59.64 -8.14 12.05
CA ILE A 100 -60.94 -8.40 12.66
C ILE A 100 -61.08 -9.90 12.85
N ALA A 101 -61.26 -10.32 14.09
CA ALA A 101 -61.40 -11.72 14.46
C ALA A 101 -62.81 -11.98 14.93
N ALA A 102 -63.47 -13.00 14.36
CA ALA A 102 -64.85 -13.31 14.74
C ALA A 102 -65.17 -14.73 14.32
N GLY A 103 -65.46 -15.58 15.29
CA GLY A 103 -66.05 -16.87 14.99
C GLY A 103 -67.48 -16.68 14.53
N MET A 104 -67.81 -17.18 13.35
CA MET A 104 -69.06 -16.81 12.70
C MET A 104 -70.01 -17.99 12.60
N GLY A 105 -71.30 -17.68 12.64
CA GLY A 105 -72.35 -18.68 12.65
C GLY A 105 -73.46 -18.26 13.58
N GLY A 106 -73.14 -17.42 14.54
CA GLY A 106 -74.09 -16.94 15.52
C GLY A 106 -74.69 -15.62 15.12
N GLY A 107 -75.06 -14.82 16.12
CA GLY A 107 -75.75 -13.58 15.86
C GLY A 107 -74.86 -12.36 15.90
N THR A 108 -74.01 -12.25 16.92
CA THR A 108 -73.21 -11.04 17.09
C THR A 108 -72.10 -10.97 16.05
N GLY A 109 -71.22 -11.97 16.04
CA GLY A 109 -70.10 -11.94 15.12
C GLY A 109 -70.52 -11.95 13.68
N THR A 110 -71.44 -12.84 13.33
CA THR A 110 -71.82 -13.04 11.93
C THR A 110 -72.39 -11.76 11.32
N GLY A 111 -73.27 -11.08 12.04
CA GLY A 111 -73.86 -9.87 11.52
C GLY A 111 -73.14 -8.59 11.86
N ALA A 112 -72.14 -8.64 12.73
CA ALA A 112 -71.44 -7.44 13.16
C ALA A 112 -70.08 -7.27 12.54
N ALA A 113 -69.41 -8.36 12.15
CA ALA A 113 -68.13 -8.22 11.47
C ALA A 113 -68.24 -7.46 10.15
N PRO A 114 -69.23 -7.70 9.29
CA PRO A 114 -69.33 -6.88 8.07
C PRO A 114 -69.47 -5.41 8.34
N VAL A 115 -70.16 -5.01 9.41
CA VAL A 115 -70.31 -3.59 9.71
C VAL A 115 -68.98 -2.99 10.13
N VAL A 116 -68.21 -3.69 10.96
CA VAL A 116 -66.89 -3.19 11.36
C VAL A 116 -65.97 -3.11 10.14
N ALA A 117 -66.04 -4.11 9.26
CA ALA A 117 -65.25 -4.06 8.03
C ALA A 117 -65.65 -2.88 7.17
N GLU A 118 -66.94 -2.60 7.06
CA GLU A 118 -67.40 -1.45 6.30
C GLU A 118 -66.91 -0.16 6.91
N VAL A 119 -66.93 -0.07 8.24
CA VAL A 119 -66.42 1.11 8.92
C VAL A 119 -64.95 1.33 8.59
N ALA A 120 -64.16 0.26 8.65
CA ALA A 120 -62.74 0.37 8.34
C ALA A 120 -62.52 0.77 6.89
N LYS A 121 -63.25 0.17 5.97
CA LYS A 121 -63.06 0.49 4.55
C LYS A 121 -63.45 1.92 4.23
N ASP A 122 -64.56 2.40 4.81
CA ASP A 122 -64.93 3.80 4.64
C ASP A 122 -63.89 4.72 5.23
N LEU A 123 -63.33 4.35 6.39
CA LEU A 123 -62.26 5.15 6.96
C LEU A 123 -61.00 5.09 6.13
N GLY A 124 -60.84 4.06 5.29
CA GLY A 124 -59.69 3.96 4.43
C GLY A 124 -58.56 3.18 5.08
N ILE A 125 -58.90 2.05 5.70
CA ILE A 125 -57.96 1.22 6.44
C ILE A 125 -57.92 -0.15 5.80
N LEU A 126 -56.72 -0.64 5.52
CA LEU A 126 -56.53 -2.01 5.07
C LEU A 126 -57.10 -2.97 6.10
N THR A 127 -57.88 -3.94 5.65
CA THR A 127 -58.59 -4.82 6.57
C THR A 127 -58.26 -6.27 6.28
N VAL A 128 -57.99 -7.03 7.34
CA VAL A 128 -57.81 -8.47 7.27
C VAL A 128 -58.74 -9.12 8.27
N ALA A 129 -59.58 -10.04 7.81
CA ALA A 129 -60.58 -10.69 8.65
C ALA A 129 -60.20 -12.15 8.84
N VAL A 130 -60.07 -12.57 10.09
CA VAL A 130 -59.75 -13.94 10.44
C VAL A 130 -60.97 -14.53 11.15
N VAL A 131 -61.65 -15.47 10.50
CA VAL A 131 -62.91 -15.99 10.99
C VAL A 131 -62.86 -17.51 11.01
N THR A 132 -63.74 -18.10 11.82
CA THR A 132 -63.84 -19.54 11.94
C THR A 132 -65.24 -20.00 11.58
N LYS A 133 -65.34 -21.09 10.85
CA LYS A 133 -66.62 -21.71 10.56
C LYS A 133 -67.14 -22.43 11.80
N PRO A 134 -68.42 -22.76 11.84
CA PRO A 134 -68.94 -23.59 12.94
C PRO A 134 -68.52 -25.05 12.77
N PHE A 135 -68.68 -25.80 13.85
CA PHE A 135 -68.43 -27.23 13.81
C PHE A 135 -69.48 -27.93 12.96
N ASN A 136 -69.19 -29.17 12.59
CA ASN A 136 -70.16 -29.93 11.80
C ASN A 136 -71.43 -30.21 12.59
N PHE A 137 -71.29 -30.52 13.88
CA PHE A 137 -72.44 -30.92 14.67
C PHE A 137 -73.30 -29.75 15.12
N GLU A 138 -72.89 -28.53 14.85
CA GLU A 138 -73.69 -27.38 15.27
C GLU A 138 -74.89 -27.14 14.38
N GLY A 139 -75.02 -27.87 13.28
CA GLY A 139 -76.20 -27.83 12.46
C GLY A 139 -75.94 -27.23 11.08
N LYS A 140 -76.97 -27.30 10.25
CA LYS A 140 -76.93 -26.69 8.92
C LYS A 140 -77.30 -25.22 8.95
N LYS A 141 -78.20 -24.82 9.84
CA LYS A 141 -78.59 -23.41 9.93
C LYS A 141 -77.42 -22.56 10.40
N ARG A 142 -76.64 -23.05 11.35
CA ARG A 142 -75.46 -22.32 11.82
C ARG A 142 -74.46 -22.13 10.68
N MET A 143 -74.21 -23.17 9.90
CA MET A 143 -73.27 -23.04 8.79
C MET A 143 -73.82 -22.11 7.71
N ALA A 144 -75.13 -22.16 7.45
CA ALA A 144 -75.71 -21.26 6.46
C ALA A 144 -75.56 -19.80 6.88
N PHE A 145 -75.85 -19.51 8.15
CA PHE A 145 -75.68 -18.15 8.65
C PHE A 145 -74.21 -17.73 8.56
N ALA A 146 -73.29 -18.63 8.89
CA ALA A 146 -71.88 -18.30 8.80
C ALA A 146 -71.45 -18.01 7.37
N GLU A 147 -71.95 -18.79 6.40
CA GLU A 147 -71.58 -18.57 5.00
C GLU A 147 -72.13 -17.25 4.49
N GLN A 148 -73.38 -16.93 4.82
CA GLN A 148 -73.92 -15.63 4.43
C GLN A 148 -73.13 -14.50 5.05
N GLY A 149 -72.76 -14.64 6.33
CA GLY A 149 -71.95 -13.63 6.97
C GLY A 149 -70.58 -13.49 6.32
N ILE A 150 -70.00 -14.60 5.89
CA ILE A 150 -68.68 -14.53 5.26
C ILE A 150 -68.78 -13.83 3.91
N THR A 151 -69.86 -14.05 3.18
CA THR A 151 -70.07 -13.29 1.95
C THR A 151 -70.15 -11.80 2.25
N GLU A 152 -70.96 -11.43 3.25
CA GLU A 152 -71.07 -10.02 3.60
C GLU A 152 -69.75 -9.46 4.10
N LEU A 153 -68.93 -10.28 4.73
CA LEU A 153 -67.63 -9.82 5.23
C LEU A 153 -66.65 -9.63 4.09
N SER A 154 -66.62 -10.55 3.14
CA SER A 154 -65.77 -10.41 1.97
C SER A 154 -66.17 -9.21 1.12
N LYS A 155 -67.42 -8.76 1.24
CA LYS A 155 -67.82 -7.55 0.54
C LYS A 155 -67.03 -6.32 0.99
N HIS A 156 -66.47 -6.32 2.21
CA HIS A 156 -65.89 -5.10 2.78
C HIS A 156 -64.48 -5.27 3.32
N VAL A 157 -63.79 -6.35 2.99
CA VAL A 157 -62.42 -6.56 3.48
C VAL A 157 -61.49 -6.66 2.28
N ASP A 158 -60.19 -6.65 2.58
CA ASP A 158 -59.16 -6.79 1.56
C ASP A 158 -58.61 -8.21 1.48
N SER A 159 -58.35 -8.85 2.61
CA SER A 159 -57.93 -10.23 2.64
C SER A 159 -58.67 -10.95 3.77
N LEU A 160 -59.15 -12.15 3.49
CA LEU A 160 -59.97 -12.90 4.44
C LEU A 160 -59.34 -14.26 4.69
N ILE A 161 -59.21 -14.63 5.96
CA ILE A 161 -58.68 -15.92 6.37
C ILE A 161 -59.79 -16.70 7.05
N THR A 162 -60.05 -17.91 6.57
CA THR A 162 -61.12 -18.75 7.08
C THR A 162 -60.54 -20.02 7.66
N ILE A 163 -60.90 -20.32 8.90
CA ILE A 163 -60.45 -21.52 9.60
C ILE A 163 -61.66 -22.42 9.81
N PRO A 164 -61.79 -23.52 9.08
CA PRO A 164 -62.87 -24.48 9.38
C PRO A 164 -62.66 -25.07 10.75
N ASN A 165 -63.67 -24.92 11.60
CA ASN A 165 -63.56 -25.43 12.96
C ASN A 165 -63.59 -26.94 13.01
N ASP A 166 -63.97 -27.60 11.92
CA ASP A 166 -63.99 -29.05 11.84
C ASP A 166 -62.62 -29.65 11.58
N LYS A 167 -61.63 -28.84 11.19
CA LYS A 167 -60.30 -29.36 10.95
C LYS A 167 -59.52 -29.59 12.24
N LEU A 168 -59.96 -29.01 13.35
CA LEU A 168 -59.33 -29.28 14.63
C LEU A 168 -59.44 -30.76 14.97
N LEU A 169 -60.63 -31.34 14.79
CA LEU A 169 -60.84 -32.74 15.11
C LEU A 169 -59.97 -33.64 14.25
N LYS A 170 -59.85 -33.33 12.96
CA LYS A 170 -59.09 -34.17 12.05
C LYS A 170 -57.58 -34.01 12.24
N VAL A 171 -57.11 -32.82 12.56
CA VAL A 171 -55.68 -32.54 12.59
C VAL A 171 -55.07 -32.83 13.95
N LEU A 172 -55.70 -32.37 15.03
CA LEU A 172 -55.03 -32.32 16.32
C LEU A 172 -54.93 -33.66 17.02
N GLY A 173 -55.72 -34.65 16.61
CA GLY A 173 -55.61 -35.97 17.22
C GLY A 173 -56.32 -36.08 18.55
N ARG A 174 -56.91 -37.24 18.83
CA ARG A 174 -57.73 -37.40 20.03
C ARG A 174 -56.87 -37.30 21.27
N GLY A 175 -57.52 -36.97 22.38
CA GLY A 175 -56.83 -36.71 23.61
C GLY A 175 -56.40 -35.28 23.80
N ILE A 176 -56.52 -34.44 22.76
CA ILE A 176 -56.16 -33.04 22.89
C ILE A 176 -57.23 -32.32 23.71
N SER A 177 -56.78 -31.42 24.57
CA SER A 177 -57.71 -30.66 25.39
C SER A 177 -58.45 -29.64 24.54
N LEU A 178 -59.64 -29.25 25.00
CA LEU A 178 -60.39 -28.22 24.30
C LEU A 178 -59.64 -26.91 24.30
N LEU A 179 -59.03 -26.58 25.44
CA LEU A 179 -58.25 -25.35 25.53
C LEU A 179 -57.10 -25.37 24.53
N ASP A 180 -56.41 -26.51 24.41
CA ASP A 180 -55.28 -26.59 23.49
C ASP A 180 -55.73 -26.57 22.03
N ALA A 181 -56.86 -27.19 21.71
CA ALA A 181 -57.38 -27.11 20.34
C ALA A 181 -57.75 -25.68 19.98
N PHE A 182 -58.43 -24.98 20.89
CA PHE A 182 -58.78 -23.59 20.63
C PHE A 182 -57.53 -22.72 20.54
N GLY A 183 -56.51 -23.03 21.34
CA GLY A 183 -55.26 -22.29 21.24
C GLY A 183 -54.56 -22.51 19.92
N ALA A 184 -54.61 -23.74 19.41
CA ALA A 184 -54.06 -24.01 18.08
C ALA A 184 -54.82 -23.22 17.03
N ALA A 185 -56.13 -23.10 17.17
CA ALA A 185 -56.90 -22.28 16.23
C ALA A 185 -56.49 -20.81 16.32
N ASN A 186 -56.33 -20.30 17.55
CA ASN A 186 -55.99 -18.89 17.74
C ASN A 186 -54.58 -18.55 17.29
N ASP A 187 -53.69 -19.54 17.25
CA ASP A 187 -52.32 -19.29 16.84
C ASP A 187 -52.24 -18.84 15.39
N VAL A 188 -53.25 -19.14 14.56
CA VAL A 188 -53.25 -18.63 13.19
C VAL A 188 -53.30 -17.12 13.18
N LEU A 189 -54.26 -16.54 13.91
CA LEU A 189 -54.35 -15.09 13.98
C LEU A 189 -53.15 -14.50 14.70
N LYS A 190 -52.67 -15.15 15.76
CA LYS A 190 -51.50 -14.63 16.46
C LYS A 190 -50.29 -14.56 15.54
N GLY A 191 -50.05 -15.64 14.78
CA GLY A 191 -48.91 -15.65 13.89
C GLY A 191 -49.04 -14.63 12.78
N ALA A 192 -50.24 -14.51 12.21
CA ALA A 192 -50.46 -13.51 11.18
C ALA A 192 -50.15 -12.11 11.69
N VAL A 193 -50.70 -11.76 12.85
CA VAL A 193 -50.51 -10.41 13.39
C VAL A 193 -49.04 -10.15 13.70
N GLN A 194 -48.39 -11.09 14.38
CA GLN A 194 -47.00 -10.88 14.77
C GLN A 194 -46.08 -10.82 13.57
N GLY A 195 -46.31 -11.67 12.57
CA GLY A 195 -45.49 -11.62 11.38
C GLY A 195 -45.66 -10.33 10.60
N ILE A 196 -46.89 -9.86 10.44
CA ILE A 196 -47.12 -8.60 9.75
C ILE A 196 -46.45 -7.46 10.50
N ALA A 197 -46.59 -7.43 11.83
CA ALA A 197 -45.99 -6.34 12.59
C ALA A 197 -44.48 -6.33 12.45
N GLU A 198 -43.84 -7.49 12.61
CA GLU A 198 -42.39 -7.56 12.50
C GLU A 198 -41.92 -7.18 11.10
N LEU A 199 -42.66 -7.60 10.07
CA LEU A 199 -42.29 -7.23 8.71
C LEU A 199 -42.40 -5.72 8.50
N ILE A 200 -43.46 -5.10 9.01
CA ILE A 200 -43.68 -3.69 8.75
C ILE A 200 -42.67 -2.83 9.49
N THR A 201 -42.40 -3.12 10.75
CA THR A 201 -41.59 -2.20 11.55
C THR A 201 -40.09 -2.45 11.39
N ARG A 202 -39.65 -3.67 11.63
CA ARG A 202 -38.22 -3.96 11.66
C ARG A 202 -37.60 -3.74 10.28
N PRO A 203 -36.40 -3.17 10.21
CA PRO A 203 -35.76 -2.88 8.93
C PRO A 203 -35.18 -4.14 8.31
N GLY A 204 -34.46 -3.97 7.21
CA GLY A 204 -33.85 -5.10 6.55
C GLY A 204 -32.84 -4.66 5.51
N LEU A 205 -31.98 -5.61 5.14
CA LEU A 205 -31.03 -5.37 4.07
C LEU A 205 -31.74 -5.14 2.75
N MET A 206 -32.74 -5.96 2.45
CA MET A 206 -33.61 -5.79 1.29
C MET A 206 -34.98 -5.40 1.83
N ASN A 207 -35.18 -4.11 2.06
CA ASN A 207 -36.28 -3.64 2.89
C ASN A 207 -37.63 -3.90 2.22
N VAL A 208 -38.55 -4.47 2.99
CA VAL A 208 -39.96 -4.57 2.61
C VAL A 208 -40.76 -3.84 3.66
N ASP A 209 -41.67 -2.96 3.22
CA ASP A 209 -42.33 -2.07 4.15
C ASP A 209 -43.84 -2.08 3.98
N PHE A 210 -44.52 -1.12 4.60
CA PHE A 210 -45.98 -1.07 4.54
C PHE A 210 -46.50 -0.93 3.12
N ALA A 211 -45.73 -0.28 2.24
CA ALA A 211 -46.18 -0.12 0.86
C ALA A 211 -46.27 -1.45 0.15
N ASP A 212 -45.31 -2.34 0.40
CA ASP A 212 -45.37 -3.68 -0.16
C ASP A 212 -46.58 -4.44 0.34
N VAL A 213 -46.89 -4.29 1.64
CA VAL A 213 -48.09 -4.90 2.20
C VAL A 213 -49.33 -4.38 1.50
N ARG A 214 -49.39 -3.06 1.29
CA ARG A 214 -50.55 -2.47 0.63
C ARG A 214 -50.69 -2.96 -0.81
N THR A 215 -49.57 -3.08 -1.52
CA THR A 215 -49.63 -3.47 -2.93
C THR A 215 -49.86 -4.97 -3.12
N VAL A 216 -49.57 -5.79 -2.11
CA VAL A 216 -49.90 -7.21 -2.24
C VAL A 216 -51.31 -7.52 -1.79
N MET A 217 -51.88 -6.72 -0.89
CA MET A 217 -53.26 -6.90 -0.46
C MET A 217 -54.19 -5.90 -1.10
N SER A 218 -53.79 -5.30 -2.20
CA SER A 218 -54.62 -4.39 -2.98
C SER A 218 -55.67 -5.10 -3.77
N GLU A 219 -55.86 -6.40 -3.60
CA GLU A 219 -56.87 -7.14 -4.35
C GLU A 219 -57.59 -8.11 -3.43
N MET A 220 -58.91 -8.09 -3.50
CA MET A 220 -59.73 -8.91 -2.62
C MET A 220 -59.49 -10.39 -2.89
N GLY A 221 -59.49 -11.19 -1.83
CA GLY A 221 -59.39 -12.62 -1.96
C GLY A 221 -59.01 -13.26 -0.65
N TYR A 222 -58.98 -14.59 -0.67
CA TYR A 222 -58.48 -15.34 0.47
C TYR A 222 -56.99 -15.10 0.65
N ALA A 223 -56.51 -15.36 1.86
CA ALA A 223 -55.11 -15.11 2.15
C ALA A 223 -54.62 -16.12 3.18
N MET A 224 -53.30 -16.30 3.20
CA MET A 224 -52.65 -17.07 4.25
C MET A 224 -51.46 -16.27 4.75
N MET A 225 -51.29 -16.26 6.07
CA MET A 225 -50.23 -15.51 6.71
C MET A 225 -49.66 -16.35 7.84
N GLY A 226 -48.35 -16.36 7.97
CA GLY A 226 -47.72 -17.13 9.02
C GLY A 226 -46.22 -17.00 8.93
N SER A 227 -45.55 -17.67 9.86
CA SER A 227 -44.10 -17.62 9.93
C SER A 227 -43.56 -19.00 10.28
N GLY A 228 -42.31 -19.23 9.91
CA GLY A 228 -41.63 -20.46 10.24
C GLY A 228 -40.26 -20.18 10.80
N VAL A 229 -39.78 -21.04 11.69
CA VAL A 229 -38.49 -20.88 12.34
C VAL A 229 -37.78 -22.23 12.36
N ALA A 230 -36.48 -22.21 12.07
CA ALA A 230 -35.70 -23.45 12.08
C ALA A 230 -34.25 -23.15 12.42
N SER A 231 -33.52 -24.21 12.75
CA SER A 231 -32.09 -24.15 13.02
C SER A 231 -31.43 -25.36 12.38
N GLY A 232 -30.11 -25.42 12.47
CA GLY A 232 -29.40 -26.57 11.98
C GLY A 232 -28.99 -26.44 10.53
N GLU A 233 -28.65 -27.58 9.94
CA GLU A 233 -28.14 -27.59 8.57
C GLU A 233 -29.22 -27.23 7.57
N ASP A 234 -30.43 -27.75 7.75
CA ASP A 234 -31.54 -27.54 6.81
C ASP A 234 -32.49 -26.46 7.30
N ARG A 235 -31.96 -25.42 7.95
CA ARG A 235 -32.83 -24.42 8.55
C ARG A 235 -33.63 -23.66 7.50
N ALA A 236 -33.02 -23.38 6.34
CA ALA A 236 -33.71 -22.61 5.32
C ALA A 236 -34.92 -23.37 4.79
N GLU A 237 -34.72 -24.61 4.37
CA GLU A 237 -35.82 -25.39 3.81
C GLU A 237 -36.91 -25.64 4.85
N GLU A 238 -36.52 -25.99 6.07
CA GLU A 238 -37.50 -26.27 7.11
C GLU A 238 -38.31 -25.02 7.44
N ALA A 239 -37.65 -23.87 7.58
CA ALA A 239 -38.38 -22.65 7.89
C ALA A 239 -39.31 -22.27 6.76
N ALA A 240 -38.85 -22.39 5.51
CA ALA A 240 -39.68 -22.03 4.37
C ALA A 240 -40.91 -22.92 4.29
N GLU A 241 -40.74 -24.23 4.50
CA GLU A 241 -41.89 -25.12 4.45
C GLU A 241 -42.83 -24.93 5.63
N MET A 242 -42.29 -24.56 6.80
CA MET A 242 -43.16 -24.23 7.93
C MET A 242 -43.97 -22.98 7.64
N ALA A 243 -43.38 -21.99 6.97
CA ALA A 243 -44.08 -20.74 6.73
C ALA A 243 -45.30 -20.93 5.85
N ILE A 244 -45.20 -21.79 4.84
CA ILE A 244 -46.27 -21.97 3.87
C ILE A 244 -47.11 -23.21 4.17
N SER A 245 -47.08 -23.69 5.42
CA SER A 245 -47.90 -24.82 5.84
C SER A 245 -49.03 -24.30 6.72
N SER A 246 -50.26 -24.62 6.34
CA SER A 246 -51.46 -24.19 7.06
C SER A 246 -52.34 -25.41 7.30
N PRO A 247 -52.02 -26.22 8.31
CA PRO A 247 -52.83 -27.42 8.56
C PRO A 247 -54.28 -27.11 8.89
N LEU A 248 -54.53 -26.00 9.60
CA LEU A 248 -55.86 -25.70 10.09
C LEU A 248 -56.66 -24.82 9.14
N LEU A 249 -56.04 -24.27 8.10
CA LEU A 249 -56.77 -23.42 7.18
C LEU A 249 -57.63 -24.26 6.25
N GLU A 250 -58.59 -23.62 5.62
CA GLU A 250 -59.42 -24.31 4.64
C GLU A 250 -58.57 -24.72 3.46
N ASP A 251 -59.00 -25.77 2.77
CA ASP A 251 -58.24 -26.29 1.64
C ASP A 251 -57.97 -25.16 0.66
N ILE A 252 -56.69 -24.78 0.53
CA ILE A 252 -56.31 -23.55 -0.14
C ILE A 252 -55.27 -23.89 -1.21
N ASP A 253 -55.35 -23.18 -2.33
CA ASP A 253 -54.44 -23.39 -3.45
C ASP A 253 -53.50 -22.20 -3.52
N LEU A 254 -52.26 -22.41 -3.07
CA LEU A 254 -51.29 -21.31 -3.08
C LEU A 254 -50.94 -20.88 -4.48
N SER A 255 -51.05 -21.78 -5.47
CA SER A 255 -50.72 -21.42 -6.84
C SER A 255 -51.64 -20.33 -7.37
N GLY A 256 -52.84 -20.19 -6.82
CA GLY A 256 -53.76 -19.16 -7.23
C GLY A 256 -53.52 -17.80 -6.61
N ALA A 257 -52.51 -17.67 -5.74
CA ALA A 257 -52.22 -16.39 -5.12
C ALA A 257 -51.71 -15.40 -6.15
N ARG A 258 -52.19 -14.18 -6.07
CA ARG A 258 -51.77 -13.12 -6.97
C ARG A 258 -50.81 -12.13 -6.31
N GLY A 259 -50.42 -12.38 -5.07
CA GLY A 259 -49.43 -11.54 -4.41
C GLY A 259 -48.74 -12.32 -3.31
N VAL A 260 -47.41 -12.34 -3.34
CA VAL A 260 -46.62 -13.08 -2.35
C VAL A 260 -45.60 -12.12 -1.76
N LEU A 261 -45.52 -12.11 -0.43
CA LEU A 261 -44.59 -11.24 0.28
C LEU A 261 -43.81 -12.10 1.27
N VAL A 262 -42.49 -12.12 1.12
CA VAL A 262 -41.62 -13.00 1.90
C VAL A 262 -40.56 -12.15 2.58
N ASN A 263 -40.29 -12.46 3.85
CA ASN A 263 -39.23 -11.83 4.61
C ASN A 263 -38.39 -12.90 5.27
N ILE A 264 -37.09 -12.87 5.04
CA ILE A 264 -36.14 -13.81 5.64
C ILE A 264 -35.35 -13.05 6.70
N THR A 265 -35.35 -13.58 7.92
CA THR A 265 -34.61 -12.99 9.02
C THR A 265 -33.63 -14.02 9.58
N ALA A 266 -32.39 -13.62 9.76
CA ALA A 266 -31.35 -14.51 10.29
C ALA A 266 -30.18 -13.67 10.75
N GLY A 267 -29.12 -14.32 11.19
CA GLY A 267 -27.90 -13.64 11.54
C GLY A 267 -27.04 -13.36 10.33
N PHE A 268 -25.91 -12.70 10.57
CA PHE A 268 -25.06 -12.27 9.48
C PHE A 268 -24.42 -13.42 8.72
N ASP A 269 -24.50 -14.64 9.25
CA ASP A 269 -23.94 -15.81 8.59
C ASP A 269 -24.91 -16.43 7.60
N LEU A 270 -26.04 -15.77 7.33
CA LEU A 270 -26.97 -16.25 6.33
C LEU A 270 -26.26 -16.50 5.01
N ARG A 271 -26.22 -17.75 4.59
CA ARG A 271 -25.52 -18.07 3.36
C ARG A 271 -26.39 -17.76 2.15
N LEU A 272 -25.74 -17.61 1.00
CA LEU A 272 -26.46 -17.29 -0.22
C LEU A 272 -27.32 -18.46 -0.69
N ASP A 273 -26.86 -19.69 -0.46
CA ASP A 273 -27.67 -20.85 -0.86
C ASP A 273 -28.93 -20.97 -0.02
N GLU A 274 -28.90 -20.52 1.23
CA GLU A 274 -30.11 -20.53 2.04
C GLU A 274 -31.14 -19.53 1.51
N PHE A 275 -30.69 -18.34 1.16
CA PHE A 275 -31.56 -17.36 0.53
C PHE A 275 -32.14 -17.92 -0.77
N GLU A 276 -31.30 -18.58 -1.56
CA GLU A 276 -31.77 -19.18 -2.81
C GLU A 276 -32.80 -20.27 -2.55
N THR A 277 -32.60 -21.10 -1.52
CA THR A 277 -33.55 -22.17 -1.25
C THR A 277 -34.88 -21.63 -0.79
N VAL A 278 -34.88 -20.58 0.03
CA VAL A 278 -36.13 -19.95 0.41
C VAL A 278 -36.83 -19.37 -0.82
N GLY A 279 -36.06 -18.71 -1.69
CA GLY A 279 -36.65 -18.17 -2.90
C GLY A 279 -37.22 -19.22 -3.82
N ASN A 280 -36.56 -20.38 -3.90
CA ASN A 280 -37.05 -21.47 -4.73
C ASN A 280 -38.29 -22.10 -4.13
N THR A 281 -38.36 -22.19 -2.80
CA THR A 281 -39.58 -22.65 -2.16
C THR A 281 -40.74 -21.72 -2.48
N ILE A 282 -40.50 -20.41 -2.44
CA ILE A 282 -41.55 -19.45 -2.75
C ILE A 282 -41.94 -19.54 -4.22
N ARG A 283 -40.97 -19.70 -5.11
CA ARG A 283 -41.26 -19.79 -6.53
C ARG A 283 -41.96 -21.08 -6.90
N ALA A 284 -41.93 -22.09 -6.02
CA ALA A 284 -42.55 -23.37 -6.33
C ALA A 284 -44.05 -23.23 -6.56
N PHE A 285 -44.70 -22.25 -5.92
CA PHE A 285 -46.13 -22.07 -6.08
C PHE A 285 -46.52 -20.73 -6.68
N ALA A 286 -45.65 -19.73 -6.65
CA ALA A 286 -46.00 -18.42 -7.16
C ALA A 286 -46.27 -18.47 -8.66
N SER A 287 -47.35 -17.82 -9.08
CA SER A 287 -47.72 -17.79 -10.48
C SER A 287 -46.95 -16.71 -11.23
N ASP A 288 -47.03 -16.76 -12.55
CA ASP A 288 -46.28 -15.82 -13.38
C ASP A 288 -46.84 -14.41 -13.37
N ASN A 289 -48.11 -14.24 -12.99
CA ASN A 289 -48.73 -12.93 -12.93
C ASN A 289 -48.80 -12.36 -11.52
N ALA A 290 -48.27 -13.08 -10.54
CA ALA A 290 -48.28 -12.62 -9.16
C ALA A 290 -47.11 -11.69 -8.89
N THR A 291 -47.34 -10.72 -8.01
CA THR A 291 -46.30 -9.79 -7.60
C THR A 291 -45.58 -10.38 -6.40
N VAL A 292 -44.37 -10.87 -6.62
CA VAL A 292 -43.58 -11.51 -5.57
C VAL A 292 -42.54 -10.51 -5.10
N VAL A 293 -42.49 -10.27 -3.79
CA VAL A 293 -41.50 -9.39 -3.19
C VAL A 293 -40.77 -10.18 -2.10
N ILE A 294 -39.46 -10.28 -2.23
CA ILE A 294 -38.62 -11.03 -1.30
C ILE A 294 -37.79 -10.04 -0.51
N GLY A 295 -37.85 -10.15 0.81
CA GLY A 295 -37.11 -9.26 1.69
C GLY A 295 -36.18 -10.06 2.59
N THR A 296 -35.11 -9.41 3.03
CA THR A 296 -34.13 -10.01 3.91
C THR A 296 -33.81 -9.04 5.03
N SER A 297 -33.59 -9.57 6.23
CA SER A 297 -33.28 -8.77 7.41
C SER A 297 -32.24 -9.52 8.24
N LEU A 298 -30.97 -9.21 8.02
CA LEU A 298 -29.90 -9.82 8.81
C LEU A 298 -29.86 -9.15 10.17
N ASP A 299 -30.00 -9.94 11.23
CA ASP A 299 -30.13 -9.42 12.59
C ASP A 299 -29.12 -10.09 13.49
N PRO A 300 -28.25 -9.34 14.17
CA PRO A 300 -27.34 -9.97 15.14
C PRO A 300 -28.07 -10.61 16.31
N ASP A 301 -29.31 -10.21 16.60
CA ASP A 301 -30.05 -10.84 17.68
C ASP A 301 -30.30 -12.31 17.41
N MET A 302 -30.69 -12.65 16.18
CA MET A 302 -30.93 -14.03 15.81
C MET A 302 -29.60 -14.78 15.84
N ASN A 303 -29.41 -15.68 16.80
CA ASN A 303 -28.09 -16.28 16.99
C ASN A 303 -27.77 -17.26 15.87
N ASP A 304 -28.52 -18.35 15.80
CA ASP A 304 -28.30 -19.38 14.78
C ASP A 304 -29.63 -19.78 14.16
N GLU A 305 -30.63 -18.94 14.31
CA GLU A 305 -32.00 -19.22 13.91
C GLU A 305 -32.29 -18.56 12.58
N LEU A 306 -33.21 -19.13 11.82
CA LEU A 306 -33.66 -18.55 10.56
C LEU A 306 -35.19 -18.51 10.58
N ARG A 307 -35.75 -17.31 10.39
CA ARG A 307 -37.19 -17.14 10.37
C ARG A 307 -37.64 -16.69 8.98
N VAL A 308 -38.71 -17.30 8.50
CA VAL A 308 -39.29 -16.96 7.20
C VAL A 308 -40.75 -16.61 7.40
N THR A 309 -41.14 -15.42 6.96
CA THR A 309 -42.51 -14.94 7.06
C THR A 309 -43.08 -14.79 5.65
N VAL A 310 -44.22 -15.44 5.40
CA VAL A 310 -44.83 -15.45 4.08
C VAL A 310 -46.25 -14.91 4.19
N VAL A 311 -46.58 -13.95 3.33
CA VAL A 311 -47.93 -13.41 3.23
C VAL A 311 -48.38 -13.60 1.78
N ALA A 312 -49.43 -14.39 1.59
CA ALA A 312 -49.96 -14.67 0.25
C ALA A 312 -51.43 -14.28 0.21
N THR A 313 -51.81 -13.47 -0.76
CA THR A 313 -53.17 -12.97 -0.87
C THR A 313 -53.71 -13.25 -2.27
N GLY A 314 -54.95 -12.84 -2.49
CA GLY A 314 -55.59 -12.95 -3.79
C GLY A 314 -56.04 -14.34 -4.17
N ILE A 315 -56.00 -15.28 -3.24
CA ILE A 315 -56.33 -16.67 -3.56
C ILE A 315 -57.82 -16.81 -3.76
N GLY A 316 -58.21 -17.53 -4.81
CA GLY A 316 -59.60 -17.85 -5.05
C GLY A 316 -60.50 -16.66 -5.29
N MET B 1 5.00 32.60 -1.23
CA MET B 1 5.61 31.35 -0.79
C MET B 1 5.92 30.47 -2.00
N PHE B 2 7.10 29.84 -1.99
CA PHE B 2 7.52 28.97 -3.08
C PHE B 2 6.89 27.61 -2.89
N GLU B 3 5.98 27.24 -3.79
CA GLU B 3 5.26 25.99 -3.58
C GLU B 3 5.60 24.98 -4.68
N PRO B 4 5.72 23.70 -4.32
CA PRO B 4 5.91 22.68 -5.34
C PRO B 4 4.67 22.53 -6.19
N MET B 5 4.86 22.07 -7.42
CA MET B 5 3.75 21.96 -8.35
C MET B 5 2.81 20.84 -7.95
N GLU B 6 1.54 20.99 -8.33
CA GLU B 6 0.51 19.97 -8.15
C GLU B 6 0.18 19.40 -9.53
N LEU B 7 0.58 18.15 -9.77
CA LEU B 7 0.40 17.51 -11.05
C LEU B 7 -0.86 16.67 -11.11
N THR B 8 -1.82 16.91 -10.23
CA THR B 8 -3.06 16.16 -10.16
C THR B 8 -4.20 16.98 -10.76
N ASN B 9 -4.93 16.38 -11.70
CA ASN B 9 -6.07 17.05 -12.29
C ASN B 9 -7.19 17.19 -11.27
N ASP B 10 -8.24 17.89 -11.66
CA ASP B 10 -9.44 18.05 -10.85
C ASP B 10 -10.62 17.41 -11.55
N ALA B 11 -11.35 16.57 -10.84
CA ALA B 11 -12.50 15.88 -11.41
C ALA B 11 -13.64 15.86 -10.41
N VAL B 12 -14.86 16.02 -10.90
CA VAL B 12 -16.07 15.89 -10.10
C VAL B 12 -16.77 14.62 -10.57
N ILE B 13 -16.81 13.61 -9.70
CA ILE B 13 -17.46 12.34 -9.98
C ILE B 13 -18.45 12.07 -8.86
N LYS B 14 -19.68 11.73 -9.24
CA LYS B 14 -20.76 11.51 -8.29
C LYS B 14 -21.29 10.09 -8.45
N VAL B 15 -21.48 9.40 -7.33
CA VAL B 15 -22.08 8.07 -7.33
C VAL B 15 -23.39 8.16 -6.55
N ILE B 16 -24.49 7.81 -7.22
CA ILE B 16 -25.82 7.93 -6.65
C ILE B 16 -26.41 6.55 -6.49
N GLY B 17 -26.85 6.22 -5.27
CA GLY B 17 -27.54 4.97 -5.05
C GLY B 17 -29.03 5.14 -4.98
N VAL B 18 -29.74 4.78 -6.05
CA VAL B 18 -31.17 5.00 -6.16
C VAL B 18 -31.89 3.73 -5.74
N GLY B 19 -32.70 3.81 -4.69
CA GLY B 19 -33.38 2.65 -4.17
C GLY B 19 -32.51 1.87 -3.21
N GLY B 20 -33.08 0.77 -2.72
CA GLY B 20 -32.38 -0.04 -1.73
C GLY B 20 -31.12 -0.68 -2.26
N GLY B 21 -31.19 -1.28 -3.45
CA GLY B 21 -30.01 -1.94 -4.01
C GLY B 21 -28.90 -0.96 -4.31
N GLY B 22 -29.25 0.18 -4.92
CA GLY B 22 -28.24 1.18 -5.19
C GLY B 22 -27.63 1.75 -3.93
N GLY B 23 -28.45 2.01 -2.91
CA GLY B 23 -27.92 2.46 -1.65
C GLY B 23 -26.97 1.47 -1.03
N ASN B 24 -27.30 0.18 -1.12
CA ASN B 24 -26.38 -0.86 -0.63
C ASN B 24 -25.06 -0.81 -1.38
N ALA B 25 -25.12 -0.72 -2.71
CA ALA B 25 -23.90 -0.71 -3.50
C ALA B 25 -23.03 0.50 -3.18
N VAL B 26 -23.65 1.65 -2.96
CA VAL B 26 -22.89 2.87 -2.65
C VAL B 26 -22.29 2.78 -1.25
N GLU B 27 -23.07 2.33 -0.27
CA GLU B 27 -22.53 2.23 1.07
C GLU B 27 -21.44 1.18 1.17
N HIS B 28 -21.40 0.22 0.26
CA HIS B 28 -20.23 -0.65 0.19
C HIS B 28 -18.96 0.15 -0.02
N MET B 29 -18.96 1.03 -1.04
CA MET B 29 -17.80 1.89 -1.28
C MET B 29 -17.54 2.82 -0.11
N VAL B 30 -18.60 3.33 0.52
CA VAL B 30 -18.42 4.21 1.67
C VAL B 30 -17.67 3.49 2.78
N ARG B 31 -18.08 2.27 3.11
CA ARG B 31 -17.40 1.49 4.13
C ARG B 31 -15.99 1.09 3.71
N GLU B 32 -15.73 0.96 2.41
CA GLU B 32 -14.39 0.62 1.95
C GLU B 32 -13.46 1.82 1.83
N ARG B 33 -13.94 3.03 2.13
CA ARG B 33 -13.11 4.23 2.21
C ARG B 33 -12.40 4.52 0.89
N ILE B 34 -13.19 4.84 -0.13
CA ILE B 34 -12.66 5.32 -1.40
C ILE B 34 -12.71 6.85 -1.41
N GLU B 35 -11.56 7.47 -1.67
CA GLU B 35 -11.41 8.91 -1.58
C GLU B 35 -11.69 9.60 -2.91
N GLY B 36 -11.91 10.90 -2.85
CA GLY B 36 -12.03 11.72 -4.02
C GLY B 36 -13.34 11.61 -4.78
N VAL B 37 -14.38 11.03 -4.16
CA VAL B 37 -15.63 10.76 -4.83
C VAL B 37 -16.77 11.18 -3.90
N GLU B 38 -17.80 11.80 -4.48
CA GLU B 38 -18.99 12.19 -3.72
C GLU B 38 -20.00 11.05 -3.69
N PHE B 39 -20.60 10.83 -2.53
CA PHE B 39 -21.53 9.73 -2.30
C PHE B 39 -22.93 10.25 -2.04
N PHE B 40 -23.93 9.58 -2.61
CA PHE B 40 -25.33 9.98 -2.44
C PHE B 40 -26.20 8.74 -2.28
N ALA B 41 -27.36 8.94 -1.68
CA ALA B 41 -28.38 7.90 -1.56
C ALA B 41 -29.74 8.53 -1.82
N VAL B 42 -30.38 8.14 -2.92
CA VAL B 42 -31.69 8.66 -3.32
C VAL B 42 -32.70 7.54 -3.15
N ASN B 43 -33.76 7.81 -2.41
CA ASN B 43 -34.72 6.76 -2.10
C ASN B 43 -36.07 7.37 -1.76
N THR B 44 -37.09 6.52 -1.75
CA THR B 44 -38.39 6.89 -1.23
C THR B 44 -38.59 6.39 0.20
N ASP B 45 -37.83 5.40 0.64
CA ASP B 45 -38.01 4.77 1.94
C ASP B 45 -37.15 5.49 2.96
N ALA B 46 -37.80 6.18 3.89
CA ALA B 46 -37.06 6.92 4.91
C ALA B 46 -36.25 5.99 5.80
N GLN B 47 -36.79 4.82 6.12
CA GLN B 47 -36.08 3.88 6.98
C GLN B 47 -34.77 3.43 6.36
N ALA B 48 -34.79 3.11 5.05
CA ALA B 48 -33.57 2.70 4.39
C ALA B 48 -32.57 3.84 4.30
N LEU B 49 -33.04 5.06 4.09
CA LEU B 49 -32.14 6.22 4.07
C LEU B 49 -31.47 6.42 5.43
N ARG B 50 -32.23 6.28 6.51
CA ARG B 50 -31.66 6.44 7.84
C ARG B 50 -30.79 5.27 8.23
N LYS B 51 -30.98 4.09 7.60
CA LYS B 51 -30.11 2.95 7.89
C LYS B 51 -28.73 3.11 7.26
N THR B 52 -28.66 3.56 6.01
CA THR B 52 -27.44 3.46 5.24
C THR B 52 -26.34 4.32 5.85
N ALA B 53 -25.09 3.84 5.71
CA ALA B 53 -23.94 4.64 6.05
C ALA B 53 -23.63 5.70 5.01
N VAL B 54 -24.32 5.69 3.87
CA VAL B 54 -24.16 6.76 2.90
C VAL B 54 -24.50 8.09 3.55
N GLY B 55 -23.60 9.05 3.43
CA GLY B 55 -23.77 10.29 4.13
C GLY B 55 -24.87 11.20 3.65
N GLN B 56 -24.69 11.79 2.48
CA GLN B 56 -25.72 12.69 1.94
C GLN B 56 -26.86 11.85 1.37
N THR B 57 -28.08 12.19 1.77
CA THR B 57 -29.27 11.49 1.34
C THR B 57 -30.25 12.47 0.73
N ILE B 58 -31.06 11.98 -0.21
CA ILE B 58 -32.06 12.78 -0.91
C ILE B 58 -33.36 11.97 -0.92
N GLN B 59 -34.23 12.24 0.04
CA GLN B 59 -35.52 11.54 0.12
C GLN B 59 -36.44 12.11 -0.94
N ILE B 60 -36.77 11.31 -1.94
CA ILE B 60 -37.63 11.74 -3.03
C ILE B 60 -39.05 11.30 -2.76
N GLY B 61 -39.99 12.03 -3.32
CA GLY B 61 -41.40 11.65 -3.25
C GLY B 61 -41.96 11.58 -1.85
N SER B 62 -41.57 12.51 -0.98
CA SER B 62 -42.11 12.53 0.37
C SER B 62 -43.59 12.90 0.40
N GLY B 63 -44.09 13.51 -0.67
CA GLY B 63 -45.49 13.87 -0.77
C GLY B 63 -46.37 12.90 -1.50
N ILE B 64 -45.83 11.77 -1.97
CA ILE B 64 -46.64 10.79 -2.68
C ILE B 64 -46.59 9.46 -1.94
N THR B 65 -45.51 9.21 -1.20
CA THR B 65 -45.37 7.98 -0.43
C THR B 65 -45.28 8.21 1.06
N LYS B 66 -45.13 9.45 1.51
CA LYS B 66 -45.11 9.78 2.93
C LYS B 66 -44.00 9.03 3.67
N GLY B 67 -42.88 8.83 2.99
CA GLY B 67 -41.73 8.17 3.60
C GLY B 67 -41.71 6.67 3.51
N LEU B 68 -42.57 6.07 2.69
CA LEU B 68 -42.59 4.63 2.47
C LEU B 68 -42.02 4.31 1.10
N GLY B 69 -41.74 3.04 0.88
CA GLY B 69 -41.20 2.61 -0.39
C GLY B 69 -42.23 2.72 -1.49
N ALA B 70 -41.78 2.51 -2.72
CA ALA B 70 -42.69 2.58 -3.85
C ALA B 70 -43.59 1.36 -3.97
N GLY B 71 -43.33 0.31 -3.21
CA GLY B 71 -44.17 -0.86 -3.24
C GLY B 71 -44.16 -1.59 -4.57
N ALA B 72 -42.98 -1.76 -5.17
CA ALA B 72 -42.82 -2.52 -6.40
C ALA B 72 -43.61 -1.91 -7.56
N ASN B 73 -43.82 -0.60 -7.53
CA ASN B 73 -44.53 0.08 -8.59
C ASN B 73 -43.60 1.04 -9.32
N PRO B 74 -43.18 0.73 -10.56
CA PRO B 74 -42.29 1.66 -11.27
C PRO B 74 -42.91 3.02 -11.50
N GLU B 75 -44.23 3.08 -11.69
CA GLU B 75 -44.88 4.36 -11.91
C GLU B 75 -44.78 5.25 -10.68
N VAL B 76 -44.93 4.66 -9.49
CA VAL B 76 -44.80 5.44 -8.26
C VAL B 76 -43.38 5.98 -8.13
N GLY B 77 -42.38 5.17 -8.48
CA GLY B 77 -41.01 5.66 -8.44
C GLY B 77 -40.77 6.80 -9.41
N ARG B 78 -41.29 6.67 -10.63
CA ARG B 78 -41.12 7.75 -11.60
C ARG B 78 -41.80 9.03 -11.14
N ASN B 79 -43.00 8.92 -10.57
CA ASN B 79 -43.69 10.09 -10.07
C ASN B 79 -42.95 10.72 -8.90
N ALA B 80 -42.42 9.90 -8.00
CA ALA B 80 -41.67 10.42 -6.87
C ALA B 80 -40.38 11.08 -7.31
N ALA B 81 -39.78 10.59 -8.40
CA ALA B 81 -38.59 11.25 -8.93
C ALA B 81 -38.94 12.57 -9.59
N ASP B 82 -40.04 12.59 -10.36
CA ASP B 82 -40.45 13.81 -11.02
C ASP B 82 -40.86 14.89 -10.02
N GLU B 83 -41.39 14.49 -8.87
CA GLU B 83 -41.79 15.47 -7.88
C GLU B 83 -40.59 16.24 -7.34
N ASP B 84 -39.48 15.56 -7.08
CA ASP B 84 -38.32 16.16 -6.44
C ASP B 84 -37.14 16.29 -7.39
N ARG B 85 -37.43 16.63 -8.65
CA ARG B 85 -36.37 16.78 -9.64
C ARG B 85 -35.40 17.89 -9.29
N GLU B 86 -35.89 18.93 -8.60
CA GLU B 86 -35.01 20.06 -8.27
C GLU B 86 -33.93 19.65 -7.28
N ALA B 87 -34.26 18.80 -6.31
CA ALA B 87 -33.24 18.34 -5.37
C ALA B 87 -32.17 17.52 -6.08
N LEU B 88 -32.59 16.65 -6.99
CA LEU B 88 -31.63 15.88 -7.78
C LEU B 88 -30.75 16.80 -8.60
N ARG B 89 -31.34 17.79 -9.26
CA ARG B 89 -30.56 18.71 -10.06
C ARG B 89 -29.56 19.48 -9.21
N ALA B 90 -30.00 19.96 -8.05
CA ALA B 90 -29.13 20.73 -7.19
C ALA B 90 -27.97 19.89 -6.67
N ALA B 91 -28.24 18.66 -6.26
CA ALA B 91 -27.18 17.82 -5.73
C ALA B 91 -26.25 17.31 -6.81
N LEU B 92 -26.75 17.16 -8.03
CA LEU B 92 -26.01 16.58 -9.14
C LEU B 92 -25.38 17.64 -10.04
N ASP B 93 -25.63 18.92 -9.77
CA ASP B 93 -25.10 19.98 -10.62
C ASP B 93 -23.59 20.14 -10.43
N GLY B 94 -22.95 20.64 -11.47
CA GLY B 94 -21.50 20.85 -11.45
C GLY B 94 -20.70 19.59 -11.37
N ALA B 95 -21.04 18.57 -12.15
CA ALA B 95 -20.37 17.28 -12.11
C ALA B 95 -19.85 16.93 -13.50
N ASP B 96 -18.64 16.38 -13.53
CA ASP B 96 -18.07 15.93 -14.80
C ASP B 96 -18.71 14.63 -15.27
N MET B 97 -18.93 13.70 -14.36
CA MET B 97 -19.48 12.40 -14.72
C MET B 97 -20.08 11.76 -13.49
N VAL B 98 -21.25 11.14 -13.65
CA VAL B 98 -21.96 10.52 -12.54
C VAL B 98 -21.99 9.01 -12.75
N PHE B 99 -22.12 8.29 -11.64
CA PHE B 99 -22.24 6.84 -11.66
C PHE B 99 -23.51 6.47 -10.90
N ILE B 100 -24.56 6.13 -11.62
CA ILE B 100 -25.86 5.83 -11.02
C ILE B 100 -25.95 4.34 -10.74
N ALA B 101 -26.18 3.98 -9.48
CA ALA B 101 -26.28 2.59 -9.06
C ALA B 101 -27.71 2.32 -8.61
N ALA B 102 -28.30 1.25 -9.14
CA ALA B 102 -29.68 0.94 -8.82
C ALA B 102 -29.97 -0.53 -9.12
N GLY B 103 -30.43 -1.26 -8.10
CA GLY B 103 -30.89 -2.61 -8.31
C GLY B 103 -32.29 -2.60 -8.89
N MET B 104 -32.44 -3.16 -10.08
CA MET B 104 -33.64 -2.90 -10.87
C MET B 104 -34.60 -4.07 -10.80
N GLY B 105 -35.89 -3.75 -10.85
CA GLY B 105 -36.94 -4.75 -10.77
C GLY B 105 -38.07 -4.29 -9.88
N GLY B 106 -37.75 -3.44 -8.92
CA GLY B 106 -38.72 -2.92 -7.98
C GLY B 106 -39.39 -1.66 -8.47
N GLY B 107 -39.85 -0.85 -7.53
CA GLY B 107 -40.57 0.35 -7.88
C GLY B 107 -39.71 1.60 -7.88
N THR B 108 -38.92 1.79 -6.82
CA THR B 108 -38.13 3.02 -6.70
C THR B 108 -37.00 3.06 -7.72
N GLY B 109 -36.13 2.06 -7.69
CA GLY B 109 -34.98 2.08 -8.58
C GLY B 109 -35.38 2.02 -10.05
N THR B 110 -36.29 1.11 -10.39
CA THR B 110 -36.63 0.89 -11.80
C THR B 110 -37.21 2.14 -12.44
N GLY B 111 -38.11 2.82 -11.75
CA GLY B 111 -38.76 3.98 -12.32
C GLY B 111 -38.04 5.28 -12.05
N ALA B 112 -37.10 5.27 -11.11
CA ALA B 112 -36.42 6.50 -10.71
C ALA B 112 -35.05 6.67 -11.33
N ALA B 113 -34.36 5.59 -11.68
CA ALA B 113 -33.06 5.72 -12.33
C ALA B 113 -33.14 6.45 -13.66
N PRO B 114 -34.11 6.16 -14.56
CA PRO B 114 -34.19 6.95 -15.79
C PRO B 114 -34.39 8.43 -15.57
N VAL B 115 -35.10 8.83 -14.51
CA VAL B 115 -35.30 10.25 -14.27
C VAL B 115 -33.99 10.92 -13.84
N VAL B 116 -33.23 10.28 -12.96
CA VAL B 116 -31.93 10.82 -12.56
C VAL B 116 -30.99 10.87 -13.76
N ALA B 117 -31.04 9.84 -14.60
CA ALA B 117 -30.22 9.84 -15.81
C ALA B 117 -30.62 10.98 -16.73
N GLU B 118 -31.92 11.22 -16.87
CA GLU B 118 -32.39 12.32 -17.71
C GLU B 118 -31.93 13.66 -17.15
N VAL B 119 -31.99 13.82 -15.83
CA VAL B 119 -31.50 15.04 -15.22
C VAL B 119 -30.02 15.25 -15.53
N ALA B 120 -29.22 14.20 -15.37
CA ALA B 120 -27.80 14.32 -15.66
C ALA B 120 -27.54 14.63 -17.12
N LYS B 121 -28.28 13.99 -18.03
CA LYS B 121 -28.03 14.17 -19.45
C LYS B 121 -28.41 15.59 -19.90
N ASP B 122 -29.59 16.06 -19.51
CA ASP B 122 -29.98 17.40 -19.91
C ASP B 122 -29.15 18.46 -19.19
N LEU B 123 -28.55 18.11 -18.05
CA LEU B 123 -27.57 18.99 -17.45
C LEU B 123 -26.25 18.99 -18.23
N GLY B 124 -25.96 17.93 -18.97
CA GLY B 124 -24.75 17.86 -19.76
C GLY B 124 -23.63 17.17 -19.03
N ILE B 125 -23.93 16.03 -18.43
CA ILE B 125 -22.97 15.26 -17.64
C ILE B 125 -22.86 13.87 -18.23
N LEU B 126 -21.63 13.43 -18.48
CA LEU B 126 -21.41 12.05 -18.88
C LEU B 126 -21.93 11.12 -17.80
N THR B 127 -22.69 10.11 -18.19
CA THR B 127 -23.41 9.27 -17.24
C THR B 127 -23.06 7.81 -17.46
N VAL B 128 -22.77 7.10 -16.37
CA VAL B 128 -22.56 5.66 -16.38
C VAL B 128 -23.47 5.04 -15.33
N ALA B 129 -24.29 4.08 -15.75
CA ALA B 129 -25.27 3.45 -14.88
C ALA B 129 -24.89 1.99 -14.65
N VAL B 130 -24.78 1.62 -13.38
CA VAL B 130 -24.45 0.25 -12.97
C VAL B 130 -25.67 -0.32 -12.28
N VAL B 131 -26.31 -1.32 -12.90
CA VAL B 131 -27.57 -1.85 -12.41
C VAL B 131 -27.47 -3.37 -12.31
N THR B 132 -28.34 -3.94 -11.49
CA THR B 132 -28.41 -5.38 -11.29
C THR B 132 -29.80 -5.88 -11.66
N LYS B 133 -29.84 -7.00 -12.37
CA LYS B 133 -31.09 -7.66 -12.66
C LYS B 133 -31.61 -8.37 -11.41
N PRO B 134 -32.89 -8.71 -11.39
CA PRO B 134 -33.41 -9.52 -10.27
C PRO B 134 -32.95 -10.96 -10.37
N PHE B 135 -33.15 -11.69 -9.27
CA PHE B 135 -32.84 -13.11 -9.23
C PHE B 135 -33.83 -13.89 -10.08
N ASN B 136 -33.49 -15.15 -10.34
CA ASN B 136 -34.40 -16.00 -11.10
C ASN B 136 -35.69 -16.24 -10.30
N PHE B 137 -35.57 -16.51 -9.01
CA PHE B 137 -36.73 -16.91 -8.22
C PHE B 137 -37.63 -15.74 -7.85
N GLU B 138 -37.28 -14.51 -8.21
CA GLU B 138 -38.11 -13.38 -7.86
C GLU B 138 -39.31 -13.20 -8.77
N GLY B 139 -39.42 -14.00 -9.82
CA GLY B 139 -40.62 -14.03 -10.65
C GLY B 139 -40.36 -13.47 -12.04
N LYS B 140 -41.36 -13.70 -12.90
CA LYS B 140 -41.31 -13.17 -14.25
C LYS B 140 -41.68 -11.69 -14.29
N LYS B 141 -42.61 -11.27 -13.45
CA LYS B 141 -43.04 -9.87 -13.46
C LYS B 141 -41.93 -8.95 -12.98
N ARG B 142 -41.17 -9.38 -11.97
CA ARG B 142 -40.04 -8.57 -11.50
C ARG B 142 -39.01 -8.39 -12.60
N MET B 143 -38.69 -9.47 -13.32
CA MET B 143 -37.75 -9.37 -14.42
C MET B 143 -38.28 -8.49 -15.54
N ALA B 144 -39.58 -8.60 -15.83
CA ALA B 144 -40.16 -7.77 -16.89
C ALA B 144 -40.09 -6.29 -16.52
N PHE B 145 -40.38 -5.96 -15.27
CA PHE B 145 -40.27 -4.57 -14.84
C PHE B 145 -38.82 -4.09 -14.94
N ALA B 146 -37.87 -4.94 -14.54
CA ALA B 146 -36.48 -4.55 -14.64
C ALA B 146 -36.04 -4.33 -16.08
N GLU B 147 -36.49 -5.20 -16.99
CA GLU B 147 -36.10 -5.06 -18.39
C GLU B 147 -36.68 -3.79 -19.00
N GLN B 148 -37.96 -3.50 -18.72
CA GLN B 148 -38.54 -2.26 -19.20
C GLN B 148 -37.80 -1.05 -18.63
N GLY B 149 -37.43 -1.12 -17.35
CA GLY B 149 -36.68 -0.03 -16.75
C GLY B 149 -35.32 0.15 -17.39
N ILE B 150 -34.65 -0.94 -17.74
CA ILE B 150 -33.34 -0.84 -18.38
C ILE B 150 -33.48 -0.25 -19.77
N THR B 151 -34.55 -0.62 -20.48
CA THR B 151 -34.82 0.00 -21.77
C THR B 151 -35.01 1.50 -21.62
N GLU B 152 -35.76 1.92 -20.60
CA GLU B 152 -35.90 3.36 -20.35
C GLU B 152 -34.58 4.00 -19.97
N LEU B 153 -33.77 3.31 -19.17
CA LEU B 153 -32.51 3.86 -18.69
C LEU B 153 -31.51 4.04 -19.82
N SER B 154 -31.55 3.16 -20.82
CA SER B 154 -30.62 3.26 -21.94
C SER B 154 -30.80 4.55 -22.72
N LYS B 155 -31.94 5.21 -22.59
CA LYS B 155 -32.19 6.42 -23.35
C LYS B 155 -31.40 7.61 -22.85
N HIS B 156 -30.94 7.59 -21.59
CA HIS B 156 -30.33 8.77 -21.00
C HIS B 156 -28.95 8.50 -20.39
N VAL B 157 -28.33 7.37 -20.67
CA VAL B 157 -27.01 7.07 -20.14
C VAL B 157 -26.06 6.81 -21.30
N ASP B 158 -24.82 7.28 -21.15
CA ASP B 158 -23.83 7.08 -22.19
C ASP B 158 -23.30 5.66 -22.20
N SER B 159 -23.06 5.08 -21.02
CA SER B 159 -22.64 3.70 -20.92
C SER B 159 -23.36 3.03 -19.77
N LEU B 160 -23.76 1.77 -19.96
CA LEU B 160 -24.57 1.05 -18.99
C LEU B 160 -23.91 -0.28 -18.66
N ILE B 161 -23.79 -0.58 -17.37
CA ILE B 161 -23.24 -1.84 -16.89
C ILE B 161 -24.35 -2.62 -16.22
N THR B 162 -24.59 -3.84 -16.68
CA THR B 162 -25.63 -4.69 -16.15
C THR B 162 -25.02 -5.93 -15.51
N ILE B 163 -25.44 -6.22 -14.29
CA ILE B 163 -24.95 -7.36 -13.52
C ILE B 163 -26.14 -8.29 -13.27
N PRO B 164 -26.22 -9.41 -13.98
CA PRO B 164 -27.26 -10.39 -13.66
C PRO B 164 -27.06 -10.93 -12.26
N ASN B 165 -28.08 -10.77 -11.42
CA ASN B 165 -27.96 -11.21 -10.04
C ASN B 165 -27.95 -12.73 -9.93
N ASP B 166 -28.27 -13.44 -11.00
CA ASP B 166 -28.26 -14.90 -11.01
C ASP B 166 -26.88 -15.48 -11.21
N LYS B 167 -25.90 -14.68 -11.60
CA LYS B 167 -24.54 -15.18 -11.75
C LYS B 167 -23.82 -15.31 -10.43
N LEU B 168 -24.34 -14.69 -9.37
CA LEU B 168 -23.78 -14.89 -8.04
C LEU B 168 -23.92 -16.34 -7.61
N LEU B 169 -25.03 -16.98 -7.96
CA LEU B 169 -25.24 -18.38 -7.60
C LEU B 169 -24.31 -19.30 -8.37
N LYS B 170 -23.95 -18.92 -9.59
CA LYS B 170 -23.18 -19.80 -10.46
C LYS B 170 -21.68 -19.62 -10.32
N VAL B 171 -21.22 -18.41 -9.97
CA VAL B 171 -19.80 -18.10 -9.96
C VAL B 171 -19.19 -18.27 -8.57
N LEU B 172 -19.89 -17.80 -7.53
CA LEU B 172 -19.25 -17.65 -6.23
C LEU B 172 -19.05 -18.98 -5.51
N GLY B 173 -19.92 -19.94 -5.73
CA GLY B 173 -19.70 -21.23 -5.11
C GLY B 173 -20.49 -21.39 -3.81
N ARG B 174 -20.92 -22.61 -3.56
CA ARG B 174 -21.81 -22.87 -2.44
C ARG B 174 -21.09 -22.66 -1.11
N GLY B 175 -21.83 -22.18 -0.12
CA GLY B 175 -21.26 -21.85 1.17
C GLY B 175 -20.89 -20.40 1.32
N ILE B 176 -20.92 -19.63 0.25
CA ILE B 176 -20.61 -18.20 0.34
C ILE B 176 -21.72 -17.49 1.10
N SER B 177 -21.33 -16.55 1.95
CA SER B 177 -22.29 -15.79 2.72
C SER B 177 -23.05 -14.82 1.83
N LEU B 178 -24.24 -14.43 2.27
CA LEU B 178 -25.01 -13.44 1.52
C LEU B 178 -24.28 -12.11 1.47
N LEU B 179 -23.68 -11.71 2.58
CA LEU B 179 -22.95 -10.45 2.61
C LEU B 179 -21.79 -10.46 1.63
N ASP B 180 -21.02 -11.55 1.59
CA ASP B 180 -19.90 -11.64 0.67
C ASP B 180 -20.36 -11.78 -0.78
N ALA B 181 -21.46 -12.50 -1.01
CA ALA B 181 -21.99 -12.59 -2.36
C ALA B 181 -22.43 -11.23 -2.88
N PHE B 182 -23.06 -10.42 -2.04
CA PHE B 182 -23.44 -9.07 -2.44
C PHE B 182 -22.23 -8.17 -2.56
N GLY B 183 -21.22 -8.34 -1.71
CA GLY B 183 -20.00 -7.56 -1.83
C GLY B 183 -19.26 -7.83 -3.12
N ALA B 184 -19.31 -9.07 -3.60
CA ALA B 184 -18.72 -9.37 -4.89
C ALA B 184 -19.38 -8.57 -6.00
N ALA B 185 -20.70 -8.44 -5.96
CA ALA B 185 -21.40 -7.63 -6.95
C ALA B 185 -21.09 -6.16 -6.79
N ASN B 186 -21.01 -5.68 -5.54
CA ASN B 186 -20.69 -4.28 -5.30
C ASN B 186 -19.30 -3.90 -5.78
N ASP B 187 -18.38 -4.86 -5.77
CA ASP B 187 -17.02 -4.57 -6.22
C ASP B 187 -16.94 -4.21 -7.69
N VAL B 188 -17.93 -4.57 -8.50
CA VAL B 188 -17.92 -4.13 -9.90
C VAL B 188 -18.03 -2.61 -9.98
N LEU B 189 -19.02 -2.04 -9.30
CA LEU B 189 -19.16 -0.58 -9.27
C LEU B 189 -17.97 0.06 -8.57
N LYS B 190 -17.49 -0.53 -7.47
CA LYS B 190 -16.33 0.06 -6.80
C LYS B 190 -15.11 0.10 -7.71
N GLY B 191 -14.84 -1.00 -8.42
CA GLY B 191 -13.69 -1.02 -9.31
C GLY B 191 -13.83 -0.04 -10.46
N ALA B 192 -15.02 0.02 -11.05
CA ALA B 192 -15.25 0.99 -12.12
C ALA B 192 -14.98 2.41 -11.65
N VAL B 193 -15.56 2.79 -10.52
CA VAL B 193 -15.43 4.15 -10.03
C VAL B 193 -13.98 4.46 -9.69
N GLN B 194 -13.33 3.58 -8.92
CA GLN B 194 -11.96 3.85 -8.50
C GLN B 194 -10.99 3.87 -9.68
N GLY B 195 -11.16 2.96 -10.64
CA GLY B 195 -10.29 2.97 -11.80
C GLY B 195 -10.45 4.23 -12.62
N ILE B 196 -11.70 4.64 -12.87
CA ILE B 196 -11.91 5.84 -13.66
C ILE B 196 -11.34 7.06 -12.94
N ALA B 197 -11.53 7.15 -11.63
CA ALA B 197 -11.00 8.30 -10.90
C ALA B 197 -9.49 8.36 -10.97
N GLU B 198 -8.82 7.23 -10.73
CA GLU B 198 -7.36 7.20 -10.78
C GLU B 198 -6.86 7.53 -12.18
N LEU B 199 -7.57 7.06 -13.21
CA LEU B 199 -7.17 7.38 -14.57
C LEU B 199 -7.31 8.86 -14.85
N ILE B 200 -8.41 9.48 -14.41
CA ILE B 200 -8.65 10.88 -14.75
C ILE B 200 -7.68 11.80 -14.02
N THR B 201 -7.47 11.57 -12.72
CA THR B 201 -6.70 12.55 -11.95
C THR B 201 -5.19 12.40 -12.12
N ARG B 202 -4.66 11.25 -11.75
CA ARG B 202 -3.21 11.10 -11.67
C ARG B 202 -2.58 11.17 -13.05
N PRO B 203 -1.39 11.76 -13.17
CA PRO B 203 -0.77 11.95 -14.49
C PRO B 203 -0.15 10.68 -15.05
N GLY B 204 0.58 10.81 -16.16
CA GLY B 204 1.22 9.66 -16.75
C GLY B 204 2.24 10.07 -17.78
N LEU B 205 3.12 9.12 -18.11
CA LEU B 205 4.10 9.35 -19.16
C LEU B 205 3.42 9.52 -20.51
N MET B 206 2.46 8.67 -20.82
CA MET B 206 1.61 8.79 -22.02
C MET B 206 0.22 9.16 -21.50
N ASN B 207 -0.01 10.45 -21.31
CA ASN B 207 -1.13 10.90 -20.50
C ASN B 207 -2.45 10.61 -21.18
N VAL B 208 -3.38 10.05 -20.41
CA VAL B 208 -4.78 9.92 -20.80
C VAL B 208 -5.61 10.66 -19.78
N ASP B 209 -6.60 11.41 -20.24
CA ASP B 209 -7.31 12.32 -19.35
C ASP B 209 -8.80 12.27 -19.58
N PHE B 210 -9.53 13.25 -19.03
CA PHE B 210 -10.98 13.25 -19.12
C PHE B 210 -11.46 13.33 -20.56
N ALA B 211 -10.69 13.96 -21.45
CA ALA B 211 -11.10 14.06 -22.84
C ALA B 211 -11.13 12.69 -23.51
N ASP B 212 -10.14 11.85 -23.20
CA ASP B 212 -10.16 10.48 -23.71
C ASP B 212 -11.35 9.71 -23.18
N VAL B 213 -11.68 9.90 -21.90
CA VAL B 213 -12.85 9.25 -21.33
C VAL B 213 -14.12 9.70 -22.05
N ARG B 214 -14.22 11.00 -22.33
CA ARG B 214 -15.39 11.52 -23.04
C ARG B 214 -15.48 10.98 -24.46
N THR B 215 -14.36 10.88 -25.16
CA THR B 215 -14.40 10.42 -26.55
C THR B 215 -14.57 8.91 -26.66
N VAL B 216 -14.26 8.14 -25.62
CA VAL B 216 -14.56 6.72 -25.67
C VAL B 216 -15.98 6.42 -25.22
N MET B 217 -16.58 7.30 -24.42
CA MET B 217 -17.94 7.13 -23.97
C MET B 217 -18.95 7.90 -24.81
N SER B 218 -18.52 8.47 -25.94
CA SER B 218 -19.43 9.16 -26.84
C SER B 218 -20.35 8.21 -27.58
N GLU B 219 -20.11 6.91 -27.50
CA GLU B 219 -20.92 5.91 -28.17
C GLU B 219 -21.80 5.19 -27.17
N MET B 220 -23.10 5.22 -27.39
CA MET B 220 -24.03 4.57 -26.47
C MET B 220 -23.87 3.06 -26.55
N GLY B 221 -24.09 2.40 -25.43
CA GLY B 221 -24.07 0.95 -25.41
C GLY B 221 -23.61 0.44 -24.07
N TYR B 222 -23.49 -0.89 -23.99
CA TYR B 222 -22.98 -1.54 -22.80
C TYR B 222 -21.51 -1.23 -22.63
N ALA B 223 -21.02 -1.45 -21.40
CA ALA B 223 -19.63 -1.13 -21.11
C ALA B 223 -19.13 -2.07 -20.01
N MET B 224 -17.80 -2.18 -19.93
CA MET B 224 -17.16 -2.89 -18.83
C MET B 224 -15.98 -2.06 -18.36
N MET B 225 -15.84 -1.96 -17.05
CA MET B 225 -14.74 -1.22 -16.43
C MET B 225 -14.21 -2.02 -15.27
N GLY B 226 -12.89 -2.00 -15.11
CA GLY B 226 -12.26 -2.76 -14.04
C GLY B 226 -10.78 -2.56 -14.08
N SER B 227 -10.10 -3.19 -13.12
CA SER B 227 -8.66 -3.08 -13.01
C SER B 227 -8.08 -4.42 -12.58
N GLY B 228 -6.81 -4.61 -12.89
CA GLY B 228 -6.08 -5.79 -12.46
C GLY B 228 -4.73 -5.42 -11.92
N VAL B 229 -4.26 -6.18 -10.96
CA VAL B 229 -2.97 -5.95 -10.31
C VAL B 229 -2.24 -7.27 -10.23
N ALA B 230 -0.92 -7.24 -10.47
CA ALA B 230 -0.13 -8.46 -10.41
C ALA B 230 1.31 -8.11 -10.08
N SER B 231 2.07 -9.15 -9.71
CA SER B 231 3.49 -9.04 -9.41
C SER B 231 4.20 -10.24 -10.03
N GLY B 232 5.51 -10.29 -9.88
CA GLY B 232 6.28 -11.43 -10.33
C GLY B 232 6.65 -11.36 -11.79
N GLU B 233 7.02 -12.51 -12.33
CA GLU B 233 7.51 -12.58 -13.69
C GLU B 233 6.42 -12.24 -14.70
N ASP B 234 5.23 -12.80 -14.52
CA ASP B 234 4.12 -12.63 -15.46
C ASP B 234 3.16 -11.54 -15.03
N ARG B 235 3.67 -10.48 -14.40
CA ARG B 235 2.79 -9.46 -13.84
C ARG B 235 1.99 -8.76 -14.95
N ALA B 236 2.61 -8.50 -16.08
CA ALA B 236 1.91 -7.79 -17.15
C ALA B 236 0.77 -8.61 -17.71
N GLU B 237 1.03 -9.87 -18.07
CA GLU B 237 0.00 -10.71 -18.63
C GLU B 237 -1.11 -10.98 -17.62
N GLU B 238 -0.73 -11.31 -16.38
CA GLU B 238 -1.73 -11.59 -15.36
C GLU B 238 -2.63 -10.38 -15.11
N ALA B 239 -2.04 -9.20 -14.97
CA ALA B 239 -2.83 -8.01 -14.76
C ALA B 239 -3.72 -7.70 -15.95
N ALA B 240 -3.22 -7.89 -17.17
CA ALA B 240 -4.01 -7.61 -18.35
C ALA B 240 -5.23 -8.52 -18.44
N GLU B 241 -5.04 -9.82 -18.23
CA GLU B 241 -6.21 -10.70 -18.27
C GLU B 241 -7.10 -10.56 -17.04
N MET B 242 -6.57 -10.03 -15.93
CA MET B 242 -7.43 -9.75 -14.79
C MET B 242 -8.30 -8.53 -15.04
N ALA B 243 -7.80 -7.55 -15.79
CA ALA B 243 -8.57 -6.34 -16.03
C ALA B 243 -9.77 -6.57 -16.93
N ILE B 244 -9.64 -7.45 -17.92
CA ILE B 244 -10.71 -7.70 -18.87
C ILE B 244 -11.51 -8.96 -18.51
N SER B 245 -11.46 -9.39 -17.26
CA SER B 245 -12.25 -10.51 -16.79
C SER B 245 -13.43 -9.99 -16.00
N SER B 246 -14.64 -10.38 -16.41
CA SER B 246 -15.88 -9.94 -15.76
C SER B 246 -16.73 -11.17 -15.48
N PRO B 247 -16.41 -11.93 -14.45
CA PRO B 247 -17.20 -13.13 -14.15
C PRO B 247 -18.65 -12.84 -13.86
N LEU B 248 -18.94 -11.72 -13.18
CA LEU B 248 -20.29 -11.42 -12.73
C LEU B 248 -21.08 -10.60 -13.73
N LEU B 249 -20.46 -10.09 -14.79
CA LEU B 249 -21.20 -9.30 -15.76
C LEU B 249 -21.99 -10.21 -16.68
N GLU B 250 -22.97 -9.62 -17.36
CA GLU B 250 -23.75 -10.37 -18.32
C GLU B 250 -22.85 -10.83 -19.46
N ASP B 251 -23.21 -11.94 -20.08
CA ASP B 251 -22.40 -12.50 -21.16
C ASP B 251 -22.16 -11.43 -22.21
N ILE B 252 -20.89 -11.01 -22.35
CA ILE B 252 -20.55 -9.82 -23.11
C ILE B 252 -19.50 -10.20 -24.15
N ASP B 253 -19.47 -9.43 -25.23
CA ASP B 253 -18.56 -9.65 -26.34
C ASP B 253 -17.67 -8.41 -26.45
N LEU B 254 -16.43 -8.52 -25.97
CA LEU B 254 -15.52 -7.38 -25.99
C LEU B 254 -15.16 -6.97 -27.41
N SER B 255 -15.22 -7.89 -28.38
CA SER B 255 -14.88 -7.56 -29.75
C SER B 255 -15.81 -6.51 -30.34
N GLY B 256 -17.02 -6.38 -29.80
CA GLY B 256 -17.96 -5.39 -30.28
C GLY B 256 -17.77 -4.01 -29.70
N ALA B 257 -16.76 -3.81 -28.86
CA ALA B 257 -16.53 -2.50 -28.28
C ALA B 257 -16.10 -1.50 -29.34
N ARG B 258 -16.66 -0.29 -29.27
CA ARG B 258 -16.29 0.78 -30.16
C ARG B 258 -15.28 1.75 -29.56
N GLY B 259 -14.89 1.52 -28.31
CA GLY B 259 -13.89 2.37 -27.67
C GLY B 259 -13.22 1.66 -26.52
N VAL B 260 -11.89 1.64 -26.52
CA VAL B 260 -11.11 0.97 -25.49
C VAL B 260 -10.13 1.97 -24.90
N LEU B 261 -10.06 2.02 -23.57
CA LEU B 261 -9.17 2.94 -22.88
C LEU B 261 -8.38 2.16 -21.84
N VAL B 262 -7.06 2.14 -22.00
CA VAL B 262 -6.18 1.33 -21.16
C VAL B 262 -5.15 2.24 -20.51
N ASN B 263 -4.88 2.00 -19.24
CA ASN B 263 -3.87 2.73 -18.48
C ASN B 263 -3.02 1.73 -17.72
N ILE B 264 -1.71 1.74 -17.98
CA ILE B 264 -0.77 0.86 -17.30
C ILE B 264 -0.01 1.68 -16.26
N THR B 265 -0.01 1.21 -15.02
CA THR B 265 0.70 1.86 -13.93
C THR B 265 1.70 0.91 -13.32
N ALA B 266 2.92 1.35 -13.13
CA ALA B 266 3.97 0.53 -12.54
C ALA B 266 5.10 1.44 -12.08
N GLY B 267 6.18 0.83 -11.60
CA GLY B 267 7.38 1.56 -11.27
C GLY B 267 8.23 1.80 -12.49
N PHE B 268 9.34 2.51 -12.28
CA PHE B 268 10.20 2.89 -13.39
C PHE B 268 10.87 1.71 -14.07
N ASP B 269 10.81 0.53 -13.47
CA ASP B 269 11.42 -0.65 -14.06
C ASP B 269 10.51 -1.35 -15.06
N LEU B 270 9.33 -0.80 -15.33
CA LEU B 270 8.44 -1.34 -16.34
C LEU B 270 9.19 -1.56 -17.64
N ARG B 271 9.25 -2.81 -18.07
CA ARG B 271 10.01 -3.14 -19.27
C ARG B 271 9.16 -2.92 -20.52
N LEU B 272 9.83 -2.80 -21.66
CA LEU B 272 9.13 -2.57 -22.92
C LEU B 272 8.29 -3.78 -23.30
N ASP B 273 8.78 -4.99 -23.04
CA ASP B 273 8.01 -6.17 -23.39
C ASP B 273 6.74 -6.30 -22.56
N GLU B 274 6.75 -5.81 -21.32
CA GLU B 274 5.52 -5.82 -20.52
C GLU B 274 4.48 -4.89 -21.11
N PHE B 275 4.88 -3.69 -21.51
CA PHE B 275 3.98 -2.77 -22.19
C PHE B 275 3.47 -3.38 -23.48
N GLU B 276 4.33 -4.06 -24.22
CA GLU B 276 3.90 -4.72 -25.45
C GLU B 276 2.90 -5.84 -25.18
N THR B 277 3.11 -6.61 -24.12
CA THR B 277 2.18 -7.69 -23.81
C THR B 277 0.82 -7.17 -23.39
N VAL B 278 0.78 -6.08 -22.62
CA VAL B 278 -0.50 -5.46 -22.31
C VAL B 278 -1.18 -4.97 -23.59
N GLY B 279 -0.41 -4.33 -24.47
CA GLY B 279 -0.99 -3.87 -25.72
C GLY B 279 -1.52 -4.99 -26.59
N ASN B 280 -0.81 -6.13 -26.60
CA ASN B 280 -1.28 -7.27 -27.37
C ASN B 280 -2.54 -7.88 -26.76
N THR B 281 -2.62 -7.92 -25.43
CA THR B 281 -3.85 -8.37 -24.79
C THR B 281 -5.02 -7.48 -25.21
N ILE B 282 -4.80 -6.17 -25.26
CA ILE B 282 -5.87 -5.26 -25.68
C ILE B 282 -6.21 -5.46 -27.15
N ARG B 283 -5.20 -5.61 -28.00
CA ARG B 283 -5.43 -5.81 -29.42
C ARG B 283 -6.12 -7.13 -29.72
N ALA B 284 -6.04 -8.10 -28.81
CA ALA B 284 -6.63 -9.41 -29.06
C ALA B 284 -8.13 -9.31 -29.31
N PHE B 285 -8.81 -8.33 -28.72
CA PHE B 285 -10.24 -8.19 -28.92
C PHE B 285 -10.67 -6.89 -29.58
N ALA B 286 -9.85 -5.84 -29.53
CA ALA B 286 -10.26 -4.55 -30.08
C ALA B 286 -10.49 -4.66 -31.59
N SER B 287 -11.59 -4.08 -32.05
CA SER B 287 -11.94 -4.11 -33.45
C SER B 287 -11.17 -3.04 -34.23
N ASP B 288 -11.24 -3.14 -35.57
CA ASP B 288 -10.48 -2.24 -36.42
C ASP B 288 -11.06 -0.84 -36.45
N ASN B 289 -12.35 -0.67 -36.16
CA ASN B 289 -12.97 0.64 -36.16
C ASN B 289 -13.13 1.23 -34.77
N ALA B 290 -12.58 0.59 -33.75
CA ALA B 290 -12.65 1.09 -32.39
C ALA B 290 -11.49 2.03 -32.11
N THR B 291 -11.75 3.06 -31.31
CA THR B 291 -10.72 4.01 -30.92
C THR B 291 -10.03 3.48 -29.67
N VAL B 292 -8.80 3.01 -29.82
CA VAL B 292 -8.01 2.46 -28.74
C VAL B 292 -7.02 3.51 -28.27
N VAL B 293 -7.01 3.76 -26.97
CA VAL B 293 -6.07 4.71 -26.36
C VAL B 293 -5.34 3.97 -25.25
N ILE B 294 -4.01 3.91 -25.36
CA ILE B 294 -3.17 3.23 -24.38
C ILE B 294 -2.40 4.28 -23.61
N GLY B 295 -2.52 4.25 -22.28
CA GLY B 295 -1.84 5.18 -21.43
C GLY B 295 -0.88 4.46 -20.49
N THR B 296 0.15 5.18 -20.07
CA THR B 296 1.15 4.64 -19.15
C THR B 296 1.42 5.67 -18.07
N SER B 297 1.65 5.19 -16.85
CA SER B 297 1.91 6.05 -15.70
C SER B 297 2.95 5.37 -14.82
N LEU B 298 4.21 5.72 -15.01
CA LEU B 298 5.28 5.18 -14.18
C LEU B 298 5.29 5.90 -12.84
N ASP B 299 5.16 5.15 -11.75
CA ASP B 299 4.98 5.72 -10.42
C ASP B 299 5.99 5.10 -9.47
N PRO B 300 6.83 5.90 -8.80
CA PRO B 300 7.71 5.33 -7.78
C PRO B 300 6.97 4.71 -6.62
N ASP B 301 5.71 5.08 -6.40
CA ASP B 301 4.95 4.48 -5.30
C ASP B 301 4.73 2.99 -5.51
N MET B 302 4.39 2.59 -6.73
CA MET B 302 4.23 1.18 -7.05
C MET B 302 5.59 0.52 -6.93
N ASN B 303 5.77 -0.32 -5.90
CA ASN B 303 7.09 -0.89 -5.65
C ASN B 303 7.47 -1.89 -6.73
N ASP B 304 6.74 -3.00 -6.82
CA ASP B 304 6.99 -4.04 -7.80
C ASP B 304 5.69 -4.52 -8.42
N GLU B 305 4.64 -3.72 -8.33
CA GLU B 305 3.31 -4.09 -8.76
C GLU B 305 3.02 -3.46 -10.11
N LEU B 306 2.19 -4.13 -10.91
CA LEU B 306 1.73 -3.60 -12.18
C LEU B 306 0.22 -3.60 -12.19
N ARG B 307 -0.38 -2.42 -12.41
CA ARG B 307 -1.83 -2.28 -12.44
C ARG B 307 -2.26 -1.90 -13.85
N VAL B 308 -3.31 -2.56 -14.33
CA VAL B 308 -3.87 -2.30 -15.65
C VAL B 308 -5.35 -1.99 -15.50
N THR B 309 -5.76 -0.82 -15.97
CA THR B 309 -7.16 -0.40 -15.92
C THR B 309 -7.68 -0.32 -17.36
N VAL B 310 -8.76 -1.03 -17.64
CA VAL B 310 -9.33 -1.11 -18.98
C VAL B 310 -10.77 -0.62 -18.93
N VAL B 311 -11.11 0.30 -19.82
CA VAL B 311 -12.48 0.78 -19.99
C VAL B 311 -12.88 0.52 -21.44
N ALA B 312 -13.90 -0.30 -21.63
CA ALA B 312 -14.39 -0.66 -22.95
C ALA B 312 -15.87 -0.36 -23.03
N THR B 313 -16.27 0.46 -24.02
CA THR B 313 -17.65 0.90 -24.15
C THR B 313 -18.15 0.58 -25.55
N GLY B 314 -19.41 0.94 -25.80
CA GLY B 314 -20.02 0.77 -27.10
C GLY B 314 -20.42 -0.65 -27.44
N ILE B 315 -20.38 -1.56 -26.48
CA ILE B 315 -20.67 -2.96 -26.75
C ILE B 315 -22.17 -3.15 -26.97
N GLY B 316 -22.51 -3.96 -27.97
CA GLY B 316 -23.88 -4.33 -28.23
C GLY B 316 -24.81 -3.17 -28.58
N MET C 1 39.30 48.29 -26.38
CA MET C 1 39.86 47.21 -25.56
C MET C 1 40.40 46.10 -26.47
N PHE C 2 41.54 45.53 -26.08
CA PHE C 2 42.17 44.49 -26.89
C PHE C 2 41.35 43.22 -26.78
N GLU C 3 40.57 42.93 -27.82
CA GLU C 3 39.60 41.84 -27.79
C GLU C 3 40.08 40.67 -28.62
N PRO C 4 40.25 39.48 -28.06
CA PRO C 4 40.53 38.30 -28.89
C PRO C 4 39.32 37.99 -29.76
N MET C 5 39.61 37.50 -30.96
CA MET C 5 38.55 37.30 -31.94
C MET C 5 37.69 36.10 -31.59
N GLU C 6 36.42 36.17 -31.96
CA GLU C 6 35.46 35.08 -31.78
C GLU C 6 35.17 34.45 -33.13
N LEU C 7 35.46 33.15 -33.25
CA LEU C 7 35.33 32.44 -34.52
C LEU C 7 34.05 31.63 -34.62
N THR C 8 33.10 31.86 -33.72
CA THR C 8 31.86 31.09 -33.66
C THR C 8 30.74 31.88 -34.35
N ASN C 9 30.04 31.20 -35.25
CA ASN C 9 28.89 31.82 -35.91
C ASN C 9 27.76 32.01 -34.91
N ASP C 10 26.64 32.54 -35.40
CA ASP C 10 25.44 32.71 -34.61
C ASP C 10 24.29 32.01 -35.31
N ALA C 11 23.51 31.25 -34.54
CA ALA C 11 22.39 30.51 -35.11
C ALA C 11 21.24 30.48 -34.13
N VAL C 12 20.03 30.60 -34.65
CA VAL C 12 18.80 30.46 -33.88
C VAL C 12 18.14 29.16 -34.30
N ILE C 13 18.08 28.20 -33.39
CA ILE C 13 17.47 26.90 -33.64
C ILE C 13 16.45 26.66 -32.54
N LYS C 14 15.25 26.26 -32.93
CA LYS C 14 14.14 26.04 -32.00
C LYS C 14 13.69 24.60 -32.10
N VAL C 15 13.45 23.97 -30.95
CA VAL C 15 12.90 22.63 -30.87
C VAL C 15 11.56 22.70 -30.17
N ILE C 16 10.50 22.28 -30.83
CA ILE C 16 9.14 22.40 -30.34
C ILE C 16 8.58 21.00 -30.16
N GLY C 17 8.11 20.69 -28.95
CA GLY C 17 7.47 19.42 -28.71
C GLY C 17 5.96 19.54 -28.65
N VAL C 18 5.26 19.07 -29.68
CA VAL C 18 3.81 19.24 -29.79
C VAL C 18 3.14 17.96 -29.35
N GLY C 19 2.31 18.05 -28.32
CA GLY C 19 1.68 16.87 -27.76
C GLY C 19 2.56 16.18 -26.75
N GLY C 20 2.04 15.08 -26.21
CA GLY C 20 2.75 14.36 -25.18
C GLY C 20 4.05 13.74 -25.67
N GLY C 21 4.02 13.10 -26.84
CA GLY C 21 5.22 12.48 -27.36
C GLY C 21 6.32 13.49 -27.67
N GLY C 22 5.95 14.59 -28.33
CA GLY C 22 6.93 15.63 -28.60
C GLY C 22 7.47 16.26 -27.34
N GLY C 23 6.59 16.51 -26.36
CA GLY C 23 7.06 17.02 -25.09
C GLY C 23 8.04 16.09 -24.43
N ASN C 24 7.79 14.79 -24.49
CA ASN C 24 8.74 13.82 -23.94
C ASN C 24 10.07 13.88 -24.66
N ALA C 25 10.04 13.94 -26.00
CA ALA C 25 11.28 13.96 -26.76
C ALA C 25 12.10 15.21 -26.46
N VAL C 26 11.43 16.35 -26.31
CA VAL C 26 12.15 17.58 -25.98
C VAL C 26 12.69 17.54 -24.55
N GLU C 27 11.88 17.02 -23.62
CA GLU C 27 12.32 16.91 -22.24
C GLU C 27 13.55 16.03 -22.11
N HIS C 28 13.67 15.04 -23.00
CA HIS C 28 14.89 14.23 -23.02
C HIS C 28 16.13 15.08 -23.24
N MET C 29 16.10 15.94 -24.26
CA MET C 29 17.22 16.83 -24.54
C MET C 29 17.44 17.81 -23.39
N VAL C 30 16.36 18.30 -22.80
CA VAL C 30 16.50 19.22 -21.66
C VAL C 30 17.26 18.54 -20.53
N ARG C 31 16.88 17.31 -20.20
CA ARG C 31 17.55 16.58 -19.12
C ARG C 31 18.98 16.22 -19.49
N GLU C 32 19.29 16.07 -20.77
CA GLU C 32 20.65 15.75 -21.19
C GLU C 32 21.55 16.98 -21.34
N ARG C 33 21.02 18.18 -21.10
CA ARG C 33 21.81 19.40 -21.07
C ARG C 33 22.52 19.66 -22.41
N ILE C 34 21.73 19.90 -23.45
CA ILE C 34 22.26 20.36 -24.72
C ILE C 34 22.18 21.87 -24.77
N GLU C 35 23.31 22.52 -25.05
CA GLU C 35 23.42 23.97 -24.99
C GLU C 35 23.17 24.60 -26.35
N GLY C 36 22.93 25.91 -26.33
CA GLY C 36 22.82 26.68 -27.55
C GLY C 36 21.53 26.53 -28.31
N VAL C 37 20.51 25.91 -27.71
CA VAL C 37 19.28 25.58 -28.40
C VAL C 37 18.10 25.99 -27.52
N GLU C 38 17.05 26.52 -28.16
CA GLU C 38 15.83 26.87 -27.45
C GLU C 38 14.89 25.67 -27.39
N PHE C 39 14.20 25.51 -26.26
CA PHE C 39 13.33 24.39 -26.01
C PHE C 39 11.91 24.88 -25.74
N PHE C 40 10.93 24.17 -26.28
CA PHE C 40 9.53 24.55 -26.12
C PHE C 40 8.67 23.31 -25.94
N ALA C 41 7.51 23.50 -25.32
CA ALA C 41 6.50 22.45 -25.18
C ALA C 41 5.13 23.04 -25.51
N VAL C 42 4.52 22.56 -26.57
CA VAL C 42 3.23 23.04 -27.05
C VAL C 42 2.22 21.90 -26.90
N ASN C 43 1.13 22.16 -26.20
CA ASN C 43 0.18 21.10 -25.88
C ASN C 43 -1.18 21.69 -25.60
N THR C 44 -2.18 20.82 -25.58
CA THR C 44 -3.49 21.18 -25.08
C THR C 44 -3.70 20.74 -23.64
N ASP C 45 -2.90 19.80 -23.15
CA ASP C 45 -3.08 19.20 -21.85
C ASP C 45 -2.28 20.00 -20.82
N ALA C 46 -2.99 20.67 -19.91
CA ALA C 46 -2.32 21.49 -18.91
C ALA C 46 -1.47 20.63 -17.97
N GLN C 47 -1.97 19.46 -17.59
CA GLN C 47 -1.24 18.59 -16.68
C GLN C 47 0.10 18.15 -17.29
N ALA C 48 0.09 17.77 -18.57
CA ALA C 48 1.33 17.37 -19.22
C ALA C 48 2.30 18.54 -19.32
N LEU C 49 1.79 19.74 -19.60
CA LEU C 49 2.67 20.90 -19.67
C LEU C 49 3.30 21.20 -18.32
N ARG C 50 2.53 21.09 -17.25
CA ARG C 50 3.07 21.33 -15.92
C ARG C 50 3.95 20.20 -15.43
N LYS C 51 3.84 19.02 -16.04
CA LYS C 51 4.72 17.92 -15.66
C LYS C 51 6.12 18.07 -16.26
N THR C 52 6.21 18.52 -17.51
CA THR C 52 7.46 18.41 -18.26
C THR C 52 8.55 19.27 -17.64
N ALA C 53 9.79 18.82 -17.80
CA ALA C 53 10.94 19.61 -17.41
C ALA C 53 11.24 20.73 -18.40
N VAL C 54 10.56 20.76 -19.55
CA VAL C 54 10.73 21.86 -20.49
C VAL C 54 10.30 23.14 -19.80
N GLY C 55 11.17 24.16 -19.86
CA GLY C 55 10.91 25.39 -19.15
C GLY C 55 9.74 26.18 -19.69
N GLN C 56 9.89 26.77 -20.87
CA GLN C 56 8.84 27.60 -21.43
C GLN C 56 7.84 26.73 -22.18
N THR C 57 6.56 26.98 -21.94
CA THR C 57 5.48 26.22 -22.53
C THR C 57 4.52 27.15 -23.24
N ILE C 58 3.75 26.59 -24.17
CA ILE C 58 2.73 27.32 -24.91
C ILE C 58 1.47 26.46 -24.92
N GLN C 59 0.57 26.71 -23.97
CA GLN C 59 -0.68 25.99 -23.90
C GLN C 59 -1.62 26.48 -25.00
N ILE C 60 -1.95 25.60 -25.93
CA ILE C 60 -2.80 25.98 -27.06
C ILE C 60 -4.22 25.50 -26.79
N GLY C 61 -5.18 26.19 -27.40
CA GLY C 61 -6.56 25.77 -27.35
C GLY C 61 -7.16 25.74 -25.96
N SER C 62 -6.82 26.72 -25.11
CA SER C 62 -7.39 26.78 -23.78
C SER C 62 -8.87 27.12 -23.80
N GLY C 63 -9.38 27.64 -24.91
CA GLY C 63 -10.79 27.96 -25.04
C GLY C 63 -11.63 26.92 -25.74
N ILE C 64 -11.04 25.82 -26.19
CA ILE C 64 -11.79 24.78 -26.87
C ILE C 64 -11.73 23.50 -26.05
N THR C 65 -10.62 23.29 -25.33
CA THR C 65 -10.46 22.09 -24.52
C THR C 65 -10.45 22.38 -23.03
N LYS C 66 -10.35 23.64 -22.63
CA LYS C 66 -10.36 24.03 -21.21
C LYS C 66 -9.26 23.33 -20.42
N GLY C 67 -8.10 23.16 -21.05
CA GLY C 67 -6.96 22.57 -20.37
C GLY C 67 -6.89 21.06 -20.40
N LEU C 68 -7.73 20.40 -21.17
CA LEU C 68 -7.70 18.95 -21.31
C LEU C 68 -7.09 18.59 -22.66
N GLY C 69 -6.77 17.32 -22.83
CA GLY C 69 -6.19 16.86 -24.07
C GLY C 69 -7.19 16.90 -25.20
N ALA C 70 -6.70 16.66 -26.41
CA ALA C 70 -7.58 16.66 -27.56
C ALA C 70 -8.44 15.41 -27.64
N GLY C 71 -8.16 14.39 -26.85
CA GLY C 71 -8.98 13.19 -26.86
C GLY C 71 -8.94 12.43 -28.16
N ALA C 72 -7.75 12.24 -28.72
CA ALA C 72 -7.56 11.43 -29.93
C ALA C 72 -8.34 11.98 -31.11
N ASN C 73 -8.58 13.28 -31.14
CA ASN C 73 -9.31 13.91 -32.24
C ASN C 73 -8.38 14.84 -32.99
N PRO C 74 -7.93 14.50 -34.20
CA PRO C 74 -7.05 15.42 -34.94
C PRO C 74 -7.71 16.75 -35.25
N GLU C 75 -9.03 16.76 -35.49
CA GLU C 75 -9.71 18.02 -35.76
C GLU C 75 -9.65 18.96 -34.57
N VAL C 76 -9.81 18.42 -33.37
CA VAL C 76 -9.72 19.26 -32.18
C VAL C 76 -8.32 19.84 -32.05
N GLY C 77 -7.30 19.04 -32.33
CA GLY C 77 -5.94 19.55 -32.28
C GLY C 77 -5.70 20.66 -33.30
N ARG C 78 -6.19 20.48 -34.52
CA ARG C 78 -6.02 21.52 -35.53
C ARG C 78 -6.75 22.80 -35.13
N ASN C 79 -7.96 22.67 -34.59
CA ASN C 79 -8.70 23.85 -34.16
C ASN C 79 -7.98 24.55 -33.00
N ALA C 80 -7.45 23.78 -32.06
CA ALA C 80 -6.74 24.37 -30.94
C ALA C 80 -5.45 25.05 -31.39
N ALA C 81 -4.80 24.51 -32.42
CA ALA C 81 -3.62 25.17 -32.96
C ALA C 81 -4.00 26.47 -33.67
N ASP C 82 -5.10 26.44 -34.43
CA ASP C 82 -5.54 27.64 -35.14
C ASP C 82 -5.98 28.72 -34.18
N GLU C 83 -6.52 28.35 -33.01
CA GLU C 83 -6.96 29.36 -32.05
C GLU C 83 -5.79 30.20 -31.55
N ASP C 84 -4.67 29.56 -31.24
CA ASP C 84 -3.52 30.22 -30.61
C ASP C 84 -2.34 30.34 -31.55
N ARG C 85 -2.62 30.61 -32.84
CA ARG C 85 -1.54 30.73 -33.82
C ARG C 85 -0.62 31.90 -33.51
N GLU C 86 -1.14 32.96 -32.89
CA GLU C 86 -0.31 34.12 -32.60
C GLU C 86 0.76 33.81 -31.57
N ALA C 87 0.43 33.01 -30.55
CA ALA C 87 1.45 32.64 -29.56
C ALA C 87 2.56 31.81 -30.21
N LEU C 88 2.18 30.88 -31.10
CA LEU C 88 3.18 30.10 -31.82
C LEU C 88 4.06 31.00 -32.65
N ARG C 89 3.46 31.93 -33.39
CA ARG C 89 4.24 32.84 -34.22
C ARG C 89 5.19 33.68 -33.38
N ALA C 90 4.70 34.19 -32.24
CA ALA C 90 5.53 35.04 -31.39
C ALA C 90 6.71 34.27 -30.81
N ALA C 91 6.46 33.05 -30.35
CA ALA C 91 7.55 32.28 -29.75
C ALA C 91 8.48 31.68 -30.79
N LEU C 92 8.03 31.56 -32.04
CA LEU C 92 8.79 30.95 -33.11
C LEU C 92 9.40 31.98 -34.06
N ASP C 93 9.16 33.26 -33.82
CA ASP C 93 9.67 34.30 -34.71
C ASP C 93 11.17 34.51 -34.52
N GLY C 94 11.82 34.96 -35.58
CA GLY C 94 13.25 35.21 -35.56
C GLY C 94 14.08 33.96 -35.40
N ALA C 95 13.76 32.90 -36.15
CA ALA C 95 14.46 31.63 -36.05
C ALA C 95 15.04 31.26 -37.41
N ASP C 96 16.26 30.73 -37.39
CA ASP C 96 16.88 30.24 -38.61
C ASP C 96 16.27 28.91 -39.06
N MET C 97 16.02 28.01 -38.11
CA MET C 97 15.51 26.69 -38.44
C MET C 97 14.91 26.09 -37.17
N VAL C 98 13.76 25.44 -37.32
CA VAL C 98 13.05 24.87 -36.19
C VAL C 98 13.08 23.35 -36.31
N PHE C 99 12.95 22.68 -35.17
CA PHE C 99 12.89 21.22 -35.10
C PHE C 99 11.62 20.84 -34.35
N ILE C 100 10.59 20.41 -35.08
CA ILE C 100 9.29 20.10 -34.51
C ILE C 100 9.23 18.61 -34.21
N ALA C 101 8.96 18.27 -32.95
CA ALA C 101 8.87 16.89 -32.50
C ALA C 101 7.45 16.59 -32.08
N ALA C 102 6.88 15.50 -32.59
CA ALA C 102 5.52 15.13 -32.26
C ALA C 102 5.33 13.64 -32.50
N GLY C 103 4.50 13.02 -31.67
CA GLY C 103 4.15 11.63 -31.85
C GLY C 103 2.80 11.51 -32.52
N MET C 104 2.78 11.08 -33.77
CA MET C 104 1.57 11.14 -34.56
C MET C 104 0.66 9.94 -34.27
N GLY C 105 -0.64 10.19 -34.36
CA GLY C 105 -1.62 9.15 -34.10
C GLY C 105 -2.74 9.65 -33.21
N GLY C 106 -2.40 10.58 -32.33
CA GLY C 106 -3.34 11.14 -31.39
C GLY C 106 -4.07 12.34 -31.96
N GLY C 107 -4.59 13.17 -31.08
CA GLY C 107 -5.34 14.33 -31.50
C GLY C 107 -4.54 15.60 -31.54
N THR C 108 -3.75 15.85 -30.49
CA THR C 108 -3.00 17.10 -30.40
C THR C 108 -1.85 17.13 -31.40
N GLY C 109 -0.94 16.16 -31.30
CA GLY C 109 0.23 16.18 -32.17
C GLY C 109 -0.13 16.05 -33.64
N THR C 110 -1.01 15.09 -33.96
CA THR C 110 -1.32 14.81 -35.35
C THR C 110 -1.92 16.01 -36.07
N GLY C 111 -2.85 16.70 -35.42
CA GLY C 111 -3.52 17.81 -36.06
C GLY C 111 -2.86 19.15 -35.81
N ALA C 112 -1.91 19.20 -34.88
CA ALA C 112 -1.29 20.45 -34.51
C ALA C 112 0.10 20.64 -35.11
N ALA C 113 0.83 19.57 -35.39
CA ALA C 113 2.13 19.72 -36.03
C ALA C 113 2.05 20.38 -37.40
N PRO C 114 1.11 20.01 -38.28
CA PRO C 114 1.02 20.74 -39.56
C PRO C 114 0.77 22.22 -39.40
N VAL C 115 0.04 22.64 -38.38
CA VAL C 115 -0.21 24.07 -38.19
C VAL C 115 1.06 24.79 -37.77
N VAL C 116 1.84 24.20 -36.85
CA VAL C 116 3.10 24.81 -36.45
C VAL C 116 4.07 24.85 -37.62
N ALA C 117 4.09 23.79 -38.43
CA ALA C 117 4.93 23.78 -39.61
C ALA C 117 4.50 24.86 -40.59
N GLU C 118 3.20 25.05 -40.76
CA GLU C 118 2.69 26.10 -41.64
C GLU C 118 3.08 27.47 -41.13
N VAL C 119 3.02 27.67 -39.82
CA VAL C 119 3.44 28.93 -39.23
C VAL C 119 4.90 29.19 -39.54
N ALA C 120 5.75 28.18 -39.34
CA ALA C 120 7.17 28.35 -39.60
C ALA C 120 7.45 28.63 -41.07
N LYS C 121 6.79 27.90 -41.96
CA LYS C 121 7.03 28.10 -43.40
C LYS C 121 6.55 29.47 -43.86
N ASP C 122 5.40 29.92 -43.36
CA ASP C 122 4.94 31.26 -43.69
C ASP C 122 5.90 32.31 -43.15
N LEU C 123 6.48 32.07 -41.98
CA LEU C 123 7.47 32.99 -41.45
C LEU C 123 8.76 32.93 -42.24
N GLY C 124 9.01 31.86 -42.98
CA GLY C 124 10.21 31.74 -43.78
C GLY C 124 11.35 31.11 -43.01
N ILE C 125 11.07 29.99 -42.35
CA ILE C 125 12.04 29.29 -41.52
C ILE C 125 12.19 27.87 -42.04
N LEU C 126 13.44 27.43 -42.20
CA LEU C 126 13.69 26.03 -42.50
C LEU C 126 13.12 25.16 -41.40
N THR C 127 12.39 24.13 -41.78
CA THR C 127 11.66 23.29 -40.84
C THR C 127 12.07 21.84 -41.00
N VAL C 128 12.38 21.18 -39.88
CA VAL C 128 12.64 19.75 -39.85
C VAL C 128 11.72 19.15 -38.80
N ALA C 129 10.92 18.16 -39.20
CA ALA C 129 9.95 17.52 -38.32
C ALA C 129 10.40 16.11 -38.02
N VAL C 130 10.54 15.80 -36.73
CA VAL C 130 10.93 14.48 -36.26
C VAL C 130 9.73 13.87 -35.55
N VAL C 131 9.11 12.87 -36.17
CA VAL C 131 7.86 12.32 -35.67
C VAL C 131 7.98 10.81 -35.53
N THR C 132 7.12 10.24 -34.69
CA THR C 132 7.09 8.81 -34.44
C THR C 132 5.72 8.25 -34.80
N LYS C 133 5.72 7.11 -35.47
CA LYS C 133 4.49 6.41 -35.76
C LYS C 133 3.96 5.74 -34.50
N PRO C 134 2.69 5.35 -34.48
CA PRO C 134 2.17 4.58 -33.33
C PRO C 134 2.66 3.14 -33.36
N PHE C 135 2.46 2.47 -32.24
CA PHE C 135 2.79 1.06 -32.12
C PHE C 135 1.84 0.21 -32.96
N ASN C 136 2.23 -1.04 -33.19
CA ASN C 136 1.36 -1.94 -33.94
C ASN C 136 0.08 -2.21 -33.16
N PHE C 137 0.19 -2.44 -31.86
CA PHE C 137 -0.96 -2.85 -31.06
C PHE C 137 -1.91 -1.70 -30.74
N GLU C 138 -1.59 -0.48 -31.15
CA GLU C 138 -2.45 0.65 -30.83
C GLU C 138 -3.63 0.78 -31.78
N GLY C 139 -3.72 -0.08 -32.80
CA GLY C 139 -4.90 -0.15 -33.63
C GLY C 139 -4.64 0.35 -35.05
N LYS C 140 -5.61 0.04 -35.92
CA LYS C 140 -5.56 0.52 -37.30
C LYS C 140 -5.96 1.99 -37.40
N LYS C 141 -6.93 2.42 -36.60
CA LYS C 141 -7.38 3.80 -36.66
C LYS C 141 -6.30 4.78 -36.19
N ARG C 142 -5.54 4.40 -35.17
CA ARG C 142 -4.44 5.25 -34.71
C ARG C 142 -3.40 5.44 -35.81
N MET C 143 -3.04 4.35 -36.48
CA MET C 143 -2.08 4.44 -37.57
C MET C 143 -2.63 5.24 -38.74
N ALA C 144 -3.91 5.09 -39.04
CA ALA C 144 -4.51 5.85 -40.12
C ALA C 144 -4.48 7.34 -39.82
N PHE C 145 -4.83 7.72 -38.60
CA PHE C 145 -4.75 9.13 -38.22
C PHE C 145 -3.32 9.64 -38.32
N ALA C 146 -2.36 8.83 -37.86
CA ALA C 146 -0.96 9.25 -37.95
C ALA C 146 -0.52 9.43 -39.40
N GLU C 147 -0.91 8.52 -40.28
CA GLU C 147 -0.52 8.63 -41.69
C GLU C 147 -1.12 9.86 -42.34
N GLN C 148 -2.40 10.13 -42.07
CA GLN C 148 -3.01 11.35 -42.59
C GLN C 148 -2.30 12.58 -42.06
N GLY C 149 -1.96 12.57 -40.77
CA GLY C 149 -1.26 13.71 -40.20
C GLY C 149 0.11 13.91 -40.80
N ILE C 150 0.82 12.82 -41.09
CA ILE C 150 2.15 12.95 -41.69
C ILE C 150 2.04 13.45 -43.12
N THR C 151 1.00 13.01 -43.84
CA THR C 151 0.75 13.57 -45.17
C THR C 151 0.51 15.07 -45.10
N GLU C 152 -0.27 15.52 -44.10
CA GLU C 152 -0.46 16.95 -43.93
C GLU C 152 0.83 17.66 -43.54
N LEU C 153 1.65 17.02 -42.71
CA LEU C 153 2.90 17.62 -42.26
C LEU C 153 3.90 17.76 -43.39
N SER C 154 3.88 16.85 -44.35
CA SER C 154 4.81 16.93 -45.47
C SER C 154 4.61 18.18 -46.31
N LYS C 155 3.44 18.82 -46.19
CA LYS C 155 3.16 19.99 -47.02
C LYS C 155 3.93 21.22 -46.56
N HIS C 156 4.22 21.33 -45.27
CA HIS C 156 4.76 22.56 -44.69
C HIS C 156 6.13 22.40 -44.06
N VAL C 157 6.82 21.28 -44.28
CA VAL C 157 8.16 21.10 -43.76
C VAL C 157 9.11 20.96 -44.93
N ASP C 158 10.41 21.05 -44.63
CA ASP C 158 11.45 20.88 -45.63
C ASP C 158 12.06 19.49 -45.61
N SER C 159 12.28 18.92 -44.44
CA SER C 159 12.75 17.55 -44.31
C SER C 159 12.05 16.89 -43.13
N LEU C 160 11.60 15.66 -43.32
CA LEU C 160 10.81 14.95 -42.33
C LEU C 160 11.52 13.67 -41.92
N ILE C 161 11.64 13.44 -40.62
CA ILE C 161 12.24 12.24 -40.07
C ILE C 161 11.14 11.45 -39.37
N THR C 162 10.95 10.20 -39.78
CA THR C 162 9.91 9.34 -39.24
C THR C 162 10.53 8.16 -38.53
N ILE C 163 10.13 7.94 -37.28
CA ILE C 163 10.62 6.82 -36.48
C ILE C 163 9.47 5.86 -36.22
N PRO C 164 9.42 4.70 -36.87
CA PRO C 164 8.39 3.72 -36.54
C PRO C 164 8.56 3.25 -35.11
N ASN C 165 7.52 3.40 -34.31
CA ASN C 165 7.60 3.02 -32.91
C ASN C 165 7.67 1.51 -32.74
N ASP C 166 7.40 0.74 -33.79
CA ASP C 166 7.47 -0.70 -33.73
C ASP C 166 8.87 -1.25 -33.89
N LYS C 167 9.84 -0.43 -34.31
CA LYS C 167 11.21 -0.88 -34.42
C LYS C 167 11.92 -0.92 -33.07
N LEU C 168 11.36 -0.26 -32.06
CA LEU C 168 11.91 -0.39 -30.71
C LEU C 168 11.80 -1.81 -30.21
N LEU C 169 10.70 -2.50 -30.54
CA LEU C 169 10.53 -3.88 -30.11
C LEU C 169 11.52 -4.81 -30.80
N LYS C 170 11.87 -4.53 -32.05
CA LYS C 170 12.71 -5.42 -32.83
C LYS C 170 14.20 -5.17 -32.63
N VAL C 171 14.59 -3.92 -32.40
CA VAL C 171 16.01 -3.57 -32.35
C VAL C 171 16.58 -3.69 -30.95
N LEU C 172 15.85 -3.22 -29.94
CA LEU C 172 16.45 -2.99 -28.63
C LEU C 172 16.69 -4.28 -27.85
N GLY C 173 15.83 -5.27 -28.00
CA GLY C 173 16.08 -6.52 -27.31
C GLY C 173 15.22 -6.67 -26.07
N ARG C 174 14.81 -7.90 -25.80
CA ARG C 174 13.84 -8.15 -24.75
C ARG C 174 14.49 -7.99 -23.37
N GLY C 175 13.83 -7.24 -22.51
CA GLY C 175 14.37 -6.90 -21.21
C GLY C 175 14.74 -5.45 -21.07
N ILE C 176 14.73 -4.68 -22.15
CA ILE C 176 15.02 -3.26 -22.07
C ILE C 176 13.86 -2.55 -21.40
N SER C 177 14.19 -1.60 -20.53
CA SER C 177 13.16 -0.85 -19.81
C SER C 177 12.42 0.08 -20.77
N LEU C 178 11.20 0.45 -20.38
CA LEU C 178 10.43 1.38 -21.21
C LEU C 178 11.13 2.72 -21.29
N LEU C 179 11.68 3.19 -20.19
CA LEU C 179 12.37 4.48 -20.20
C LEU C 179 13.56 4.47 -21.15
N ASP C 180 14.35 3.39 -21.12
CA ASP C 180 15.51 3.30 -22.00
C ASP C 180 15.09 3.09 -23.44
N ALA C 181 14.02 2.33 -23.68
CA ALA C 181 13.52 2.15 -25.03
C ALA C 181 13.07 3.48 -25.63
N PHE C 182 12.39 4.30 -24.84
CA PHE C 182 11.97 5.62 -25.31
C PHE C 182 13.15 6.57 -25.45
N GLY C 183 14.15 6.44 -24.58
CA GLY C 183 15.35 7.25 -24.72
C GLY C 183 16.12 6.95 -25.98
N ALA C 184 16.11 5.69 -26.40
CA ALA C 184 16.75 5.33 -27.66
C ALA C 184 16.10 6.07 -28.82
N ALA C 185 14.77 6.17 -28.81
CA ALA C 185 14.08 6.91 -29.85
C ALA C 185 14.33 8.41 -29.75
N ASN C 186 14.36 8.94 -28.53
CA ASN C 186 14.62 10.36 -28.34
C ASN C 186 16.01 10.77 -28.81
N ASP C 187 16.97 9.85 -28.74
CA ASP C 187 18.32 10.16 -29.17
C ASP C 187 18.41 10.46 -30.66
N VAL C 188 17.44 10.03 -31.47
CA VAL C 188 17.46 10.41 -32.89
C VAL C 188 17.31 11.93 -33.02
N LEU C 189 16.29 12.50 -32.37
CA LEU C 189 16.12 13.94 -32.41
C LEU C 189 17.27 14.65 -31.71
N LYS C 190 17.75 14.12 -30.60
CA LYS C 190 18.87 14.77 -29.92
C LYS C 190 20.11 14.82 -30.79
N GLY C 191 20.44 13.70 -31.45
CA GLY C 191 21.61 13.67 -32.30
C GLY C 191 21.45 14.59 -33.49
N ALA C 192 20.27 14.61 -34.10
CA ALA C 192 20.02 15.51 -35.22
C ALA C 192 20.25 16.96 -34.81
N VAL C 193 19.62 17.39 -33.71
CA VAL C 193 19.72 18.78 -33.30
C VAL C 193 21.15 19.14 -32.94
N GLN C 194 21.81 18.31 -32.13
CA GLN C 194 23.17 18.63 -31.70
C GLN C 194 24.14 18.63 -32.87
N GLY C 195 24.02 17.69 -33.79
CA GLY C 195 24.89 17.68 -34.94
C GLY C 195 24.71 18.90 -35.82
N ILE C 196 23.45 19.28 -36.08
CA ILE C 196 23.22 20.45 -36.91
C ILE C 196 23.77 21.70 -36.24
N ALA C 197 23.54 21.86 -34.94
CA ALA C 197 24.06 23.05 -34.26
C ALA C 197 25.58 23.10 -34.29
N GLU C 198 26.23 21.99 -33.94
CA GLU C 198 27.68 21.93 -33.93
C GLU C 198 28.26 22.17 -35.32
N LEU C 199 27.53 21.78 -36.36
CA LEU C 199 27.98 22.04 -37.72
C LEU C 199 27.83 23.52 -38.09
N ILE C 200 26.70 24.13 -37.72
CA ILE C 200 26.44 25.50 -38.15
C ILE C 200 27.37 26.48 -37.44
N THR C 201 27.60 26.30 -36.13
CA THR C 201 28.33 27.32 -35.40
C THR C 201 29.84 27.20 -35.54
N ARG C 202 30.40 26.05 -35.18
CA ARG C 202 31.85 25.92 -35.10
C ARG C 202 32.48 26.05 -36.48
N PRO C 203 33.64 26.71 -36.60
CA PRO C 203 34.30 26.87 -37.90
C PRO C 203 34.96 25.59 -38.38
N GLY C 204 35.71 25.67 -39.47
CA GLY C 204 36.41 24.51 -39.97
C GLY C 204 37.43 24.89 -41.02
N LEU C 205 38.33 23.95 -41.29
CA LEU C 205 39.32 24.14 -42.35
C LEU C 205 38.65 24.24 -43.70
N MET C 206 37.70 23.35 -43.99
CA MET C 206 36.86 23.42 -45.18
C MET C 206 35.46 23.75 -44.70
N ASN C 207 35.18 25.04 -44.56
CA ASN C 207 34.02 25.48 -43.80
C ASN C 207 32.71 25.12 -44.49
N VAL C 208 31.79 24.54 -43.73
CA VAL C 208 30.41 24.35 -44.14
C VAL C 208 29.55 25.10 -43.13
N ASP C 209 28.53 25.81 -43.61
CA ASP C 209 27.81 26.73 -42.76
C ASP C 209 26.32 26.63 -43.06
N PHE C 210 25.57 27.62 -42.60
CA PHE C 210 24.12 27.59 -42.73
C PHE C 210 23.68 27.62 -44.18
N ALA C 211 24.46 28.22 -45.07
CA ALA C 211 24.09 28.26 -46.48
C ALA C 211 24.06 26.86 -47.08
N ASP C 212 25.04 26.03 -46.73
CA ASP C 212 25.05 24.65 -47.20
C ASP C 212 23.86 23.87 -46.64
N VAL C 213 23.51 24.11 -45.37
CA VAL C 213 22.33 23.47 -44.80
C VAL C 213 21.09 23.88 -45.56
N ARG C 214 20.96 25.16 -45.88
CA ARG C 214 19.80 25.62 -46.65
C ARG C 214 19.76 25.02 -48.04
N THR C 215 20.92 24.88 -48.69
CA THR C 215 20.93 24.36 -50.05
C THR C 215 20.79 22.85 -50.11
N VAL C 216 20.99 22.12 -49.00
CA VAL C 216 20.69 20.70 -49.00
C VAL C 216 19.27 20.42 -48.55
N MET C 217 18.66 21.29 -47.75
CA MET C 217 17.26 21.17 -47.35
C MET C 217 16.34 21.95 -48.28
N SER C 218 16.81 22.33 -49.44
CA SER C 218 15.99 23.07 -50.39
C SER C 218 15.02 22.20 -51.13
N GLU C 219 14.78 20.97 -50.69
CA GLU C 219 13.85 20.09 -51.39
C GLU C 219 13.14 19.19 -50.40
N MET C 220 11.81 19.11 -50.54
CA MET C 220 11.01 18.28 -49.67
C MET C 220 11.42 16.82 -49.81
N GLY C 221 11.45 16.12 -48.68
CA GLY C 221 11.69 14.69 -48.70
C GLY C 221 12.06 14.19 -47.33
N TYR C 222 12.14 12.86 -47.23
CA TYR C 222 12.61 12.24 -46.01
C TYR C 222 14.09 12.54 -45.81
N ALA C 223 14.52 12.52 -44.55
CA ALA C 223 15.90 12.87 -44.25
C ALA C 223 16.40 11.98 -43.12
N MET C 224 17.72 11.90 -43.01
CA MET C 224 18.37 11.26 -41.88
C MET C 224 19.50 12.16 -41.41
N MET C 225 19.62 12.30 -40.09
CA MET C 225 20.68 13.10 -39.50
C MET C 225 21.23 12.38 -38.28
N GLY C 226 22.53 12.47 -38.09
CA GLY C 226 23.16 11.83 -36.96
C GLY C 226 24.64 12.04 -37.00
N SER C 227 25.31 11.58 -35.95
CA SER C 227 26.75 11.72 -35.83
C SER C 227 27.36 10.40 -35.39
N GLY C 228 28.61 10.20 -35.79
CA GLY C 228 29.35 9.03 -35.39
C GLY C 228 30.70 9.41 -34.81
N VAL C 229 31.11 8.75 -33.73
CA VAL C 229 32.35 9.05 -33.06
C VAL C 229 33.13 7.75 -32.87
N ALA C 230 34.45 7.81 -33.09
CA ALA C 230 35.28 6.63 -32.95
C ALA C 230 36.68 7.02 -32.56
N SER C 231 37.47 6.03 -32.14
CA SER C 231 38.87 6.20 -31.80
C SER C 231 39.63 4.99 -32.29
N GLY C 232 40.94 5.02 -32.14
CA GLY C 232 41.75 3.88 -32.48
C GLY C 232 42.20 3.88 -33.93
N GLU C 233 42.61 2.70 -34.39
CA GLU C 233 43.19 2.58 -35.72
C GLU C 233 42.15 2.79 -36.81
N ASP C 234 40.95 2.22 -36.64
CA ASP C 234 39.89 2.32 -37.64
C ASP C 234 38.89 3.40 -37.30
N ARG C 235 39.33 4.51 -36.72
CA ARG C 235 38.40 5.51 -36.24
C ARG C 235 37.62 6.15 -37.38
N ALA C 236 38.27 6.40 -38.51
CA ALA C 236 37.57 7.03 -39.62
C ALA C 236 36.45 6.15 -40.15
N GLU C 237 36.75 4.89 -40.46
CA GLU C 237 35.75 3.99 -41.01
C GLU C 237 34.63 3.73 -40.01
N GLU C 238 34.98 3.47 -38.75
CA GLU C 238 33.96 3.22 -37.75
C GLU C 238 33.04 4.41 -37.55
N ALA C 239 33.61 5.61 -37.44
CA ALA C 239 32.78 6.80 -37.26
C ALA C 239 31.90 7.05 -38.47
N ALA C 240 32.44 6.88 -39.68
CA ALA C 240 31.64 7.11 -40.88
C ALA C 240 30.50 6.13 -40.98
N GLU C 241 30.74 4.85 -40.72
CA GLU C 241 29.66 3.87 -40.81
C GLU C 241 28.68 3.98 -39.65
N MET C 242 29.11 4.54 -38.52
CA MET C 242 28.17 4.79 -37.42
C MET C 242 27.30 6.00 -37.67
N ALA C 243 27.82 6.99 -38.42
CA ALA C 243 27.03 8.18 -38.70
C ALA C 243 25.86 7.90 -39.64
N ILE C 244 26.03 6.99 -40.60
CA ILE C 244 24.98 6.70 -41.57
C ILE C 244 24.19 5.44 -41.19
N SER C 245 24.22 5.04 -39.92
CA SER C 245 23.45 3.91 -39.45
C SER C 245 22.25 4.43 -38.68
N SER C 246 21.06 4.00 -39.09
CA SER C 246 19.80 4.41 -38.47
C SER C 246 18.97 3.17 -38.17
N PRO C 247 19.30 2.46 -37.09
CA PRO C 247 18.52 1.26 -36.76
C PRO C 247 17.06 1.54 -36.50
N LEU C 248 16.74 2.67 -35.88
CA LEU C 248 15.37 2.96 -35.47
C LEU C 248 14.56 3.71 -36.51
N LEU C 249 15.20 4.20 -37.58
CA LEU C 249 14.45 4.93 -38.58
C LEU C 249 13.70 3.96 -39.49
N GLU C 250 12.72 4.49 -40.20
CA GLU C 250 11.99 3.68 -41.16
C GLU C 250 12.91 3.22 -42.26
N ASP C 251 12.61 2.05 -42.83
CA ASP C 251 13.44 1.49 -43.89
C ASP C 251 13.69 2.54 -44.96
N ILE C 252 14.94 2.93 -45.13
CA ILE C 252 15.29 4.09 -45.92
C ILE C 252 16.32 3.70 -46.96
N ASP C 253 16.37 4.47 -48.04
CA ASP C 253 17.29 4.24 -49.14
C ASP C 253 18.16 5.47 -49.28
N LEU C 254 19.39 5.39 -48.76
CA LEU C 254 20.28 6.54 -48.81
C LEU C 254 20.65 6.91 -50.24
N SER C 255 20.65 5.94 -51.14
CA SER C 255 21.00 6.22 -52.53
C SER C 255 20.02 7.19 -53.18
N GLY C 256 18.81 7.28 -52.66
CA GLY C 256 17.83 8.23 -53.16
C GLY C 256 17.97 9.64 -52.64
N ALA C 257 18.95 9.89 -51.76
CA ALA C 257 19.15 11.23 -51.23
C ALA C 257 19.69 12.14 -52.32
N ARG C 258 19.14 13.34 -52.41
CA ARG C 258 19.58 14.33 -53.37
C ARG C 258 20.43 15.43 -52.75
N GLY C 259 20.72 15.34 -51.46
CA GLY C 259 21.60 16.28 -50.80
C GLY C 259 22.32 15.63 -49.64
N VAL C 260 23.64 15.68 -49.62
CA VAL C 260 24.44 15.07 -48.56
C VAL C 260 25.39 16.13 -48.02
N LEU C 261 25.44 16.25 -46.70
CA LEU C 261 26.29 17.23 -46.03
C LEU C 261 27.06 16.53 -44.93
N VAL C 262 28.39 16.51 -45.07
CA VAL C 262 29.27 15.74 -44.19
C VAL C 262 30.26 16.69 -43.53
N ASN C 263 30.51 16.48 -42.25
CA ASN C 263 31.49 17.27 -41.50
C ASN C 263 32.37 16.33 -40.70
N ILE C 264 33.66 16.33 -40.98
CA ILE C 264 34.64 15.53 -40.24
C ILE C 264 35.31 16.44 -39.23
N THR C 265 35.33 16.03 -37.97
CA THR C 265 35.95 16.81 -36.91
C THR C 265 36.96 15.92 -36.19
N ALA C 266 38.17 16.42 -36.00
CA ALA C 266 39.23 15.65 -35.37
C ALA C 266 40.34 16.59 -34.92
N GLY C 267 41.41 16.02 -34.39
CA GLY C 267 42.58 16.78 -34.04
C GLY C 267 43.48 16.99 -35.25
N PHE C 268 44.56 17.74 -35.02
CA PHE C 268 45.45 18.11 -36.12
C PHE C 268 46.18 16.92 -36.71
N ASP C 269 46.15 15.76 -36.07
CA ASP C 269 46.81 14.57 -36.59
C ASP C 269 45.96 13.82 -37.59
N LEU C 270 44.77 14.33 -37.92
CA LEU C 270 43.90 13.69 -38.89
C LEU C 270 44.65 13.44 -40.19
N ARG C 271 44.81 12.17 -40.54
CA ARG C 271 45.58 11.82 -41.72
C ARG C 271 44.74 11.97 -42.98
N LEU C 272 45.42 12.04 -44.12
CA LEU C 272 44.71 12.22 -45.38
C LEU C 272 43.92 10.98 -45.76
N ASP C 273 44.43 9.79 -45.45
CA ASP C 273 43.70 8.58 -45.79
C ASP C 273 42.43 8.45 -44.96
N GLU C 274 42.41 9.00 -43.75
CA GLU C 274 41.17 8.98 -42.96
C GLU C 274 40.09 9.86 -43.61
N PHE C 275 40.47 11.06 -44.03
CA PHE C 275 39.56 11.92 -44.77
C PHE C 275 39.08 11.24 -46.05
N GLU C 276 40.00 10.55 -46.75
CA GLU C 276 39.61 9.84 -47.96
C GLU C 276 38.65 8.70 -47.66
N THR C 277 38.85 7.98 -46.55
CA THR C 277 37.95 6.88 -46.22
C THR C 277 36.56 7.38 -45.87
N VAL C 278 36.48 8.50 -45.15
CA VAL C 278 35.16 9.08 -44.89
C VAL C 278 34.50 9.50 -46.21
N GLY C 279 35.27 10.12 -47.10
CA GLY C 279 34.72 10.52 -48.38
C GLY C 279 34.25 9.33 -49.21
N ASN C 280 34.98 8.22 -49.14
CA ASN C 280 34.59 7.02 -49.87
C ASN C 280 33.35 6.37 -49.27
N THR C 281 33.22 6.45 -47.94
CA THR C 281 31.98 5.98 -47.32
C THR C 281 30.80 6.80 -47.80
N ILE C 282 30.97 8.12 -47.91
CA ILE C 282 29.88 8.96 -48.39
C ILE C 282 29.58 8.71 -49.86
N ARG C 283 30.62 8.51 -50.67
CA ARG C 283 30.43 8.25 -52.09
C ARG C 283 29.78 6.91 -52.35
N ALA C 284 29.80 6.00 -51.39
CA ALA C 284 29.25 4.68 -51.60
C ALA C 284 27.76 4.72 -51.87
N PHE C 285 27.05 5.72 -51.36
CA PHE C 285 25.61 5.82 -51.57
C PHE C 285 25.16 7.08 -52.28
N ALA C 286 25.96 8.15 -52.27
CA ALA C 286 25.53 9.39 -52.89
C ALA C 286 25.36 9.22 -54.39
N SER C 287 24.25 9.74 -54.92
CA SER C 287 23.96 9.63 -56.34
C SER C 287 24.73 10.67 -57.13
N ASP C 288 24.68 10.54 -58.45
CA ASP C 288 25.46 11.42 -59.32
C ASP C 288 24.86 12.81 -59.41
N ASN C 289 23.56 12.95 -59.18
CA ASN C 289 22.89 14.24 -59.26
C ASN C 289 22.68 14.88 -57.89
N ALA C 290 23.25 14.31 -56.84
CA ALA C 290 23.12 14.85 -55.51
C ALA C 290 24.23 15.87 -55.24
N THR C 291 23.89 16.90 -54.47
CA THR C 291 24.86 17.93 -54.09
C THR C 291 25.52 17.47 -52.80
N VAL C 292 26.77 17.03 -52.90
CA VAL C 292 27.52 16.53 -51.76
C VAL C 292 28.49 17.61 -51.32
N VAL C 293 28.45 17.98 -50.05
CA VAL C 293 29.37 18.93 -49.46
C VAL C 293 30.11 18.25 -48.32
N ILE C 294 31.44 18.25 -48.38
CA ILE C 294 32.29 17.63 -47.37
C ILE C 294 33.01 18.73 -46.63
N GLY C 295 32.89 18.72 -45.30
CA GLY C 295 33.54 19.71 -44.46
C GLY C 295 34.49 19.06 -43.47
N THR C 296 35.49 19.82 -43.06
CA THR C 296 36.48 19.35 -42.10
C THR C 296 36.68 20.42 -41.04
N SER C 297 36.99 20.00 -39.83
CA SER C 297 37.19 20.93 -38.71
C SER C 297 38.24 20.33 -37.78
N LEU C 298 39.48 20.75 -37.95
CA LEU C 298 40.55 20.28 -37.07
C LEU C 298 40.47 21.06 -35.76
N ASP C 299 40.38 20.33 -34.65
CA ASP C 299 40.12 20.93 -33.35
C ASP C 299 41.20 20.51 -32.36
N PRO C 300 42.02 21.43 -31.85
CA PRO C 300 42.97 21.04 -30.79
C PRO C 300 42.25 20.55 -29.54
N ASP C 301 41.02 21.00 -29.31
CA ASP C 301 40.24 20.51 -28.19
C ASP C 301 40.02 19.00 -28.30
N MET C 302 39.66 18.53 -29.48
CA MET C 302 39.43 17.11 -29.68
C MET C 302 40.70 16.32 -29.49
N ASN C 303 40.58 15.20 -28.79
CA ASN C 303 41.68 14.26 -28.58
C ASN C 303 41.83 13.37 -29.81
N ASP C 304 42.48 12.24 -29.65
CA ASP C 304 42.63 11.22 -30.70
C ASP C 304 41.29 10.67 -31.18
N GLU C 305 40.23 11.21 -30.58
CA GLU C 305 38.85 10.96 -30.95
C GLU C 305 38.53 11.62 -32.29
N LEU C 306 37.66 10.97 -33.07
CA LEU C 306 37.23 11.46 -34.38
C LEU C 306 35.72 11.40 -34.48
N ARG C 307 35.11 12.47 -34.98
CA ARG C 307 33.66 12.57 -35.12
C ARG C 307 33.27 12.84 -36.56
N VAL C 308 32.20 12.20 -37.02
CA VAL C 308 31.67 12.40 -38.36
C VAL C 308 30.17 12.66 -38.25
N THR C 309 29.71 13.77 -38.80
CA THR C 309 28.30 14.15 -38.81
C THR C 309 27.80 14.16 -40.25
N VAL C 310 26.71 13.44 -40.52
CA VAL C 310 26.17 13.30 -41.86
C VAL C 310 24.72 13.76 -41.85
N VAL C 311 24.37 14.63 -42.80
CA VAL C 311 23.00 15.07 -43.01
C VAL C 311 22.63 14.75 -44.45
N ALA C 312 21.62 13.91 -44.64
CA ALA C 312 21.19 13.50 -45.97
C ALA C 312 19.69 13.76 -46.09
N THR C 313 19.29 14.48 -47.13
CA THR C 313 17.90 14.87 -47.32
C THR C 313 17.44 14.45 -48.71
N GLY C 314 16.17 14.76 -49.02
CA GLY C 314 15.61 14.51 -50.32
C GLY C 314 15.22 13.08 -50.59
N ILE C 315 15.27 12.22 -49.60
CA ILE C 315 14.99 10.80 -49.81
C ILE C 315 13.50 10.59 -50.04
N GLY C 316 13.18 9.70 -50.97
CA GLY C 316 11.81 9.30 -51.21
C GLY C 316 10.90 10.41 -51.71
N MET D 1 32.24 23.15 9.14
CA MET D 1 31.70 23.31 7.80
C MET D 1 31.21 21.98 7.24
N PHE D 2 29.95 21.94 6.84
CA PHE D 2 29.38 20.72 6.28
C PHE D 2 29.92 20.51 4.87
N GLU D 3 30.67 19.43 4.68
CA GLU D 3 31.34 19.23 3.41
C GLU D 3 30.90 17.92 2.76
N PRO D 4 30.73 17.90 1.44
CA PRO D 4 30.46 16.64 0.75
C PRO D 4 31.67 15.74 0.80
N MET D 5 31.43 14.44 0.71
CA MET D 5 32.52 13.49 0.79
C MET D 5 33.39 13.55 -0.47
N GLU D 6 34.63 13.09 -0.31
CA GLU D 6 35.57 12.96 -1.41
C GLU D 6 35.81 11.47 -1.65
N LEU D 7 35.26 10.96 -2.75
CA LEU D 7 35.33 9.54 -3.05
C LEU D 7 36.53 9.17 -3.90
N THR D 8 37.55 10.03 -3.93
CA THR D 8 38.74 9.81 -4.74
C THR D 8 39.89 9.36 -3.85
N ASN D 9 40.49 8.22 -4.18
CA ASN D 9 41.65 7.74 -3.45
C ASN D 9 42.83 8.68 -3.65
N ASP D 10 43.88 8.43 -2.89
CA ASP D 10 45.12 9.19 -2.99
C ASP D 10 46.21 8.27 -3.51
N ALA D 11 46.90 8.69 -4.56
CA ALA D 11 47.96 7.88 -5.15
C ALA D 11 49.15 8.76 -5.49
N VAL D 12 50.34 8.24 -5.27
CA VAL D 12 51.58 8.88 -5.67
C VAL D 12 52.18 8.05 -6.79
N ILE D 13 52.22 8.62 -7.99
CA ILE D 13 52.78 7.96 -9.16
C ILE D 13 53.81 8.89 -9.77
N LYS D 14 54.99 8.37 -10.05
CA LYS D 14 56.09 9.14 -10.59
C LYS D 14 56.51 8.59 -11.95
N VAL D 15 56.74 9.47 -12.90
CA VAL D 15 57.25 9.10 -14.22
C VAL D 15 58.60 9.76 -14.41
N ILE D 16 59.62 8.95 -14.68
CA ILE D 16 61.00 9.41 -14.77
C ILE D 16 61.50 9.16 -16.19
N GLY D 17 61.94 10.22 -16.86
CA GLY D 17 62.55 10.05 -18.16
C GLY D 17 64.07 10.06 -18.09
N VAL D 18 64.68 8.89 -18.16
CA VAL D 18 66.12 8.76 -18.00
C VAL D 18 66.79 8.77 -19.36
N GLY D 19 67.67 9.74 -19.59
CA GLY D 19 68.29 9.89 -20.88
C GLY D 19 67.44 10.67 -21.85
N GLY D 20 67.94 10.81 -23.07
CA GLY D 20 67.25 11.60 -24.07
C GLY D 20 65.91 10.99 -24.49
N GLY D 21 65.89 9.69 -24.74
CA GLY D 21 64.65 9.06 -25.17
C GLY D 21 63.58 9.09 -24.09
N GLY D 22 63.95 8.79 -22.86
CA GLY D 22 63.00 8.87 -21.77
C GLY D 22 62.52 10.29 -21.53
N GLY D 23 63.43 11.25 -21.61
CA GLY D 23 63.01 12.64 -21.48
C GLY D 23 62.02 13.04 -22.55
N ASN D 24 62.24 12.58 -23.78
CA ASN D 24 61.28 12.85 -24.84
C ASN D 24 59.92 12.23 -24.53
N ALA D 25 59.91 10.98 -24.08
CA ALA D 25 58.65 10.30 -23.80
C ALA D 25 57.89 10.99 -22.68
N VAL D 26 58.58 11.45 -21.65
CA VAL D 26 57.92 12.15 -20.55
C VAL D 26 57.43 13.52 -21.00
N GLU D 27 58.25 14.23 -21.79
CA GLU D 27 57.84 15.54 -22.29
C GLU D 27 56.59 15.44 -23.14
N HIS D 28 56.40 14.29 -23.80
CA HIS D 28 55.15 14.07 -24.54
C HIS D 28 53.94 14.19 -23.62
N MET D 29 53.95 13.47 -22.50
CA MET D 29 52.86 13.56 -21.55
C MET D 29 52.74 14.95 -20.96
N VAL D 30 53.86 15.61 -20.69
CA VAL D 30 53.81 16.97 -20.16
C VAL D 30 53.06 17.88 -21.13
N ARG D 31 53.40 17.82 -22.41
CA ARG D 31 52.72 18.64 -23.40
C ARG D 31 51.27 18.24 -23.60
N GLU D 32 50.91 16.99 -23.33
CA GLU D 32 49.53 16.55 -23.46
C GLU D 32 48.70 16.83 -22.21
N ARG D 33 49.28 17.39 -21.16
CA ARG D 33 48.56 17.85 -19.97
C ARG D 33 47.80 16.71 -19.28
N ILE D 34 48.56 15.75 -18.77
CA ILE D 34 48.00 14.69 -17.93
C ILE D 34 48.17 15.06 -16.47
N GLU D 35 47.06 15.06 -15.73
CA GLU D 35 47.04 15.50 -14.35
C GLU D 35 47.27 14.33 -13.38
N GLY D 36 47.60 14.68 -12.15
CA GLY D 36 47.70 13.71 -11.08
C GLY D 36 48.99 12.93 -11.04
N VAL D 37 49.95 13.23 -11.90
CA VAL D 37 51.18 12.47 -12.02
C VAL D 37 52.36 13.44 -11.90
N GLU D 38 53.40 13.02 -11.19
CA GLU D 38 54.62 13.81 -11.06
C GLU D 38 55.56 13.48 -12.20
N PHE D 39 56.06 14.52 -12.88
CA PHE D 39 56.95 14.37 -14.02
C PHE D 39 58.40 14.64 -13.59
N PHE D 40 59.33 13.92 -14.21
CA PHE D 40 60.75 14.07 -13.91
C PHE D 40 61.57 13.86 -15.17
N ALA D 41 62.79 14.39 -15.15
CA ALA D 41 63.75 14.20 -16.23
C ALA D 41 65.14 14.01 -15.63
N VAL D 42 65.70 12.82 -15.78
CA VAL D 42 67.01 12.47 -15.24
C VAL D 42 67.95 12.26 -16.40
N ASN D 43 69.08 12.95 -16.40
CA ASN D 43 69.98 12.90 -17.54
C ASN D 43 71.38 13.29 -17.12
N THR D 44 72.33 13.00 -18.00
CA THR D 44 73.69 13.50 -17.87
C THR D 44 73.94 14.73 -18.74
N ASP D 45 73.09 14.95 -19.74
CA ASP D 45 73.29 16.02 -20.72
C ASP D 45 72.60 17.28 -20.21
N ALA D 46 73.38 18.30 -19.89
CA ALA D 46 72.81 19.55 -19.42
C ALA D 46 71.95 20.21 -20.49
N GLN D 47 72.38 20.15 -21.75
CA GLN D 47 71.64 20.79 -22.82
C GLN D 47 70.27 20.15 -23.01
N ALA D 48 70.21 18.82 -22.97
CA ALA D 48 68.93 18.13 -23.10
C ALA D 48 68.00 18.45 -21.94
N LEU D 49 68.54 18.54 -20.73
CA LEU D 49 67.73 18.91 -19.58
C LEU D 49 67.20 20.33 -19.72
N ARG D 50 68.04 21.25 -20.18
CA ARG D 50 67.61 22.63 -20.36
C ARG D 50 66.62 22.78 -21.51
N LYS D 51 66.60 21.84 -22.44
CA LYS D 51 65.70 21.96 -23.59
C LYS D 51 64.32 21.38 -23.34
N THR D 52 64.21 20.32 -22.55
CA THR D 52 62.94 19.63 -22.37
C THR D 52 61.92 20.54 -21.69
N ALA D 53 60.64 20.29 -21.98
CA ALA D 53 59.56 20.99 -21.31
C ALA D 53 59.23 20.38 -19.95
N VAL D 54 59.91 19.29 -19.57
CA VAL D 54 59.73 18.72 -18.24
C VAL D 54 60.23 19.72 -17.21
N GLY D 55 59.38 20.03 -16.23
CA GLY D 55 59.74 21.02 -15.22
C GLY D 55 60.86 20.57 -14.31
N GLN D 56 60.58 19.57 -13.48
CA GLN D 56 61.60 19.08 -12.56
C GLN D 56 62.65 18.30 -13.33
N THR D 57 63.92 18.63 -13.10
CA THR D 57 65.04 17.95 -13.72
C THR D 57 66.02 17.49 -12.65
N ILE D 58 66.74 16.42 -12.92
CA ILE D 58 67.75 15.88 -12.02
C ILE D 58 68.98 15.55 -12.85
N GLN D 59 69.94 16.47 -12.88
CA GLN D 59 71.19 16.24 -13.59
C GLN D 59 72.08 15.29 -12.80
N ILE D 60 72.34 14.12 -13.34
CA ILE D 60 73.16 13.12 -12.66
C ILE D 60 74.58 13.17 -13.21
N GLY D 61 75.53 12.78 -12.38
CA GLY D 61 76.91 12.64 -12.82
C GLY D 61 77.54 13.93 -13.31
N SER D 62 77.27 15.04 -12.64
CA SER D 62 77.88 16.30 -13.04
C SER D 62 79.37 16.33 -12.77
N GLY D 63 79.87 15.46 -11.91
CA GLY D 63 81.28 15.38 -11.62
C GLY D 63 82.05 14.36 -12.41
N ILE D 64 81.41 13.66 -13.34
CA ILE D 64 82.09 12.65 -14.14
C ILE D 64 82.00 13.02 -15.61
N THR D 65 80.94 13.72 -16.00
CA THR D 65 80.75 14.14 -17.38
C THR D 65 80.73 15.66 -17.56
N LYS D 66 80.67 16.42 -16.47
CA LYS D 66 80.69 17.88 -16.52
C LYS D 66 79.58 18.42 -17.42
N GLY D 67 78.42 17.78 -17.39
CA GLY D 67 77.28 18.25 -18.15
C GLY D 67 77.18 17.74 -19.57
N LEU D 68 77.93 16.71 -19.93
CA LEU D 68 77.86 16.11 -21.25
C LEU D 68 77.21 14.74 -21.17
N GLY D 69 76.74 14.25 -22.29
CA GLY D 69 76.15 12.93 -22.33
C GLY D 69 77.17 11.85 -22.10
N ALA D 70 76.68 10.65 -21.80
CA ALA D 70 77.57 9.55 -21.49
C ALA D 70 78.37 9.07 -22.70
N GLY D 71 78.03 9.52 -23.90
CA GLY D 71 78.78 9.13 -25.08
C GLY D 71 78.67 7.66 -25.43
N ALA D 72 77.48 7.09 -25.37
CA ALA D 72 77.22 5.71 -25.76
C ALA D 72 78.01 4.72 -24.91
N ASN D 73 78.30 5.09 -23.67
CA ASN D 73 79.00 4.21 -22.75
C ASN D 73 78.09 3.83 -21.59
N PRO D 74 77.57 2.60 -21.54
CA PRO D 74 76.72 2.22 -20.40
C PRO D 74 77.42 2.33 -19.06
N GLU D 75 78.73 2.06 -19.02
CA GLU D 75 79.46 2.16 -17.77
C GLU D 75 79.46 3.57 -17.23
N VAL D 76 79.63 4.56 -18.12
CA VAL D 76 79.61 5.95 -17.68
C VAL D 76 78.23 6.31 -17.12
N GLY D 77 77.17 5.84 -17.76
CA GLY D 77 75.84 6.09 -17.25
C GLY D 77 75.62 5.47 -15.88
N ARG D 78 76.05 4.23 -15.70
CA ARG D 78 75.90 3.59 -14.40
C ARG D 78 76.69 4.33 -13.32
N ASN D 79 77.92 4.75 -13.65
CA ASN D 79 78.72 5.49 -12.68
C ASN D 79 78.08 6.84 -12.35
N ALA D 80 77.54 7.53 -13.35
CA ALA D 80 76.89 8.81 -13.10
C ALA D 80 75.62 8.64 -12.28
N ALA D 81 74.93 7.51 -12.44
CA ALA D 81 73.77 7.24 -11.60
C ALA D 81 74.19 6.94 -10.17
N ASP D 82 75.25 6.16 -10.01
CA ASP D 82 75.72 5.81 -8.67
C ASP D 82 76.24 7.03 -7.93
N GLU D 83 76.81 8.00 -8.65
CA GLU D 83 77.33 9.19 -7.99
C GLU D 83 76.21 9.99 -7.32
N ASP D 84 75.07 10.13 -8.00
CA ASP D 84 73.98 10.98 -7.53
C ASP D 84 72.77 10.16 -7.09
N ARG D 85 73.02 9.02 -6.44
CA ARG D 85 71.93 8.17 -5.99
C ARG D 85 71.07 8.86 -4.94
N GLU D 86 71.65 9.79 -4.17
CA GLU D 86 70.88 10.47 -3.14
C GLU D 86 69.82 11.39 -3.75
N ALA D 87 70.15 12.08 -4.84
CA ALA D 87 69.15 12.92 -5.48
C ALA D 87 68.00 12.09 -6.02
N LEU D 88 68.30 10.94 -6.63
CA LEU D 88 67.26 10.05 -7.11
C LEU D 88 66.40 9.55 -5.95
N ARG D 89 67.02 9.16 -4.84
CA ARG D 89 66.26 8.68 -3.69
C ARG D 89 65.36 9.78 -3.14
N ALA D 90 65.89 11.00 -3.03
CA ALA D 90 65.11 12.09 -2.48
C ALA D 90 63.93 12.45 -3.38
N ALA D 91 64.14 12.46 -4.69
CA ALA D 91 63.04 12.82 -5.59
C ALA D 91 62.03 11.70 -5.73
N LEU D 92 62.47 10.45 -5.59
CA LEU D 92 61.63 9.27 -5.78
C LEU D 92 61.05 8.75 -4.48
N ASP D 93 61.35 9.37 -3.35
CA ASP D 93 60.86 8.90 -2.07
C ASP D 93 59.38 9.21 -1.90
N GLY D 94 58.71 8.39 -1.09
CA GLY D 94 57.30 8.56 -0.82
C GLY D 94 56.41 8.34 -2.02
N ALA D 95 56.67 7.29 -2.80
CA ALA D 95 55.91 7.00 -4.01
C ALA D 95 55.31 5.62 -3.94
N ASP D 96 54.06 5.50 -4.39
CA ASP D 96 53.40 4.21 -4.45
C ASP D 96 53.94 3.36 -5.60
N MET D 97 54.14 3.98 -6.76
CA MET D 97 54.58 3.25 -7.94
C MET D 97 55.16 4.24 -8.93
N VAL D 98 56.25 3.85 -9.59
CA VAL D 98 56.96 4.72 -10.50
C VAL D 98 56.92 4.12 -11.90
N PHE D 99 57.01 5.00 -12.90
CA PHE D 99 57.10 4.60 -14.30
C PHE D 99 58.40 5.16 -14.87
N ILE D 100 59.35 4.28 -15.15
CA ILE D 100 60.66 4.68 -15.64
C ILE D 100 60.69 4.52 -17.15
N ALA D 101 60.98 5.61 -17.86
CA ALA D 101 61.02 5.62 -19.31
C ALA D 101 62.45 5.88 -19.77
N ALA D 102 62.93 5.05 -20.69
CA ALA D 102 64.31 5.20 -21.18
C ALA D 102 64.45 4.50 -22.52
N GLY D 103 64.96 5.22 -23.51
CA GLY D 103 65.32 4.62 -24.77
C GLY D 103 66.68 3.97 -24.64
N MET D 104 66.74 2.66 -24.85
CA MET D 104 67.91 1.90 -24.44
C MET D 104 68.81 1.58 -25.62
N GLY D 105 70.10 1.54 -25.37
CA GLY D 105 71.09 1.30 -26.40
C GLY D 105 72.27 2.23 -26.27
N GLY D 106 72.03 3.39 -25.67
CA GLY D 106 73.06 4.40 -25.48
C GLY D 106 73.80 4.21 -24.17
N GLY D 107 74.34 5.31 -23.66
CA GLY D 107 75.11 5.25 -22.44
C GLY D 107 74.34 5.64 -21.20
N THR D 108 73.60 6.74 -21.27
CA THR D 108 72.90 7.24 -20.09
C THR D 108 71.74 6.34 -19.70
N GLY D 109 70.78 6.16 -20.62
CA GLY D 109 69.61 5.37 -20.30
C GLY D 109 69.94 3.93 -19.99
N THR D 110 70.77 3.31 -20.84
CA THR D 110 71.02 1.88 -20.71
C THR D 110 71.65 1.54 -19.37
N GLY D 111 72.61 2.32 -18.91
CA GLY D 111 73.28 2.02 -17.67
C GLY D 111 72.68 2.70 -16.46
N ALA D 112 71.78 3.64 -16.68
CA ALA D 112 71.22 4.41 -15.59
C ALA D 112 69.83 3.96 -15.17
N ALA D 113 69.04 3.39 -16.08
CA ALA D 113 67.74 2.88 -15.69
C ALA D 113 67.81 1.78 -14.65
N PRO D 114 68.72 0.79 -14.75
CA PRO D 114 68.81 -0.20 -13.67
C PRO D 114 69.11 0.40 -12.32
N VAL D 115 69.89 1.48 -12.25
CA VAL D 115 70.20 2.07 -10.95
C VAL D 115 68.97 2.74 -10.36
N VAL D 116 68.18 3.45 -11.19
CA VAL D 116 66.96 4.06 -10.69
C VAL D 116 65.96 2.99 -10.26
N ALA D 117 65.87 1.91 -11.03
CA ALA D 117 65.00 0.80 -10.65
C ALA D 117 65.44 0.19 -9.34
N GLU D 118 66.76 0.05 -9.14
CA GLU D 118 67.27 -0.48 -7.88
C GLU D 118 66.94 0.45 -6.73
N VAL D 119 67.05 1.75 -6.95
CA VAL D 119 66.69 2.71 -5.92
C VAL D 119 65.23 2.53 -5.53
N ALA D 120 64.35 2.41 -6.53
CA ALA D 120 62.93 2.24 -6.24
C ALA D 120 62.67 0.94 -5.49
N LYS D 121 63.28 -0.16 -5.93
CA LYS D 121 63.03 -1.45 -5.29
C LYS D 121 63.54 -1.47 -3.86
N ASP D 122 64.72 -0.90 -3.62
CA ASP D 122 65.21 -0.79 -2.25
C ASP D 122 64.30 0.08 -1.41
N LEU D 123 63.78 1.16 -1.98
CA LEU D 123 62.84 1.99 -1.25
C LEU D 123 61.51 1.27 -1.02
N GLY D 124 61.22 0.25 -1.81
CA GLY D 124 59.99 -0.50 -1.64
C GLY D 124 58.85 0.09 -2.45
N ILE D 125 59.12 0.41 -3.70
CA ILE D 125 58.15 1.03 -4.58
C ILE D 125 57.92 0.11 -5.78
N LEU D 126 56.66 -0.19 -6.04
CA LEU D 126 56.30 -0.92 -7.25
C LEU D 126 56.79 -0.17 -8.47
N THR D 127 57.44 -0.88 -9.39
CA THR D 127 58.13 -0.24 -10.51
C THR D 127 57.65 -0.81 -11.82
N VAL D 128 57.42 0.08 -12.79
CA VAL D 128 57.11 -0.28 -14.17
C VAL D 128 58.07 0.47 -15.08
N ALA D 129 58.76 -0.26 -15.94
CA ALA D 129 59.75 0.33 -16.85
C ALA D 129 59.27 0.21 -18.28
N VAL D 130 59.21 1.33 -18.98
CA VAL D 130 58.81 1.38 -20.38
C VAL D 130 60.02 1.83 -21.18
N VAL D 131 60.54 0.93 -22.03
CA VAL D 131 61.79 1.17 -22.74
C VAL D 131 61.59 0.86 -24.21
N THR D 132 62.46 1.44 -25.04
CA THR D 132 62.45 1.24 -26.48
C THR D 132 63.77 0.65 -26.94
N LYS D 133 63.70 -0.33 -27.82
CA LYS D 133 64.89 -0.87 -28.45
C LYS D 133 65.42 0.12 -29.49
N PRO D 134 66.66 -0.03 -29.91
CA PRO D 134 67.18 0.80 -31.01
C PRO D 134 66.60 0.36 -32.35
N PHE D 135 66.77 1.23 -33.33
CA PHE D 135 66.39 0.91 -34.70
C PHE D 135 67.32 -0.16 -35.26
N ASN D 136 66.88 -0.78 -36.35
CA ASN D 136 67.72 -1.81 -36.98
C ASN D 136 69.00 -1.21 -37.53
N PHE D 137 68.93 -0.02 -38.13
CA PHE D 137 70.09 0.55 -38.79
C PHE D 137 71.09 1.16 -37.82
N GLU D 138 70.78 1.21 -36.53
CA GLU D 138 71.69 1.80 -35.58
C GLU D 138 72.86 0.89 -35.24
N GLY D 139 72.85 -0.35 -35.71
CA GLY D 139 74.00 -1.22 -35.56
C GLY D 139 73.70 -2.40 -34.65
N LYS D 140 74.58 -3.40 -34.72
CA LYS D 140 74.49 -4.56 -33.86
C LYS D 140 74.99 -4.26 -32.46
N LYS D 141 76.00 -3.39 -32.34
CA LYS D 141 76.54 -3.05 -31.03
C LYS D 141 75.54 -2.27 -30.20
N ARG D 142 74.81 -1.35 -30.82
CA ARG D 142 73.78 -0.60 -30.09
C ARG D 142 72.71 -1.52 -29.56
N MET D 143 72.27 -2.47 -30.38
CA MET D 143 71.25 -3.43 -29.93
C MET D 143 71.80 -4.33 -28.83
N ALA D 144 73.07 -4.73 -28.94
CA ALA D 144 73.66 -5.56 -27.89
C ALA D 144 73.70 -4.82 -26.56
N PHE D 145 74.12 -3.56 -26.58
CA PHE D 145 74.12 -2.77 -25.36
C PHE D 145 72.71 -2.63 -24.79
N ALA D 146 71.73 -2.40 -25.67
CA ALA D 146 70.36 -2.28 -25.19
C ALA D 146 69.86 -3.58 -24.57
N GLU D 147 70.19 -4.72 -25.17
CA GLU D 147 69.74 -6.01 -24.64
C GLU D 147 70.39 -6.30 -23.29
N GLN D 148 71.68 -6.02 -23.15
CA GLN D 148 72.33 -6.18 -21.85
C GLN D 148 71.70 -5.26 -20.82
N GLY D 149 71.40 -4.02 -21.21
CA GLY D 149 70.75 -3.11 -20.29
C GLY D 149 69.37 -3.58 -19.87
N ILE D 150 68.61 -4.17 -20.80
CA ILE D 150 67.29 -4.68 -20.45
C ILE D 150 67.41 -5.87 -19.51
N THR D 151 68.41 -6.72 -19.74
CA THR D 151 68.64 -7.82 -18.81
C THR D 151 68.94 -7.30 -17.41
N GLU D 152 69.75 -6.26 -17.31
CA GLU D 152 70.01 -5.66 -16.01
C GLU D 152 68.76 -5.02 -15.43
N LEU D 153 67.97 -4.36 -16.26
CA LEU D 153 66.78 -3.66 -15.80
C LEU D 153 65.72 -4.64 -15.29
N SER D 154 65.68 -5.84 -15.84
CA SER D 154 64.70 -6.83 -15.43
C SER D 154 64.90 -7.26 -13.98
N LYS D 155 66.08 -7.04 -13.41
CA LYS D 155 66.35 -7.49 -12.06
C LYS D 155 65.72 -6.61 -10.99
N HIS D 156 65.36 -5.38 -11.32
CA HIS D 156 64.91 -4.42 -10.31
C HIS D 156 63.55 -3.80 -10.61
N VAL D 157 62.81 -4.31 -11.59
CA VAL D 157 61.48 -3.79 -11.88
C VAL D 157 60.47 -4.92 -11.67
N ASP D 158 59.21 -4.54 -11.51
CA ASP D 158 58.15 -5.52 -11.34
C ASP D 158 57.49 -5.89 -12.65
N SER D 159 57.28 -4.92 -13.54
CA SER D 159 56.76 -5.18 -14.86
C SER D 159 57.48 -4.30 -15.86
N LEU D 160 57.84 -4.88 -17.01
CA LEU D 160 58.65 -4.21 -18.01
C LEU D 160 57.91 -4.20 -19.35
N ILE D 161 57.84 -3.04 -19.98
CA ILE D 161 57.23 -2.89 -21.30
C ILE D 161 58.31 -2.51 -22.28
N THR D 162 58.43 -3.26 -23.36
CA THR D 162 59.45 -3.05 -24.37
C THR D 162 58.80 -2.71 -25.70
N ILE D 163 59.23 -1.60 -26.29
CA ILE D 163 58.73 -1.15 -27.59
C ILE D 163 59.84 -1.25 -28.61
N PRO D 164 59.81 -2.23 -29.53
CA PRO D 164 60.81 -2.26 -30.60
C PRO D 164 60.66 -1.03 -31.48
N ASN D 165 61.73 -0.26 -31.61
CA ASN D 165 61.66 0.95 -32.40
C ASN D 165 61.56 0.65 -33.89
N ASP D 166 61.79 -0.60 -34.29
CA ASP D 166 61.67 -1.00 -35.69
C ASP D 166 60.24 -1.25 -36.12
N LYS D 167 59.30 -1.35 -35.18
CA LYS D 167 57.90 -1.53 -35.54
C LYS D 167 57.24 -0.24 -35.97
N LEU D 168 57.85 0.91 -35.68
CA LEU D 168 57.35 2.17 -36.22
C LEU D 168 57.42 2.18 -37.73
N LEU D 169 58.48 1.61 -38.30
CA LEU D 169 58.65 1.58 -39.74
C LEU D 169 57.65 0.66 -40.41
N LYS D 170 57.16 -0.35 -39.70
CA LYS D 170 56.27 -1.35 -40.29
C LYS D 170 54.80 -1.05 -40.06
N VAL D 171 54.44 -0.47 -38.93
CA VAL D 171 53.05 -0.26 -38.58
C VAL D 171 52.51 1.06 -39.13
N LEU D 172 53.27 2.13 -39.00
CA LEU D 172 52.74 3.46 -39.23
C LEU D 172 52.55 3.79 -40.71
N GLY D 173 53.37 3.24 -41.59
CA GLY D 173 53.18 3.53 -43.00
C GLY D 173 53.95 4.75 -43.45
N ARG D 174 54.44 4.67 -44.69
CA ARG D 174 55.32 5.71 -45.21
C ARG D 174 54.56 7.03 -45.34
N GLY D 175 55.32 8.12 -45.29
CA GLY D 175 54.75 9.44 -45.26
C GLY D 175 54.46 9.97 -43.89
N ILE D 176 54.57 9.14 -42.85
CA ILE D 176 54.36 9.60 -41.49
C ILE D 176 55.53 10.46 -41.05
N SER D 177 55.23 11.56 -40.38
CA SER D 177 56.28 12.44 -39.89
C SER D 177 57.05 11.78 -38.76
N LEU D 178 58.31 12.20 -38.58
CA LEU D 178 59.09 11.67 -37.48
C LEU D 178 58.47 12.05 -36.14
N LEU D 179 57.96 13.26 -36.03
CA LEU D 179 57.32 13.68 -34.79
C LEU D 179 56.12 12.80 -34.47
N ASP D 180 55.28 12.53 -35.48
CA ASP D 180 54.11 11.69 -35.24
C ASP D 180 54.48 10.23 -35.02
N ALA D 181 55.52 9.75 -35.70
CA ALA D 181 55.98 8.39 -35.47
C ALA D 181 56.48 8.21 -34.04
N PHE D 182 57.21 9.19 -33.53
CA PHE D 182 57.66 9.15 -32.14
C PHE D 182 56.50 9.34 -31.17
N GLY D 183 55.52 10.17 -31.52
CA GLY D 183 54.36 10.34 -30.66
C GLY D 183 53.55 9.07 -30.54
N ALA D 184 53.48 8.29 -31.61
CA ALA D 184 52.80 7.00 -31.53
C ALA D 184 53.46 6.10 -30.49
N ALA D 185 54.79 6.10 -30.44
CA ALA D 185 55.48 5.31 -29.42
C ALA D 185 55.27 5.89 -28.03
N ASN D 186 55.30 7.21 -27.90
CA ASN D 186 55.11 7.85 -26.60
C ASN D 186 53.72 7.58 -26.03
N ASP D 187 52.72 7.39 -26.90
CA ASP D 187 51.38 7.13 -26.44
C ASP D 187 51.25 5.82 -25.68
N VAL D 188 52.17 4.87 -25.86
CA VAL D 188 52.13 3.65 -25.07
C VAL D 188 52.33 3.97 -23.59
N LEU D 189 53.39 4.71 -23.27
CA LEU D 189 53.62 5.12 -21.89
C LEU D 189 52.52 6.04 -21.39
N LYS D 190 52.06 6.97 -22.24
CA LYS D 190 50.99 7.87 -21.80
C LYS D 190 49.73 7.09 -21.45
N GLY D 191 49.33 6.15 -22.30
CA GLY D 191 48.14 5.38 -22.03
C GLY D 191 48.28 4.51 -20.80
N ALA D 192 49.44 3.88 -20.63
CA ALA D 192 49.67 3.08 -19.43
C ALA D 192 49.52 3.93 -18.17
N VAL D 193 50.20 5.07 -18.13
CA VAL D 193 50.18 5.91 -16.94
C VAL D 193 48.77 6.41 -16.66
N GLN D 194 48.10 6.95 -17.68
CA GLN D 194 46.77 7.51 -17.48
C GLN D 194 45.76 6.45 -17.08
N GLY D 195 45.83 5.27 -17.70
CA GLY D 195 44.90 4.22 -17.33
C GLY D 195 45.11 3.73 -15.91
N ILE D 196 46.37 3.55 -15.51
CA ILE D 196 46.63 3.09 -14.15
C ILE D 196 46.17 4.13 -13.14
N ALA D 197 46.45 5.42 -13.40
CA ALA D 197 46.01 6.45 -12.47
C ALA D 197 44.50 6.49 -12.35
N GLU D 198 43.81 6.43 -13.49
CA GLU D 198 42.35 6.47 -13.48
C GLU D 198 41.78 5.28 -12.71
N LEU D 199 42.38 4.11 -12.90
CA LEU D 199 41.93 2.92 -12.19
C LEU D 199 42.15 3.06 -10.68
N ILE D 200 43.31 3.57 -10.27
CA ILE D 200 43.63 3.61 -8.86
C ILE D 200 42.76 4.63 -8.13
N THR D 201 42.59 5.82 -8.71
CA THR D 201 41.93 6.86 -7.93
C THR D 201 40.40 6.77 -7.98
N ARG D 202 39.83 6.74 -9.17
CA ARG D 202 38.38 6.83 -9.31
C ARG D 202 37.69 5.61 -8.71
N PRO D 203 36.55 5.79 -8.05
CA PRO D 203 35.85 4.64 -7.45
C PRO D 203 35.13 3.80 -8.48
N GLY D 204 34.34 2.83 -8.02
CA GLY D 204 33.59 2.01 -8.94
C GLY D 204 32.54 1.19 -8.23
N LEU D 205 31.58 0.70 -9.01
CA LEU D 205 30.57 -0.20 -8.48
C LEU D 205 31.22 -1.50 -8.00
N MET D 206 32.12 -2.06 -8.80
CA MET D 206 32.92 -3.22 -8.43
C MET D 206 34.36 -2.72 -8.27
N ASN D 207 34.68 -2.24 -7.08
CA ASN D 207 35.87 -1.43 -6.90
C ASN D 207 37.14 -2.25 -7.08
N VAL D 208 38.06 -1.73 -7.88
CA VAL D 208 39.41 -2.25 -7.99
C VAL D 208 40.36 -1.14 -7.59
N ASP D 209 41.32 -1.47 -6.72
CA ASP D 209 42.13 -0.41 -6.11
C ASP D 209 43.61 -0.74 -6.20
N PHE D 210 44.43 0.02 -5.46
CA PHE D 210 45.88 -0.16 -5.52
C PHE D 210 46.30 -1.55 -5.09
N ALA D 211 45.55 -2.18 -4.20
CA ALA D 211 45.91 -3.53 -3.76
C ALA D 211 45.80 -4.53 -4.90
N ASP D 212 44.78 -4.39 -5.74
CA ASP D 212 44.66 -5.24 -6.91
C ASP D 212 45.83 -5.02 -7.86
N VAL D 213 46.25 -3.77 -8.04
CA VAL D 213 47.40 -3.47 -8.87
C VAL D 213 48.65 -4.16 -8.31
N ARG D 214 48.83 -4.08 -6.99
CA ARG D 214 49.98 -4.70 -6.37
C ARG D 214 49.96 -6.21 -6.51
N THR D 215 48.79 -6.83 -6.37
CA THR D 215 48.73 -8.29 -6.42
C THR D 215 48.82 -8.82 -7.84
N VAL D 216 48.45 -8.03 -8.84
CA VAL D 216 48.63 -8.49 -10.21
C VAL D 216 50.04 -8.24 -10.72
N MET D 217 50.76 -7.28 -10.14
CA MET D 217 52.13 -7.00 -10.53
C MET D 217 53.13 -7.49 -9.50
N SER D 218 52.73 -8.46 -8.68
CA SER D 218 53.61 -9.05 -7.68
C SER D 218 54.50 -10.15 -8.26
N GLU D 219 54.66 -10.20 -9.58
CA GLU D 219 55.50 -11.20 -10.20
C GLU D 219 56.22 -10.62 -11.41
N MET D 220 57.50 -10.91 -11.50
CA MET D 220 58.32 -10.40 -12.59
C MET D 220 57.81 -10.91 -13.94
N GLY D 221 57.89 -10.04 -14.94
CA GLY D 221 57.57 -10.44 -16.30
C GLY D 221 57.26 -9.23 -17.15
N TYR D 222 57.08 -9.50 -18.44
CA TYR D 222 56.63 -8.47 -19.36
C TYR D 222 55.19 -8.08 -19.05
N ALA D 223 54.78 -6.93 -19.55
CA ALA D 223 53.44 -6.45 -19.27
C ALA D 223 52.94 -5.64 -20.44
N MET D 224 51.62 -5.51 -20.53
CA MET D 224 50.97 -4.61 -21.46
C MET D 224 49.89 -3.84 -20.72
N MET D 225 49.83 -2.54 -20.96
CA MET D 225 48.84 -1.68 -20.34
C MET D 225 48.30 -0.72 -21.39
N GLY D 226 47.01 -0.46 -21.34
CA GLY D 226 46.40 0.44 -22.29
C GLY D 226 44.92 0.53 -22.04
N SER D 227 44.27 1.37 -22.84
CA SER D 227 42.83 1.58 -22.72
C SER D 227 42.22 1.68 -24.09
N GLY D 228 40.94 1.37 -24.16
CA GLY D 228 40.17 1.53 -25.38
C GLY D 228 38.84 2.20 -25.09
N VAL D 229 38.41 3.06 -26.01
CA VAL D 229 37.17 3.79 -25.86
C VAL D 229 36.34 3.62 -27.13
N ALA D 230 35.05 3.37 -26.97
CA ALA D 230 34.18 3.17 -28.12
C ALA D 230 32.78 3.69 -27.82
N SER D 231 31.99 3.85 -28.88
CA SER D 231 30.60 4.26 -28.78
C SER D 231 29.79 3.43 -29.77
N GLY D 232 28.49 3.66 -29.78
CA GLY D 232 27.64 3.00 -30.74
C GLY D 232 27.12 1.67 -30.25
N GLU D 233 26.64 0.86 -31.20
CA GLU D 233 26.00 -0.40 -30.86
C GLU D 233 27.01 -1.42 -30.36
N ASP D 234 28.18 -1.49 -31.00
CA ASP D 234 29.21 -2.46 -30.65
C ASP D 234 30.29 -1.85 -29.77
N ARG D 235 29.92 -0.93 -28.88
CA ARG D 235 30.91 -0.21 -28.10
C ARG D 235 31.68 -1.14 -27.17
N ALA D 236 31.02 -2.13 -26.58
CA ALA D 236 31.71 -3.02 -25.65
C ALA D 236 32.78 -3.84 -26.35
N GLU D 237 32.42 -4.51 -27.44
CA GLU D 237 33.38 -5.33 -28.16
C GLU D 237 34.52 -4.51 -28.73
N GLU D 238 34.19 -3.36 -29.34
CA GLU D 238 35.22 -2.51 -29.92
C GLU D 238 36.20 -2.00 -28.86
N ALA D 239 35.66 -1.52 -27.73
CA ALA D 239 36.53 -1.01 -26.68
C ALA D 239 37.39 -2.13 -26.09
N ALA D 240 36.82 -3.30 -25.88
CA ALA D 240 37.58 -4.40 -25.31
C ALA D 240 38.70 -4.85 -26.24
N GLU D 241 38.41 -4.96 -27.54
CA GLU D 241 39.45 -5.41 -28.46
C GLU D 241 40.48 -4.31 -28.73
N MET D 242 40.10 -3.05 -28.55
CA MET D 242 41.06 -1.97 -28.66
C MET D 242 41.95 -1.86 -27.43
N ALA D 243 41.46 -2.28 -26.26
CA ALA D 243 42.27 -2.21 -25.07
C ALA D 243 43.41 -3.20 -25.08
N ILE D 244 43.21 -4.37 -25.69
CA ILE D 244 44.22 -5.41 -25.71
C ILE D 244 44.95 -5.47 -27.06
N SER D 245 44.95 -4.38 -27.81
CA SER D 245 45.67 -4.31 -29.07
C SER D 245 46.91 -3.44 -28.86
N SER D 246 48.07 -4.01 -29.16
CA SER D 246 49.35 -3.33 -28.98
C SER D 246 50.15 -3.48 -30.27
N PRO D 247 49.84 -2.67 -31.29
CA PRO D 247 50.59 -2.79 -32.55
C PRO D 247 52.07 -2.51 -32.41
N LEU D 248 52.45 -1.59 -31.54
CA LEU D 248 53.84 -1.18 -31.42
C LEU D 248 54.63 -1.98 -30.41
N LEU D 249 53.98 -2.81 -29.61
CA LEU D 249 54.71 -3.59 -28.63
C LEU D 249 55.40 -4.76 -29.29
N GLU D 250 56.39 -5.31 -28.58
CA GLU D 250 57.08 -6.49 -29.08
C GLU D 250 56.10 -7.66 -29.16
N ASP D 251 56.38 -8.58 -30.07
CA ASP D 251 55.48 -9.72 -30.28
C ASP D 251 55.23 -10.40 -28.94
N ILE D 252 53.99 -10.35 -28.46
CA ILE D 252 53.67 -10.72 -27.09
C ILE D 252 52.57 -11.76 -27.11
N ASP D 253 52.54 -12.59 -26.08
CA ASP D 253 51.57 -13.67 -25.95
C ASP D 253 50.73 -13.40 -24.71
N LEU D 254 49.53 -12.87 -24.91
CA LEU D 254 48.67 -12.56 -23.77
C LEU D 254 48.24 -13.80 -23.02
N SER D 255 48.21 -14.96 -23.67
CA SER D 255 47.82 -16.19 -22.99
C SER D 255 48.79 -16.55 -21.88
N GLY D 256 50.03 -16.07 -21.97
CA GLY D 256 51.02 -16.32 -20.95
C GLY D 256 50.95 -15.39 -19.76
N ALA D 257 50.03 -14.44 -19.76
CA ALA D 257 49.91 -13.51 -18.64
C ALA D 257 49.43 -14.25 -17.40
N ARG D 258 50.05 -13.95 -16.27
CA ARG D 258 49.66 -14.55 -14.99
C ARG D 258 48.84 -13.61 -14.12
N GLY D 259 48.52 -12.42 -14.61
CA GLY D 259 47.66 -11.51 -13.89
C GLY D 259 46.98 -10.55 -14.82
N VAL D 260 45.66 -10.44 -14.75
CA VAL D 260 44.89 -9.58 -15.63
C VAL D 260 44.01 -8.69 -14.77
N LEU D 261 44.03 -7.40 -15.04
CA LEU D 261 43.23 -6.43 -14.30
C LEU D 261 42.45 -5.59 -15.30
N VAL D 262 41.12 -5.62 -15.19
CA VAL D 262 40.24 -4.97 -16.15
C VAL D 262 39.32 -4.01 -15.41
N ASN D 263 39.11 -2.84 -15.99
CA ASN D 263 38.17 -1.85 -15.46
C ASN D 263 37.29 -1.37 -16.60
N ILE D 264 35.97 -1.48 -16.42
CA ILE D 264 35.00 -1.00 -17.39
C ILE D 264 34.37 0.27 -16.85
N THR D 265 34.40 1.33 -17.63
CA THR D 265 33.81 2.61 -17.26
C THR D 265 32.79 3.00 -18.30
N ALA D 266 31.60 3.39 -17.87
CA ALA D 266 30.54 3.80 -18.77
C ALA D 266 29.48 4.55 -17.98
N GLY D 267 28.39 4.93 -18.64
CA GLY D 267 27.27 5.53 -17.97
C GLY D 267 26.36 4.50 -17.36
N PHE D 268 25.32 4.98 -16.69
CA PHE D 268 24.43 4.10 -15.96
C PHE D 268 23.63 3.16 -16.86
N ASP D 269 23.63 3.40 -18.16
CA ASP D 269 22.93 2.56 -19.11
C ASP D 269 23.75 1.36 -19.55
N LEU D 270 24.90 1.14 -18.93
CA LEU D 270 25.73 -0.02 -19.24
C LEU D 270 24.88 -1.29 -19.12
N ARG D 271 24.70 -1.98 -20.24
CA ARG D 271 23.89 -3.17 -20.22
C ARG D 271 24.69 -4.36 -19.70
N LEU D 272 23.96 -5.39 -19.25
CA LEU D 272 24.62 -6.56 -18.69
C LEU D 272 25.35 -7.35 -19.77
N ASP D 273 24.80 -7.40 -20.97
CA ASP D 273 25.47 -8.13 -22.05
C ASP D 273 26.76 -7.44 -22.47
N GLU D 274 26.84 -6.12 -22.33
CA GLU D 274 28.09 -5.43 -22.64
C GLU D 274 29.19 -5.80 -21.64
N PHE D 275 28.84 -5.83 -20.35
CA PHE D 275 29.77 -6.27 -19.33
C PHE D 275 30.18 -7.72 -19.57
N GLU D 276 29.23 -8.56 -19.98
CA GLU D 276 29.56 -9.94 -20.29
C GLU D 276 30.49 -10.06 -21.50
N THR D 277 30.28 -9.23 -22.52
CA THR D 277 31.14 -9.29 -23.70
C THR D 277 32.56 -8.84 -23.38
N VAL D 278 32.71 -7.81 -22.56
CA VAL D 278 34.05 -7.44 -22.12
C VAL D 278 34.69 -8.57 -21.34
N GLY D 279 33.92 -9.20 -20.43
CA GLY D 279 34.46 -10.31 -19.67
C GLY D 279 34.86 -11.48 -20.54
N ASN D 280 34.09 -11.76 -21.60
CA ASN D 280 34.43 -12.84 -22.51
C ASN D 280 35.66 -12.51 -23.33
N THR D 281 35.81 -11.25 -23.74
CA THR D 281 37.04 -10.85 -24.42
C THR D 281 38.25 -11.08 -23.53
N ILE D 282 38.12 -10.76 -22.24
CA ILE D 282 39.23 -10.99 -21.32
C ILE D 282 39.47 -12.48 -21.11
N ARG D 283 38.41 -13.26 -20.99
CA ARG D 283 38.54 -14.70 -20.81
C ARG D 283 39.12 -15.39 -22.03
N ALA D 284 39.04 -14.77 -23.19
CA ALA D 284 39.54 -15.39 -24.41
C ALA D 284 41.02 -15.73 -24.30
N PHE D 285 41.80 -14.90 -23.59
CA PHE D 285 43.24 -15.15 -23.47
C PHE D 285 43.69 -15.48 -22.06
N ALA D 286 42.92 -15.16 -21.03
CA ALA D 286 43.36 -15.38 -19.67
C ALA D 286 43.52 -16.87 -19.39
N SER D 287 44.62 -17.23 -18.75
CA SER D 287 44.91 -18.61 -18.42
C SER D 287 44.18 -19.02 -17.14
N ASP D 288 44.16 -20.33 -16.88
CA ASP D 288 43.45 -20.85 -15.73
C ASP D 288 44.14 -20.56 -14.40
N ASN D 289 45.45 -20.31 -14.42
CA ASN D 289 46.20 -20.01 -13.20
C ASN D 289 46.41 -18.52 -13.00
N ALA D 290 45.90 -17.69 -13.88
CA ALA D 290 46.06 -16.24 -13.77
C ALA D 290 45.01 -15.66 -12.83
N THR D 291 45.39 -14.62 -12.10
CA THR D 291 44.47 -13.91 -11.21
C THR D 291 43.80 -12.81 -12.01
N VAL D 292 42.53 -13.01 -12.35
CA VAL D 292 41.76 -12.07 -13.15
C VAL D 292 40.86 -11.29 -12.20
N VAL D 293 40.94 -9.96 -12.27
CA VAL D 293 40.08 -9.08 -11.48
C VAL D 293 39.36 -8.14 -12.44
N ILE D 294 38.04 -8.17 -12.41
CA ILE D 294 37.21 -7.36 -13.29
C ILE D 294 36.53 -6.29 -12.44
N GLY D 295 36.68 -5.04 -12.85
CA GLY D 295 36.09 -3.92 -12.15
C GLY D 295 35.16 -3.13 -13.05
N THR D 296 34.19 -2.47 -12.45
CA THR D 296 33.23 -1.65 -13.16
C THR D 296 33.08 -0.32 -12.45
N SER D 297 32.91 0.75 -13.23
CA SER D 297 32.76 2.10 -12.69
C SER D 297 31.73 2.84 -13.53
N LEU D 298 30.47 2.82 -13.09
CA LEU D 298 29.42 3.55 -13.79
C LEU D 298 29.53 5.03 -13.45
N ASP D 299 29.69 5.86 -14.46
CA ASP D 299 29.97 7.28 -14.28
C ASP D 299 28.96 8.11 -15.05
N PRO D 300 28.21 9.02 -14.41
CA PRO D 300 27.33 9.90 -15.17
C PRO D 300 28.07 10.83 -16.13
N ASP D 301 29.35 11.08 -15.90
CA ASP D 301 30.11 11.93 -16.81
C ASP D 301 30.21 11.30 -18.20
N MET D 302 30.47 10.01 -18.27
CA MET D 302 30.55 9.32 -19.55
C MET D 302 29.17 9.31 -20.17
N ASN D 303 28.98 10.07 -21.25
CA ASN D 303 27.64 10.25 -21.78
C ASN D 303 27.12 8.99 -22.45
N ASP D 304 27.76 8.58 -23.55
CA ASP D 304 27.37 7.39 -24.29
C ASP D 304 28.59 6.56 -24.65
N GLU D 305 29.70 6.82 -23.98
CA GLU D 305 30.99 6.23 -24.27
C GLU D 305 31.24 5.06 -23.32
N LEU D 306 32.02 4.10 -23.78
CA LEU D 306 32.45 2.98 -22.96
C LEU D 306 33.96 2.85 -23.03
N ARG D 307 34.62 2.84 -21.88
CA ARG D 307 36.07 2.73 -21.80
C ARG D 307 36.46 1.46 -21.08
N VAL D 308 37.43 0.75 -21.63
CA VAL D 308 37.94 -0.49 -21.04
C VAL D 308 39.44 -0.35 -20.85
N THR D 309 39.91 -0.55 -19.63
CA THR D 309 41.33 -0.47 -19.30
C THR D 309 41.79 -1.84 -18.87
N VAL D 310 42.84 -2.34 -19.52
CA VAL D 310 43.35 -3.69 -19.28
C VAL D 310 44.82 -3.59 -18.88
N VAL D 311 45.17 -4.24 -17.78
CA VAL D 311 46.56 -4.36 -17.33
C VAL D 311 46.87 -5.84 -17.21
N ALA D 312 47.82 -6.30 -18.01
CA ALA D 312 48.22 -7.71 -18.02
C ALA D 312 49.71 -7.80 -17.76
N THR D 313 50.09 -8.61 -16.78
CA THR D 313 51.48 -8.73 -16.37
C THR D 313 51.90 -10.20 -16.35
N GLY D 314 53.15 -10.44 -16.00
CA GLY D 314 53.68 -11.79 -15.86
C GLY D 314 53.97 -12.50 -17.16
N ILE D 315 53.90 -11.81 -18.29
CA ILE D 315 54.06 -12.46 -19.59
C ILE D 315 55.53 -12.83 -19.78
N GLY D 316 55.76 -14.05 -20.26
CA GLY D 316 57.10 -14.49 -20.61
C GLY D 316 58.09 -14.54 -19.46
N MET E 1 -1.89 6.44 32.20
CA MET E 1 -2.62 6.67 30.96
C MET E 1 -3.17 5.35 30.41
N PHE E 2 -4.43 5.36 29.99
CA PHE E 2 -5.06 4.17 29.43
C PHE E 2 -4.54 3.98 28.01
N GLU E 3 -3.71 2.96 27.79
CA GLU E 3 -3.09 2.81 26.49
C GLU E 3 -3.60 1.57 25.78
N PRO E 4 -3.79 1.63 24.46
CA PRO E 4 -4.14 0.44 23.72
C PRO E 4 -2.98 -0.54 23.68
N MET E 5 -3.32 -1.81 23.48
CA MET E 5 -2.32 -2.86 23.50
C MET E 5 -1.44 -2.79 22.25
N GLU E 6 -0.21 -3.28 22.39
CA GLU E 6 0.73 -3.43 21.29
C GLU E 6 0.92 -4.91 21.02
N LEU E 7 0.39 -5.39 19.90
CA LEU E 7 0.43 -6.80 19.56
C LEU E 7 1.60 -7.16 18.66
N THR E 8 2.64 -6.34 18.64
CA THR E 8 3.81 -6.57 17.79
C THR E 8 4.97 -7.06 18.63
N ASN E 9 5.56 -8.18 18.23
CA ASN E 9 6.71 -8.72 18.92
C ASN E 9 7.91 -7.80 18.73
N ASP E 10 8.99 -8.12 19.43
CA ASP E 10 10.26 -7.41 19.31
C ASP E 10 11.32 -8.35 18.76
N ALA E 11 12.00 -7.92 17.70
CA ALA E 11 13.04 -8.73 17.10
C ALA E 11 14.24 -7.87 16.76
N VAL E 12 15.43 -8.42 16.94
CA VAL E 12 16.68 -7.80 16.53
C VAL E 12 17.22 -8.59 15.37
N ILE E 13 17.24 -7.97 14.18
CA ILE E 13 17.74 -8.59 12.97
C ILE E 13 18.79 -7.66 12.37
N LYS E 14 19.95 -8.21 12.05
CA LYS E 14 21.07 -7.45 11.53
C LYS E 14 21.44 -7.96 10.15
N VAL E 15 21.66 -7.05 9.21
CA VAL E 15 22.13 -7.41 7.88
C VAL E 15 23.49 -6.75 7.68
N ILE E 16 24.50 -7.58 7.41
CA ILE E 16 25.88 -7.12 7.30
C ILE E 16 26.34 -7.34 5.87
N GLY E 17 26.83 -6.28 5.24
CA GLY E 17 27.42 -6.40 3.92
C GLY E 17 28.93 -6.44 3.96
N VAL E 18 29.51 -7.62 3.82
CA VAL E 18 30.96 -7.80 3.94
C VAL E 18 31.57 -7.74 2.55
N GLY E 19 32.47 -6.79 2.34
CA GLY E 19 33.07 -6.60 1.03
C GLY E 19 32.21 -5.77 0.11
N GLY E 20 32.71 -5.59 -1.11
CA GLY E 20 32.02 -4.74 -2.06
C GLY E 20 30.66 -5.27 -2.47
N GLY E 21 30.59 -6.57 -2.80
CA GLY E 21 29.31 -7.15 -3.20
C GLY E 21 28.27 -7.12 -2.10
N GLY E 22 28.68 -7.49 -0.88
CA GLY E 22 27.76 -7.44 0.23
C GLY E 22 27.30 -6.02 0.54
N GLY E 23 28.23 -5.06 0.50
CA GLY E 23 27.83 -3.69 0.69
C GLY E 23 26.84 -3.22 -0.35
N ASN E 24 27.04 -3.62 -1.60
CA ASN E 24 26.07 -3.29 -2.65
C ASN E 24 24.70 -3.89 -2.33
N ALA E 25 24.67 -5.15 -1.94
CA ALA E 25 23.40 -5.80 -1.66
C ALA E 25 22.67 -5.14 -0.50
N VAL E 26 23.42 -4.74 0.53
CA VAL E 26 22.79 -4.10 1.69
C VAL E 26 22.30 -2.70 1.34
N GLU E 27 23.12 -1.93 0.62
CA GLU E 27 22.67 -0.59 0.26
C GLU E 27 21.50 -0.61 -0.71
N HIS E 28 21.29 -1.71 -1.44
CA HIS E 28 20.05 -1.86 -2.18
C HIS E 28 18.84 -1.78 -1.26
N MET E 29 18.86 -2.55 -0.17
CA MET E 29 17.77 -2.50 0.80
C MET E 29 17.68 -1.13 1.45
N VAL E 30 18.83 -0.51 1.73
CA VAL E 30 18.80 0.82 2.33
C VAL E 30 18.06 1.80 1.44
N ARG E 31 18.40 1.81 0.14
CA ARG E 31 17.73 2.69 -0.81
C ARG E 31 16.26 2.33 -1.00
N GLU E 32 15.89 1.06 -0.80
CA GLU E 32 14.49 0.66 -0.93
C GLU E 32 13.68 0.91 0.33
N ARG E 33 14.29 1.41 1.40
CA ARG E 33 13.57 1.83 2.62
C ARG E 33 12.80 0.67 3.25
N ILE E 34 13.56 -0.31 3.74
CA ILE E 34 12.96 -1.38 4.54
C ILE E 34 13.15 -1.05 6.02
N GLU E 35 12.05 -1.03 6.75
CA GLU E 35 12.04 -0.62 8.16
C GLU E 35 12.29 -1.79 9.09
N GLY E 36 12.64 -1.46 10.33
CA GLY E 36 12.75 -2.45 11.39
C GLY E 36 13.98 -3.30 11.36
N VAL E 37 15.00 -2.95 10.58
CA VAL E 37 16.18 -3.77 10.39
C VAL E 37 17.42 -2.88 10.50
N GLU E 38 18.46 -3.40 11.15
CA GLU E 38 19.72 -2.69 11.27
C GLU E 38 20.62 -3.01 10.08
N PHE E 39 21.29 -1.98 9.55
CA PHE E 39 22.11 -2.09 8.36
C PHE E 39 23.57 -1.86 8.70
N PHE E 40 24.46 -2.66 8.12
CA PHE E 40 25.89 -2.54 8.34
C PHE E 40 26.65 -2.74 7.04
N ALA E 41 27.88 -2.22 7.02
CA ALA E 41 28.80 -2.42 5.90
C ALA E 41 30.19 -2.66 6.47
N VAL E 42 30.70 -3.88 6.30
CA VAL E 42 32.02 -4.28 6.80
C VAL E 42 32.93 -4.46 5.60
N ASN E 43 34.07 -3.78 5.62
CA ASN E 43 34.94 -3.80 4.44
C ASN E 43 36.36 -3.47 4.87
N THR E 44 37.29 -3.74 3.97
CA THR E 44 38.66 -3.28 4.09
C THR E 44 38.92 -2.02 3.28
N ASP E 45 38.11 -1.75 2.27
CA ASP E 45 38.33 -0.65 1.34
C ASP E 45 37.62 0.59 1.88
N ALA E 46 38.40 1.59 2.29
CA ALA E 46 37.81 2.80 2.83
C ALA E 46 36.98 3.54 1.78
N GLN E 47 37.42 3.54 0.54
CA GLN E 47 36.70 4.24 -0.52
C GLN E 47 35.31 3.65 -0.72
N ALA E 48 35.20 2.32 -0.75
CA ALA E 48 33.90 1.68 -0.90
C ALA E 48 33.00 1.95 0.30
N LEU E 49 33.58 1.99 1.51
CA LEU E 49 32.80 2.31 2.69
C LEU E 49 32.25 3.73 2.63
N ARG E 50 33.07 4.67 2.20
CA ARG E 50 32.63 6.05 2.09
C ARG E 50 31.68 6.26 0.92
N LYS E 51 31.69 5.36 -0.06
CA LYS E 51 30.74 5.46 -1.17
C LYS E 51 29.34 5.03 -0.77
N THR E 52 29.22 3.94 -0.04
CA THR E 52 27.92 3.28 0.15
C THR E 52 26.96 4.17 0.91
N ALA E 53 25.68 4.04 0.60
CA ALA E 53 24.62 4.71 1.34
C ALA E 53 24.35 4.06 2.68
N VAL E 54 24.96 2.90 2.96
CA VAL E 54 24.82 2.28 4.28
C VAL E 54 25.36 3.23 5.34
N GLY E 55 24.57 3.47 6.37
CA GLY E 55 24.95 4.40 7.41
C GLY E 55 26.09 3.90 8.27
N GLN E 56 25.83 2.90 9.10
CA GLN E 56 26.85 2.37 9.98
C GLN E 56 27.83 1.54 9.16
N THR E 57 29.12 1.83 9.34
CA THR E 57 30.20 1.12 8.64
C THR E 57 31.20 0.64 9.67
N ILE E 58 31.90 -0.45 9.34
CA ILE E 58 32.92 -1.03 10.19
C ILE E 58 34.13 -1.35 9.31
N GLN E 59 35.11 -0.45 9.31
CA GLN E 59 36.32 -0.65 8.52
C GLN E 59 37.21 -1.64 9.26
N ILE E 60 37.40 -2.82 8.67
CA ILE E 60 38.21 -3.86 9.28
C ILE E 60 39.60 -3.83 8.68
N GLY E 61 40.58 -4.30 9.46
CA GLY E 61 41.94 -4.46 8.97
C GLY E 61 42.61 -3.17 8.53
N SER E 62 42.37 -2.08 9.26
CA SER E 62 43.02 -0.82 8.93
C SER E 62 44.51 -0.86 9.17
N GLY E 63 44.99 -1.80 9.99
CA GLY E 63 46.40 -1.95 10.26
C GLY E 63 47.14 -2.96 9.40
N ILE E 64 46.46 -3.60 8.46
CA ILE E 64 47.11 -4.59 7.61
C ILE E 64 47.00 -4.16 6.15
N THR E 65 45.95 -3.40 5.82
CA THR E 65 45.75 -2.92 4.47
C THR E 65 45.79 -1.41 4.34
N LYS E 66 45.80 -0.68 5.45
CA LYS E 66 45.91 0.78 5.44
C LYS E 66 44.79 1.42 4.63
N GLY E 67 43.61 0.83 4.69
CA GLY E 67 42.45 1.37 4.00
C GLY E 67 42.29 0.95 2.56
N LEU E 68 43.04 -0.04 2.10
CA LEU E 68 42.91 -0.57 0.75
C LEU E 68 42.20 -1.92 0.79
N GLY E 69 41.79 -2.40 -0.37
CA GLY E 69 41.12 -3.67 -0.45
C GLY E 69 42.07 -4.82 -0.17
N ALA E 70 41.50 -6.01 -0.06
CA ALA E 70 42.33 -7.18 0.20
C ALA E 70 43.11 -7.65 -1.02
N GLY E 71 42.79 -7.12 -2.20
CA GLY E 71 43.52 -7.51 -3.39
C GLY E 71 43.34 -8.96 -3.79
N ALA E 72 42.11 -9.46 -3.75
CA ALA E 72 41.79 -10.82 -4.18
C ALA E 72 42.54 -11.87 -3.38
N ASN E 73 42.88 -11.56 -2.14
CA ASN E 73 43.58 -12.51 -1.27
C ASN E 73 42.68 -12.92 -0.12
N PRO E 74 42.15 -14.14 -0.10
CA PRO E 74 41.31 -14.55 1.03
C PRO E 74 42.03 -14.51 2.36
N GLU E 75 43.32 -14.82 2.37
CA GLU E 75 44.09 -14.81 3.61
C GLU E 75 44.15 -13.41 4.20
N VAL E 76 44.33 -12.40 3.36
CA VAL E 76 44.36 -11.02 3.84
C VAL E 76 43.02 -10.64 4.44
N GLY E 77 41.93 -11.06 3.81
CA GLY E 77 40.61 -10.79 4.37
C GLY E 77 40.41 -11.46 5.71
N ARG E 78 40.82 -12.73 5.83
CA ARG E 78 40.68 -13.41 7.11
C ARG E 78 41.51 -12.74 8.20
N ASN E 79 42.74 -12.33 7.86
CA ASN E 79 43.57 -11.64 8.85
C ASN E 79 42.98 -10.30 9.24
N ALA E 80 42.45 -9.55 8.27
CA ALA E 80 41.84 -8.27 8.57
C ALA E 80 40.58 -8.43 9.41
N ALA E 81 39.86 -9.54 9.24
CA ALA E 81 38.70 -9.79 10.09
C ALA E 81 39.13 -10.18 11.49
N ASP E 82 40.15 -11.03 11.61
CA ASP E 82 40.63 -11.44 12.92
C ASP E 82 41.21 -10.27 13.70
N GLU E 83 41.79 -9.29 13.00
CA GLU E 83 42.35 -8.14 13.70
C GLU E 83 41.28 -7.34 14.42
N ASP E 84 40.13 -7.13 13.77
CA ASP E 84 39.08 -6.26 14.30
C ASP E 84 37.86 -7.05 14.74
N ARG E 85 38.08 -8.23 15.34
CA ARG E 85 36.96 -9.06 15.78
C ARG E 85 36.14 -8.38 16.86
N GLU E 86 36.77 -7.53 17.68
CA GLU E 86 36.04 -6.87 18.74
C GLU E 86 34.99 -5.90 18.20
N ALA E 87 35.31 -5.17 17.14
CA ALA E 87 34.33 -4.27 16.56
C ALA E 87 33.14 -5.05 16.00
N LEU E 88 33.40 -6.18 15.34
CA LEU E 88 32.32 -7.02 14.84
C LEU E 88 31.46 -7.53 15.99
N ARG E 89 32.10 -8.00 17.06
CA ARG E 89 31.35 -8.51 18.20
C ARG E 89 30.50 -7.42 18.82
N ALA E 90 31.06 -6.22 18.97
CA ALA E 90 30.33 -5.13 19.60
C ALA E 90 29.14 -4.70 18.75
N ALA E 91 29.33 -4.61 17.44
CA ALA E 91 28.23 -4.16 16.59
C ALA E 91 27.19 -5.24 16.39
N LEU E 92 27.57 -6.51 16.49
CA LEU E 92 26.70 -7.64 16.25
C LEU E 92 26.11 -8.21 17.53
N ASP E 93 26.46 -7.66 18.69
CA ASP E 93 25.98 -8.19 19.95
C ASP E 93 24.51 -7.84 20.18
N GLY E 94 23.84 -8.68 20.95
CA GLY E 94 22.43 -8.49 21.26
C GLY E 94 21.52 -8.62 20.07
N ALA E 95 21.72 -9.64 19.24
CA ALA E 95 20.94 -9.84 18.03
C ALA E 95 20.29 -11.20 18.04
N ASP E 96 19.03 -11.25 17.61
CA ASP E 96 18.32 -12.52 17.51
C ASP E 96 18.80 -13.33 16.31
N MET E 97 19.00 -12.68 15.17
CA MET E 97 19.40 -13.37 13.96
C MET E 97 20.03 -12.36 13.00
N VAL E 98 21.12 -12.77 12.36
CA VAL E 98 21.84 -11.90 11.45
C VAL E 98 21.72 -12.44 10.04
N PHE E 99 21.87 -11.54 9.07
CA PHE E 99 21.85 -11.89 7.65
C PHE E 99 23.13 -11.35 7.03
N ILE E 100 24.09 -12.23 6.78
CA ILE E 100 25.39 -11.83 6.27
C ILE E 100 25.38 -11.90 4.75
N ALA E 101 25.64 -10.78 4.10
CA ALA E 101 25.66 -10.68 2.64
C ALA E 101 27.08 -10.45 2.16
N ALA E 102 27.52 -11.26 1.20
CA ALA E 102 28.89 -11.14 0.71
C ALA E 102 29.00 -11.79 -0.66
N GLY E 103 29.53 -11.03 -1.61
CA GLY E 103 29.83 -11.58 -2.92
C GLY E 103 31.17 -12.28 -2.89
N MET E 104 31.18 -13.57 -3.17
CA MET E 104 32.33 -14.39 -2.85
C MET E 104 33.19 -14.65 -4.07
N GLY E 105 34.49 -14.78 -3.85
CA GLY E 105 35.44 -14.99 -4.92
C GLY E 105 36.68 -14.13 -4.74
N GLY E 106 36.50 -12.98 -4.12
CA GLY E 106 37.57 -12.03 -3.90
C GLY E 106 38.31 -12.30 -2.61
N GLY E 107 38.92 -11.25 -2.07
CA GLY E 107 39.71 -11.39 -0.88
C GLY E 107 38.98 -11.03 0.40
N THR E 108 38.29 -9.88 0.41
CA THR E 108 37.63 -9.41 1.62
C THR E 108 36.45 -10.30 1.98
N GLY E 109 35.48 -10.41 1.06
CA GLY E 109 34.28 -11.16 1.38
C GLY E 109 34.56 -12.63 1.63
N THR E 110 35.35 -13.26 0.75
CA THR E 110 35.56 -14.70 0.84
C THR E 110 36.21 -15.11 2.15
N GLY E 111 37.21 -14.36 2.59
CA GLY E 111 37.92 -14.72 3.80
C GLY E 111 37.36 -14.10 5.05
N ALA E 112 36.48 -13.11 4.90
CA ALA E 112 35.96 -12.37 6.04
C ALA E 112 34.57 -12.82 6.46
N ALA E 113 33.75 -13.32 5.53
CA ALA E 113 32.43 -13.79 5.92
C ALA E 113 32.49 -14.95 6.92
N PRO E 114 33.34 -15.96 6.77
CA PRO E 114 33.41 -17.00 7.80
C PRO E 114 33.77 -16.48 9.17
N VAL E 115 34.60 -15.44 9.26
CA VAL E 115 34.95 -14.89 10.57
C VAL E 115 33.74 -14.22 11.22
N VAL E 116 32.98 -13.44 10.44
CA VAL E 116 31.78 -12.81 10.99
C VAL E 116 30.77 -13.87 11.39
N ALA E 117 30.63 -14.92 10.59
CA ALA E 117 29.73 -16.01 10.94
C ALA E 117 30.18 -16.69 12.22
N GLU E 118 31.49 -16.90 12.38
CA GLU E 118 32.01 -17.51 13.60
C GLU E 118 31.73 -16.62 14.80
N VAL E 119 31.90 -15.32 14.64
CA VAL E 119 31.59 -14.39 15.73
C VAL E 119 30.13 -14.52 16.13
N ALA E 120 29.23 -14.55 15.14
CA ALA E 120 27.81 -14.66 15.45
C ALA E 120 27.49 -15.98 16.14
N LYS E 121 28.04 -17.08 15.63
CA LYS E 121 27.74 -18.38 16.22
C LYS E 121 28.28 -18.50 17.64
N ASP E 122 29.49 -17.99 17.88
CA ASP E 122 30.03 -17.98 19.24
C ASP E 122 29.16 -17.12 20.15
N LEU E 123 28.67 -16.00 19.64
CA LEU E 123 27.76 -15.18 20.43
C LEU E 123 26.42 -15.87 20.65
N GLY E 124 26.07 -16.84 19.81
CA GLY E 124 24.83 -17.56 19.97
C GLY E 124 23.69 -16.91 19.23
N ILE E 125 23.91 -16.56 17.96
CA ILE E 125 22.93 -15.89 17.13
C ILE E 125 22.65 -16.76 15.92
N LEU E 126 21.37 -17.00 15.65
CA LEU E 126 20.98 -17.67 14.42
C LEU E 126 21.48 -16.88 13.23
N THR E 127 22.13 -17.55 12.29
CA THR E 127 22.84 -16.88 11.21
C THR E 127 22.32 -17.38 9.87
N VAL E 128 22.05 -16.46 8.95
CA VAL E 128 21.70 -16.76 7.57
C VAL E 128 22.63 -15.97 6.66
N ALA E 129 23.32 -16.67 5.77
CA ALA E 129 24.30 -16.05 4.87
C ALA E 129 23.80 -16.11 3.44
N VAL E 130 23.75 -14.95 2.79
CA VAL E 130 23.32 -14.84 1.39
C VAL E 130 24.54 -14.41 0.59
N VAL E 131 25.02 -15.28 -0.28
CA VAL E 131 26.26 -15.05 -1.00
C VAL E 131 26.03 -15.29 -2.49
N THR E 132 26.90 -14.69 -3.31
CA THR E 132 26.85 -14.82 -4.75
C THR E 132 28.16 -15.43 -5.26
N LYS E 133 28.03 -16.37 -6.18
CA LYS E 133 29.20 -16.92 -6.85
C LYS E 133 29.75 -15.93 -7.86
N PRO E 134 30.99 -16.10 -8.30
CA PRO E 134 31.51 -15.24 -9.36
C PRO E 134 30.91 -15.61 -10.72
N PHE E 135 31.13 -14.73 -11.68
CA PHE E 135 30.70 -14.97 -13.04
C PHE E 135 31.54 -16.07 -13.69
N ASN E 136 31.05 -16.56 -14.82
CA ASN E 136 31.82 -17.57 -15.56
C ASN E 136 33.12 -16.98 -16.08
N PHE E 137 33.08 -15.78 -16.63
CA PHE E 137 34.24 -15.21 -17.27
C PHE E 137 35.28 -14.68 -16.30
N GLU E 138 34.99 -14.70 -15.01
CA GLU E 138 35.94 -14.16 -14.04
C GLU E 138 37.09 -15.11 -13.74
N GLY E 139 37.04 -16.33 -14.25
CA GLY E 139 38.17 -17.24 -14.17
C GLY E 139 37.88 -18.45 -13.31
N LYS E 140 38.78 -19.43 -13.42
CA LYS E 140 38.70 -20.63 -12.60
C LYS E 140 39.19 -20.38 -11.19
N LYS E 141 40.24 -19.57 -11.03
CA LYS E 141 40.78 -19.31 -9.70
C LYS E 141 39.80 -18.53 -8.83
N ARG E 142 39.10 -17.56 -9.42
CA ARG E 142 38.08 -16.83 -8.66
C ARG E 142 37.00 -17.76 -8.15
N MET E 143 36.53 -18.66 -9.02
CA MET E 143 35.50 -19.62 -8.60
C MET E 143 36.04 -20.57 -7.54
N ALA E 144 37.29 -21.00 -7.67
CA ALA E 144 37.86 -21.89 -6.67
C ALA E 144 37.96 -21.21 -5.31
N PHE E 145 38.39 -19.95 -5.30
CA PHE E 145 38.44 -19.21 -4.04
C PHE E 145 37.05 -19.07 -3.44
N ALA E 146 36.06 -18.77 -4.28
CA ALA E 146 34.69 -18.65 -3.77
C ALA E 146 34.18 -19.97 -3.20
N GLU E 147 34.47 -21.08 -3.87
CA GLU E 147 34.00 -22.38 -3.39
C GLU E 147 34.65 -22.74 -2.06
N GLN E 148 35.96 -22.51 -1.94
CA GLN E 148 36.62 -22.76 -0.67
C GLN E 148 36.05 -21.88 0.43
N GLY E 149 35.77 -20.61 0.10
CA GLY E 149 35.18 -19.73 1.09
C GLY E 149 33.80 -20.16 1.51
N ILE E 150 33.00 -20.68 0.58
CA ILE E 150 31.66 -21.14 0.92
C ILE E 150 31.75 -22.38 1.80
N THR E 151 32.71 -23.25 1.52
CA THR E 151 32.93 -24.40 2.39
C THR E 151 33.28 -23.95 3.80
N GLU E 152 34.13 -22.93 3.92
CA GLU E 152 34.43 -22.39 5.24
C GLU E 152 33.21 -21.75 5.89
N LEU E 153 32.40 -21.05 5.09
CA LEU E 153 31.25 -20.34 5.61
C LEU E 153 30.17 -21.30 6.12
N SER E 154 30.06 -22.47 5.49
CA SER E 154 29.06 -23.45 5.90
C SER E 154 29.30 -23.93 7.33
N LYS E 155 30.51 -23.76 7.85
CA LYS E 155 30.82 -24.27 9.18
C LYS E 155 30.19 -23.44 10.29
N HIS E 156 29.82 -22.18 10.02
CA HIS E 156 29.37 -21.28 11.06
C HIS E 156 28.02 -20.63 10.78
N VAL E 157 27.28 -21.09 9.78
CA VAL E 157 25.97 -20.52 9.46
C VAL E 157 24.92 -21.61 9.55
N ASP E 158 23.74 -21.25 10.07
CA ASP E 158 22.66 -22.21 10.19
C ASP E 158 22.00 -22.48 8.85
N SER E 159 21.80 -21.45 8.03
CA SER E 159 21.26 -21.61 6.70
C SER E 159 22.00 -20.71 5.73
N LEU E 160 22.26 -21.21 4.53
CA LEU E 160 23.07 -20.51 3.54
C LEU E 160 22.31 -20.42 2.23
N ILE E 161 22.27 -19.23 1.65
CA ILE E 161 21.63 -18.99 0.36
C ILE E 161 22.72 -18.62 -0.63
N THR E 162 22.79 -19.35 -1.74
CA THR E 162 23.80 -19.14 -2.76
C THR E 162 23.13 -18.73 -4.06
N ILE E 163 23.60 -17.64 -4.66
CA ILE E 163 23.07 -17.11 -5.90
C ILE E 163 24.17 -17.18 -6.96
N PRO E 164 24.09 -18.12 -7.88
CA PRO E 164 25.07 -18.14 -8.99
C PRO E 164 24.91 -16.87 -9.81
N ASN E 165 26.01 -16.12 -9.92
CA ASN E 165 25.95 -14.87 -10.67
C ASN E 165 25.81 -15.10 -12.16
N ASP E 166 25.98 -16.33 -12.63
CA ASP E 166 25.83 -16.66 -14.04
C ASP E 166 24.38 -16.85 -14.46
N LYS E 167 23.46 -16.96 -13.52
CA LYS E 167 22.05 -17.08 -13.88
C LYS E 167 21.42 -15.75 -14.25
N LEU E 168 22.07 -14.64 -13.92
CA LEU E 168 21.61 -13.34 -14.38
C LEU E 168 21.64 -13.27 -15.90
N LEU E 169 22.65 -13.85 -16.52
CA LEU E 169 22.77 -13.82 -17.97
C LEU E 169 21.70 -14.69 -18.63
N LYS E 170 21.28 -15.77 -17.97
CA LYS E 170 20.35 -16.71 -18.58
C LYS E 170 18.89 -16.36 -18.31
N VAL E 171 18.58 -15.75 -17.18
CA VAL E 171 17.21 -15.51 -16.77
C VAL E 171 16.70 -14.15 -17.21
N LEU E 172 17.52 -13.10 -17.05
CA LEU E 172 17.01 -11.75 -17.13
C LEU E 172 16.74 -11.28 -18.55
N GLY E 173 17.52 -11.73 -19.52
CA GLY E 173 17.20 -11.36 -20.89
C GLY E 173 18.16 -10.32 -21.45
N ARG E 174 18.43 -10.44 -22.74
CA ARG E 174 19.44 -9.61 -23.39
C ARG E 174 18.92 -8.18 -23.57
N GLY E 175 19.63 -7.22 -23.01
CA GLY E 175 19.20 -5.84 -23.01
C GLY E 175 18.93 -5.30 -21.63
N ILE E 176 18.94 -6.14 -20.59
CA ILE E 176 18.75 -5.65 -19.23
C ILE E 176 19.98 -4.87 -18.81
N SER E 177 19.75 -3.78 -18.08
CA SER E 177 20.84 -2.95 -17.60
C SER E 177 21.62 -3.68 -16.51
N LEU E 178 22.87 -3.28 -16.32
CA LEU E 178 23.67 -3.87 -15.26
C LEU E 178 23.06 -3.55 -13.90
N LEU E 179 22.59 -2.32 -13.72
CA LEU E 179 21.99 -1.94 -12.44
C LEU E 179 20.77 -2.79 -12.15
N ASP E 180 19.90 -3.00 -13.15
CA ASP E 180 18.71 -3.80 -12.93
C ASP E 180 19.03 -5.28 -12.77
N ALA E 181 20.05 -5.77 -13.50
CA ALA E 181 20.46 -7.15 -13.32
C ALA E 181 20.98 -7.39 -11.91
N PHE E 182 21.76 -6.46 -11.38
CA PHE E 182 22.24 -6.59 -9.99
C PHE E 182 21.11 -6.39 -8.99
N GLY E 183 20.16 -5.51 -9.29
CA GLY E 183 19.02 -5.34 -8.41
C GLY E 183 18.15 -6.59 -8.32
N ALA E 184 18.04 -7.33 -9.42
CA ALA E 184 17.33 -8.60 -9.38
C ALA E 184 17.98 -9.55 -8.38
N ALA E 185 19.31 -9.60 -8.37
CA ALA E 185 19.99 -10.47 -7.41
C ALA E 185 19.85 -9.94 -5.99
N ASN E 186 19.90 -8.62 -5.81
CA ASN E 186 19.74 -8.04 -4.48
C ASN E 186 18.36 -8.29 -3.90
N ASP E 187 17.35 -8.41 -4.76
CA ASP E 187 16.01 -8.65 -4.28
C ASP E 187 15.85 -9.99 -3.58
N VAL E 188 16.74 -10.95 -3.83
CA VAL E 188 16.67 -12.21 -3.08
C VAL E 188 16.92 -11.96 -1.59
N LEU E 189 18.00 -11.26 -1.27
CA LEU E 189 18.28 -10.93 0.12
C LEU E 189 17.21 -9.99 0.68
N LYS E 190 16.76 -9.02 -0.11
CA LYS E 190 15.72 -8.12 0.39
C LYS E 190 14.44 -8.88 0.73
N GLY E 191 14.01 -9.79 -0.14
CA GLY E 191 12.81 -10.56 0.12
C GLY E 191 12.96 -11.46 1.31
N ALA E 192 14.11 -12.14 1.43
CA ALA E 192 14.35 -12.99 2.60
C ALA E 192 14.24 -12.19 3.89
N VAL E 193 14.95 -11.06 3.95
CA VAL E 193 14.97 -10.27 5.18
C VAL E 193 13.58 -9.73 5.51
N GLN E 194 12.92 -9.12 4.53
CA GLN E 194 11.62 -8.51 4.80
C GLN E 194 10.58 -9.57 5.16
N GLY E 195 10.59 -10.72 4.48
CA GLY E 195 9.64 -11.76 4.83
C GLY E 195 9.85 -12.30 6.21
N ILE E 196 11.11 -12.56 6.59
CA ILE E 196 11.38 -13.09 7.92
C ILE E 196 10.97 -12.08 8.98
N ALA E 197 11.30 -10.80 8.77
CA ALA E 197 10.94 -9.79 9.76
C ALA E 197 9.43 -9.68 9.93
N GLU E 198 8.70 -9.61 8.81
CA GLU E 198 7.25 -9.50 8.86
C GLU E 198 6.63 -10.74 9.50
N LEU E 199 7.22 -11.91 9.30
CA LEU E 199 6.73 -13.12 9.94
C LEU E 199 6.96 -13.07 11.45
N ILE E 200 8.14 -12.63 11.88
CA ILE E 200 8.48 -12.69 13.29
C ILE E 200 7.67 -11.68 14.10
N THR E 201 7.52 -10.45 13.58
CA THR E 201 6.93 -9.42 14.42
C THR E 201 5.41 -9.48 14.44
N ARG E 202 4.77 -9.28 13.29
CA ARG E 202 3.32 -9.11 13.26
C ARG E 202 2.61 -10.40 13.66
N PRO E 203 1.48 -10.30 14.36
CA PRO E 203 0.80 -11.49 14.88
C PRO E 203 0.02 -12.25 13.82
N GLY E 204 -0.74 -13.24 14.24
CA GLY E 204 -1.55 -14.00 13.31
C GLY E 204 -2.60 -14.82 14.02
N LEU E 205 -3.59 -15.25 13.24
CA LEU E 205 -4.62 -16.13 13.77
C LEU E 205 -4.04 -17.47 14.21
N MET E 206 -3.17 -18.06 13.37
CA MET E 206 -2.42 -19.26 13.70
C MET E 206 -0.97 -18.82 13.84
N ASN E 207 -0.60 -18.36 15.03
CA ASN E 207 0.61 -17.58 15.21
C ASN E 207 1.85 -18.44 14.97
N VAL E 208 2.77 -17.90 14.18
CA VAL E 208 4.12 -18.44 14.04
C VAL E 208 5.10 -17.36 14.47
N ASP E 209 6.11 -17.73 15.23
CA ASP E 209 6.97 -16.73 15.85
C ASP E 209 8.43 -17.10 15.75
N PHE E 210 9.28 -16.42 16.51
CA PHE E 210 10.72 -16.65 16.43
C PHE E 210 11.10 -18.07 16.81
N ALA E 211 10.32 -18.72 17.68
CA ALA E 211 10.63 -20.09 18.05
C ALA E 211 10.49 -21.04 16.88
N ASP E 212 9.45 -20.84 16.07
CA ASP E 212 9.29 -21.64 14.85
C ASP E 212 10.44 -21.42 13.90
N VAL E 213 10.88 -20.17 13.76
CA VAL E 213 12.03 -19.86 12.93
C VAL E 213 13.27 -20.57 13.43
N ARG E 214 13.48 -20.57 14.75
CA ARG E 214 14.64 -21.25 15.32
C ARG E 214 14.58 -22.75 15.11
N THR E 215 13.40 -23.35 15.25
CA THR E 215 13.30 -24.79 15.13
C THR E 215 13.31 -25.26 13.68
N VAL E 216 13.01 -24.39 12.72
CA VAL E 216 13.17 -24.79 11.33
C VAL E 216 14.58 -24.55 10.83
N MET E 217 15.32 -23.64 11.46
CA MET E 217 16.70 -23.36 11.08
C MET E 217 17.70 -24.10 11.95
N SER E 218 17.24 -25.04 12.79
CA SER E 218 18.14 -25.84 13.60
C SER E 218 18.91 -26.86 12.78
N GLU E 219 18.56 -27.05 11.51
CA GLU E 219 19.22 -28.00 10.64
C GLU E 219 20.10 -27.26 9.64
N MET E 220 21.38 -27.59 9.63
CA MET E 220 22.31 -26.95 8.72
C MET E 220 22.00 -27.34 7.28
N GLY E 221 22.24 -26.43 6.37
CA GLY E 221 22.10 -26.72 4.96
C GLY E 221 21.68 -25.48 4.19
N TYR E 222 21.45 -25.70 2.89
CA TYR E 222 20.97 -24.64 2.03
C TYR E 222 19.55 -24.25 2.39
N ALA E 223 19.14 -23.08 1.94
CA ALA E 223 17.81 -22.59 2.27
C ALA E 223 17.30 -21.69 1.16
N MET E 224 15.99 -21.52 1.12
CA MET E 224 15.37 -20.55 0.24
C MET E 224 14.32 -19.79 1.03
N MET E 225 14.27 -18.48 0.82
CA MET E 225 13.31 -17.62 1.48
C MET E 225 12.78 -16.62 0.47
N GLY E 226 11.50 -16.31 0.58
CA GLY E 226 10.89 -15.39 -0.35
C GLY E 226 9.42 -15.24 -0.04
N SER E 227 8.76 -14.40 -0.82
CA SER E 227 7.35 -14.13 -0.64
C SER E 227 6.67 -13.96 -1.99
N GLY E 228 5.38 -14.20 -2.00
CA GLY E 228 4.57 -13.98 -3.19
C GLY E 228 3.30 -13.24 -2.85
N VAL E 229 2.85 -12.42 -3.79
CA VAL E 229 1.66 -11.62 -3.62
C VAL E 229 0.79 -11.75 -4.86
N ALA E 230 -0.52 -11.87 -4.69
CA ALA E 230 -1.42 -12.01 -5.81
C ALA E 230 -2.80 -11.46 -5.45
N SER E 231 -3.61 -11.23 -6.48
CA SER E 231 -4.98 -10.80 -6.32
C SER E 231 -5.84 -11.60 -7.30
N GLY E 232 -7.14 -11.31 -7.30
CA GLY E 232 -8.02 -11.92 -8.26
C GLY E 232 -8.55 -13.27 -7.82
N GLU E 233 -9.00 -14.04 -8.80
CA GLU E 233 -9.65 -15.31 -8.50
C GLU E 233 -8.65 -16.36 -8.06
N ASP E 234 -7.49 -16.42 -8.72
CA ASP E 234 -6.46 -17.41 -8.40
C ASP E 234 -5.37 -16.86 -7.52
N ARG E 235 -5.73 -15.96 -6.60
CA ARG E 235 -4.71 -15.29 -5.80
C ARG E 235 -3.93 -16.27 -4.94
N ALA E 236 -4.61 -17.25 -4.36
CA ALA E 236 -3.93 -18.20 -3.48
C ALA E 236 -2.92 -19.02 -4.24
N GLU E 237 -3.32 -19.63 -5.35
CA GLU E 237 -2.41 -20.47 -6.13
C GLU E 237 -1.27 -19.64 -6.71
N GLU E 238 -1.57 -18.47 -7.26
CA GLU E 238 -0.52 -17.65 -7.85
C GLU E 238 0.50 -17.22 -6.81
N ALA E 239 0.03 -16.78 -5.63
CA ALA E 239 0.95 -16.37 -4.59
C ALA E 239 1.77 -17.55 -4.09
N ALA E 240 1.17 -18.73 -3.96
CA ALA E 240 1.90 -19.89 -3.48
C ALA E 240 3.00 -20.29 -4.45
N GLU E 241 2.70 -20.36 -5.74
CA GLU E 241 3.75 -20.71 -6.70
C GLU E 241 4.76 -19.58 -6.86
N MET E 242 4.38 -18.33 -6.59
CA MET E 242 5.35 -17.24 -6.64
C MET E 242 6.31 -17.29 -5.46
N ALA E 243 5.84 -17.74 -4.30
CA ALA E 243 6.70 -17.77 -3.13
C ALA E 243 7.80 -18.82 -3.23
N ILE E 244 7.52 -19.96 -3.85
CA ILE E 244 8.50 -21.04 -3.95
C ILE E 244 9.19 -21.05 -5.30
N SER E 245 9.20 -19.93 -6.00
CA SER E 245 9.91 -19.80 -7.26
C SER E 245 11.20 -19.02 -7.02
N SER E 246 12.32 -19.61 -7.40
CA SER E 246 13.64 -19.00 -7.21
C SER E 246 14.40 -19.09 -8.53
N PRO E 247 14.08 -18.21 -9.49
CA PRO E 247 14.77 -18.28 -10.77
C PRO E 247 16.27 -18.06 -10.67
N LEU E 248 16.70 -17.18 -9.77
CA LEU E 248 18.10 -16.81 -9.67
C LEU E 248 18.90 -17.67 -8.71
N LEU E 249 18.25 -18.52 -7.93
CA LEU E 249 18.99 -19.35 -7.00
C LEU E 249 19.63 -20.53 -7.72
N GLU E 250 20.59 -21.15 -7.07
CA GLU E 250 21.23 -22.32 -7.63
C GLU E 250 20.21 -23.45 -7.74
N ASP E 251 20.41 -24.33 -8.71
CA ASP E 251 19.48 -25.42 -8.94
C ASP E 251 19.26 -26.18 -7.64
N ILE E 252 18.04 -26.10 -7.12
CA ILE E 252 17.75 -26.54 -5.76
C ILE E 252 16.60 -27.54 -5.81
N ASP E 253 16.56 -28.41 -4.81
CA ASP E 253 15.54 -29.46 -4.70
C ASP E 253 14.77 -29.21 -3.41
N LEU E 254 13.57 -28.64 -3.54
CA LEU E 254 12.77 -28.34 -2.36
C LEU E 254 12.34 -29.58 -1.61
N SER E 255 12.25 -30.73 -2.28
CA SER E 255 11.83 -31.95 -1.61
C SER E 255 12.82 -32.39 -0.54
N GLY E 256 14.06 -31.94 -0.62
CA GLY E 256 15.06 -32.27 0.38
C GLY E 256 15.05 -31.39 1.60
N ALA E 257 14.13 -30.44 1.68
CA ALA E 257 14.07 -29.56 2.84
C ALA E 257 13.65 -30.32 4.08
N ARG E 258 14.32 -30.04 5.19
CA ARG E 258 13.99 -30.63 6.47
C ARG E 258 13.13 -29.73 7.34
N GLY E 259 12.81 -28.53 6.87
CA GLY E 259 11.94 -27.64 7.62
C GLY E 259 11.30 -26.62 6.72
N VAL E 260 9.97 -26.49 6.80
CA VAL E 260 9.22 -25.57 5.97
C VAL E 260 8.38 -24.68 6.88
N LEU E 261 8.41 -23.37 6.63
CA LEU E 261 7.67 -22.41 7.43
C LEU E 261 6.89 -21.51 6.49
N VAL E 262 5.57 -21.54 6.60
CA VAL E 262 4.67 -20.83 5.69
C VAL E 262 3.79 -19.89 6.50
N ASN E 263 3.59 -18.68 6.00
CA ASN E 263 2.71 -17.70 6.62
C ASN E 263 1.83 -17.11 5.53
N ILE E 264 0.52 -17.23 5.69
CA ILE E 264 -0.45 -16.67 4.76
C ILE E 264 -1.05 -15.41 5.37
N THR E 265 -1.00 -14.32 4.61
CA THR E 265 -1.56 -13.05 5.06
C THR E 265 -2.59 -12.57 4.06
N ALA E 266 -3.76 -12.17 4.54
CA ALA E 266 -4.83 -11.68 3.69
C ALA E 266 -5.84 -10.94 4.55
N GLY E 267 -6.92 -10.49 3.93
CA GLY E 267 -8.02 -9.90 4.66
C GLY E 267 -8.94 -10.95 5.23
N PHE E 268 -9.96 -10.48 5.95
CA PHE E 268 -10.85 -11.40 6.65
C PHE E 268 -11.68 -12.25 5.71
N ASP E 269 -11.69 -11.94 4.41
CA ASP E 269 -12.45 -12.71 3.44
C ASP E 269 -11.69 -13.92 2.94
N LEU E 270 -10.48 -14.17 3.45
CA LEU E 270 -9.72 -15.36 3.10
C LEU E 270 -10.59 -16.60 3.24
N ARG E 271 -10.81 -17.30 2.13
CA ARG E 271 -11.67 -18.47 2.14
C ARG E 271 -10.90 -19.70 2.56
N LEU E 272 -11.64 -20.72 2.99
CA LEU E 272 -11.02 -21.96 3.45
C LEU E 272 -10.32 -22.68 2.31
N ASP E 273 -10.90 -22.65 1.11
CA ASP E 273 -10.29 -23.33 -0.02
C ASP E 273 -8.98 -22.67 -0.43
N GLU E 274 -8.84 -21.36 -0.23
CA GLU E 274 -7.57 -20.70 -0.52
C GLU E 274 -6.48 -21.16 0.44
N PHE E 275 -6.80 -21.23 1.73
CA PHE E 275 -5.87 -21.77 2.71
C PHE E 275 -5.51 -23.22 2.38
N GLU E 276 -6.49 -24.01 1.95
CA GLU E 276 -6.21 -25.39 1.56
C GLU E 276 -5.31 -25.47 0.34
N THR E 277 -5.51 -24.58 -0.64
CA THR E 277 -4.67 -24.61 -1.84
C THR E 277 -3.23 -24.21 -1.52
N VAL E 278 -3.04 -23.23 -0.65
CA VAL E 278 -1.69 -22.92 -0.21
C VAL E 278 -1.06 -24.11 0.51
N GLY E 279 -1.83 -24.75 1.39
CA GLY E 279 -1.30 -25.91 2.09
C GLY E 279 -0.95 -27.06 1.15
N ASN E 280 -1.76 -27.26 0.11
CA ASN E 280 -1.46 -28.30 -0.87
C ASN E 280 -0.23 -27.97 -1.68
N THR E 281 -0.05 -26.69 -2.04
CA THR E 281 1.19 -26.28 -2.71
C THR E 281 2.40 -26.60 -1.85
N ILE E 282 2.30 -26.34 -0.55
CA ILE E 282 3.42 -26.64 0.36
C ILE E 282 3.63 -28.15 0.48
N ARG E 283 2.54 -28.91 0.60
CA ARG E 283 2.65 -30.36 0.72
C ARG E 283 3.19 -31.01 -0.55
N ALA E 284 3.07 -30.34 -1.69
CA ALA E 284 3.53 -30.92 -2.95
C ALA E 284 5.00 -31.29 -2.91
N PHE E 285 5.81 -30.56 -2.15
CA PHE E 285 7.24 -30.85 -2.07
C PHE E 285 7.73 -31.25 -0.69
N ALA E 286 7.02 -30.89 0.38
CA ALA E 286 7.50 -31.17 1.72
C ALA E 286 7.61 -32.68 1.95
N SER E 287 8.73 -33.10 2.54
CA SER E 287 8.96 -34.51 2.80
C SER E 287 8.25 -34.95 4.07
N ASP E 288 8.21 -36.27 4.28
CA ASP E 288 7.47 -36.82 5.41
C ASP E 288 8.18 -36.61 6.73
N ASN E 289 9.48 -36.40 6.73
CA ASN E 289 10.23 -36.19 7.96
C ASN E 289 10.55 -34.71 8.21
N ALA E 290 10.02 -33.81 7.40
CA ALA E 290 10.24 -32.39 7.56
C ALA E 290 9.20 -31.79 8.49
N THR E 291 9.61 -30.81 9.28
CA THR E 291 8.70 -30.12 10.19
C THR E 291 8.07 -28.96 9.44
N VAL E 292 6.79 -29.10 9.11
CA VAL E 292 6.04 -28.09 8.38
C VAL E 292 5.20 -27.32 9.37
N VAL E 293 5.30 -26.00 9.32
CA VAL E 293 4.51 -25.11 10.16
C VAL E 293 3.79 -24.13 9.26
N ILE E 294 2.46 -24.12 9.31
CA ILE E 294 1.63 -23.24 8.50
C ILE E 294 1.02 -22.18 9.40
N GLY E 295 1.25 -20.92 9.06
CA GLY E 295 0.70 -19.82 9.82
C GLY E 295 -0.25 -18.99 8.97
N THR E 296 -1.16 -18.30 9.65
CA THR E 296 -2.14 -17.44 9.00
C THR E 296 -2.22 -16.13 9.76
N SER E 297 -2.42 -15.05 9.02
CA SER E 297 -2.50 -13.71 9.62
C SER E 297 -3.54 -12.91 8.83
N LEU E 298 -4.76 -12.86 9.34
CA LEU E 298 -5.80 -12.08 8.68
C LEU E 298 -5.65 -10.62 9.08
N ASP E 299 -5.55 -9.75 8.08
CA ASP E 299 -5.22 -8.35 8.30
C ASP E 299 -6.20 -7.47 7.52
N PRO E 300 -6.89 -6.53 8.18
CA PRO E 300 -7.72 -5.58 7.42
C PRO E 300 -6.93 -4.71 6.47
N ASP E 301 -5.62 -4.54 6.69
CA ASP E 301 -4.82 -3.74 5.79
C ASP E 301 -4.75 -4.37 4.40
N MET E 302 -4.65 -5.68 4.32
CA MET E 302 -4.64 -6.36 3.04
C MET E 302 -6.04 -6.31 2.46
N ASN E 303 -6.29 -5.33 1.59
CA ASN E 303 -7.63 -5.11 1.06
C ASN E 303 -8.16 -6.31 0.28
N ASP E 304 -7.55 -6.66 -0.84
CA ASP E 304 -7.92 -7.85 -1.58
C ASP E 304 -6.71 -8.65 -2.02
N GLU E 305 -5.55 -8.36 -1.45
CA GLU E 305 -4.31 -9.04 -1.76
C GLU E 305 -4.17 -10.30 -0.91
N LEU E 306 -3.25 -11.17 -1.33
CA LEU E 306 -2.91 -12.36 -0.57
C LEU E 306 -1.42 -12.58 -0.66
N ARG E 307 -0.73 -12.54 0.48
CA ARG E 307 0.71 -12.72 0.53
C ARG E 307 1.05 -14.05 1.17
N VAL E 308 1.98 -14.77 0.57
CA VAL E 308 2.45 -16.05 1.08
C VAL E 308 3.96 -15.99 1.23
N THR E 309 4.45 -16.22 2.44
CA THR E 309 5.87 -16.22 2.74
C THR E 309 6.29 -17.64 3.10
N VAL E 310 7.28 -18.17 2.40
CA VAL E 310 7.74 -19.54 2.58
C VAL E 310 9.21 -19.53 2.93
N VAL E 311 9.58 -20.23 4.01
CA VAL E 311 10.96 -20.41 4.41
C VAL E 311 11.24 -21.90 4.46
N ALA E 312 12.15 -22.37 3.63
CA ALA E 312 12.51 -23.78 3.56
C ALA E 312 14.00 -23.93 3.76
N THR E 313 14.40 -24.74 4.74
CA THR E 313 15.80 -24.90 5.10
C THR E 313 16.17 -26.38 5.08
N GLY E 314 17.43 -26.66 5.38
CA GLY E 314 17.92 -28.01 5.47
C GLY E 314 18.17 -28.70 4.14
N ILE E 315 18.12 -27.97 3.05
CA ILE E 315 18.25 -28.56 1.72
C ILE E 315 19.69 -28.96 1.48
N GLY E 316 19.88 -30.15 0.90
CA GLY E 316 21.19 -30.60 0.50
C GLY E 316 22.19 -30.77 1.63
N MET F 1 -36.44 -11.17 55.85
CA MET F 1 -37.04 -10.57 54.67
C MET F 1 -37.75 -11.64 53.84
N PHE F 2 -38.91 -11.29 53.28
CA PHE F 2 -39.71 -12.24 52.50
C PHE F 2 -39.00 -12.50 51.18
N GLU F 3 -38.32 -13.64 51.09
CA GLU F 3 -37.45 -13.94 49.95
C GLU F 3 -38.11 -14.97 49.04
N PRO F 4 -38.34 -14.65 47.76
CA PRO F 4 -38.78 -15.69 46.84
C PRO F 4 -37.68 -16.72 46.64
N MET F 5 -38.09 -17.96 46.43
CA MET F 5 -37.14 -19.06 46.40
C MET F 5 -36.37 -19.09 45.08
N GLU F 6 -35.12 -19.54 45.16
CA GLU F 6 -34.26 -19.70 43.99
C GLU F 6 -34.15 -21.19 43.66
N LEU F 7 -34.57 -21.57 42.46
CA LEU F 7 -34.61 -22.96 42.04
C LEU F 7 -33.42 -23.36 41.20
N THR F 8 -32.39 -22.52 41.15
CA THR F 8 -31.23 -22.76 40.30
C THR F 8 -30.09 -23.36 41.12
N ASN F 9 -29.52 -24.45 40.62
CA ASN F 9 -28.38 -25.06 41.28
C ASN F 9 -27.15 -24.16 41.15
N ASP F 10 -26.04 -24.62 41.69
CA ASP F 10 -24.77 -23.92 41.58
C ASP F 10 -23.74 -24.86 40.98
N ALA F 11 -22.98 -24.37 40.01
CA ALA F 11 -21.98 -25.19 39.34
C ALA F 11 -20.76 -24.35 39.00
N VAL F 12 -19.59 -24.94 39.15
CA VAL F 12 -18.32 -24.33 38.74
C VAL F 12 -17.83 -25.10 37.53
N ILE F 13 -17.78 -24.43 36.38
CA ILE F 13 -17.32 -25.02 35.13
C ILE F 13 -16.25 -24.11 34.56
N LYS F 14 -15.12 -24.68 34.18
CA LYS F 14 -13.98 -23.93 33.68
C LYS F 14 -13.66 -24.39 32.27
N VAL F 15 -13.40 -23.43 31.37
CA VAL F 15 -12.97 -23.72 30.01
C VAL F 15 -11.58 -23.13 29.82
N ILE F 16 -10.62 -23.98 29.49
CA ILE F 16 -9.22 -23.60 29.38
C ILE F 16 -8.81 -23.79 27.92
N GLY F 17 -8.25 -22.74 27.32
CA GLY F 17 -7.71 -22.86 25.98
C GLY F 17 -6.20 -22.91 25.97
N VAL F 18 -5.63 -24.09 25.72
CA VAL F 18 -4.19 -24.29 25.80
C VAL F 18 -3.61 -24.20 24.39
N GLY F 19 -2.70 -23.24 24.19
CA GLY F 19 -2.14 -23.01 22.88
C GLY F 19 -3.01 -22.11 22.04
N GLY F 20 -2.56 -21.89 20.80
CA GLY F 20 -3.27 -20.99 19.91
C GLY F 20 -4.65 -21.48 19.53
N GLY F 21 -4.76 -22.76 19.18
CA GLY F 21 -6.06 -23.30 18.78
C GLY F 21 -7.07 -23.27 19.91
N GLY F 22 -6.65 -23.69 21.11
CA GLY F 22 -7.55 -23.63 22.25
C GLY F 22 -7.93 -22.22 22.62
N GLY F 23 -6.96 -21.29 22.56
CA GLY F 23 -7.29 -19.90 22.81
C GLY F 23 -8.30 -19.38 21.83
N ASN F 24 -8.17 -19.74 20.55
CA ASN F 24 -9.16 -19.35 19.55
C ASN F 24 -10.54 -19.90 19.89
N ALA F 25 -10.60 -21.19 20.25
CA ALA F 25 -11.88 -21.81 20.54
C ALA F 25 -12.56 -21.17 21.74
N VAL F 26 -11.78 -20.83 22.77
CA VAL F 26 -12.35 -20.16 23.94
C VAL F 26 -12.78 -18.74 23.60
N GLU F 27 -11.96 -18.03 22.82
CA GLU F 27 -12.30 -16.66 22.44
C GLU F 27 -13.59 -16.62 21.65
N HIS F 28 -13.88 -17.70 20.90
CA HIS F 28 -15.16 -17.78 20.20
C HIS F 28 -16.33 -17.68 21.17
N MET F 29 -16.30 -18.49 22.23
CA MET F 29 -17.35 -18.45 23.25
C MET F 29 -17.39 -17.12 23.95
N VAL F 30 -16.22 -16.52 24.22
CA VAL F 30 -16.20 -15.21 24.86
C VAL F 30 -16.93 -14.18 24.00
N ARG F 31 -16.63 -14.17 22.70
CA ARG F 31 -17.30 -13.23 21.80
C ARG F 31 -18.78 -13.53 21.63
N GLU F 32 -19.19 -14.77 21.80
CA GLU F 32 -20.61 -15.13 21.70
C GLU F 32 -21.39 -14.91 22.99
N ARG F 33 -20.74 -14.46 24.06
CA ARG F 33 -21.41 -14.09 25.31
C ARG F 33 -22.18 -15.26 25.91
N ILE F 34 -21.45 -16.28 26.31
CA ILE F 34 -22.03 -17.37 27.09
C ILE F 34 -21.81 -17.10 28.57
N GLU F 35 -22.90 -17.11 29.35
CA GLU F 35 -22.87 -16.73 30.75
C GLU F 35 -22.65 -17.93 31.66
N GLY F 36 -22.29 -17.64 32.90
CA GLY F 36 -22.21 -18.65 33.93
C GLY F 36 -20.99 -19.55 33.85
N VAL F 37 -20.01 -19.21 33.04
CA VAL F 37 -18.86 -20.07 32.78
C VAL F 37 -17.59 -19.25 32.88
N GLU F 38 -16.55 -19.84 33.49
CA GLU F 38 -15.25 -19.19 33.56
C GLU F 38 -14.43 -19.49 32.31
N PHE F 39 -13.67 -18.49 31.87
CA PHE F 39 -12.88 -18.58 30.65
C PHE F 39 -11.41 -18.35 30.95
N PHE F 40 -10.54 -19.13 30.33
CA PHE F 40 -9.10 -19.01 30.55
C PHE F 40 -8.36 -19.20 29.23
N ALA F 41 -7.15 -18.64 29.17
CA ALA F 41 -6.24 -18.83 28.06
C ALA F 41 -4.86 -19.14 28.60
N VAL F 42 -4.37 -20.34 28.34
CA VAL F 42 -3.06 -20.80 28.80
C VAL F 42 -2.17 -21.01 27.59
N ASN F 43 -0.99 -20.39 27.60
CA ASN F 43 -0.14 -20.41 26.43
C ASN F 43 1.29 -20.13 26.84
N THR F 44 2.21 -20.40 25.92
CA THR F 44 3.58 -19.96 26.05
C THR F 44 3.85 -18.68 25.29
N ASP F 45 3.01 -18.35 24.32
CA ASP F 45 3.23 -17.23 23.42
C ASP F 45 2.59 -15.98 24.02
N ALA F 46 3.42 -15.01 24.41
CA ALA F 46 2.90 -13.79 25.02
C ALA F 46 2.05 -13.00 24.04
N GLN F 47 2.47 -12.94 22.78
CA GLN F 47 1.73 -12.17 21.78
C GLN F 47 0.32 -12.73 21.59
N ALA F 48 0.19 -14.06 21.52
CA ALA F 48 -1.12 -14.67 21.37
C ALA F 48 -1.99 -14.41 22.60
N LEU F 49 -1.39 -14.46 23.80
CA LEU F 49 -2.16 -14.18 25.00
C LEU F 49 -2.65 -12.76 25.03
N ARG F 50 -1.82 -11.81 24.62
CA ARG F 50 -2.23 -10.41 24.59
C ARG F 50 -3.19 -10.12 23.45
N LYS F 51 -3.23 -10.97 22.42
CA LYS F 51 -4.18 -10.77 21.33
C LYS F 51 -5.59 -11.18 21.73
N THR F 52 -5.74 -12.30 22.43
CA THR F 52 -7.04 -12.93 22.59
C THR F 52 -7.99 -12.04 23.39
N ALA F 53 -9.27 -12.15 23.05
CA ALA F 53 -10.31 -11.49 23.84
C ALA F 53 -10.58 -12.19 25.16
N VAL F 54 -10.00 -13.37 25.38
CA VAL F 54 -10.11 -14.01 26.69
C VAL F 54 -9.46 -13.10 27.72
N GLY F 55 -10.22 -12.76 28.76
CA GLY F 55 -9.73 -11.81 29.74
C GLY F 55 -8.57 -12.33 30.56
N GLN F 56 -8.84 -13.28 31.45
CA GLN F 56 -7.80 -13.77 32.33
C GLN F 56 -6.95 -14.82 31.61
N THR F 57 -5.64 -14.66 31.73
CA THR F 57 -4.68 -15.53 31.05
C THR F 57 -3.69 -16.10 32.05
N ILE F 58 -3.04 -17.19 31.64
CA ILE F 58 -2.01 -17.85 32.44
C ILE F 58 -0.85 -18.16 31.51
N GLN F 59 0.15 -17.27 31.49
CA GLN F 59 1.33 -17.49 30.67
C GLN F 59 2.22 -18.55 31.33
N ILE F 60 2.42 -19.66 30.66
CA ILE F 60 3.22 -20.75 31.21
C ILE F 60 4.60 -20.73 30.58
N GLY F 61 5.58 -21.26 31.31
CA GLY F 61 6.92 -21.42 30.79
C GLY F 61 7.61 -20.13 30.40
N SER F 62 7.42 -19.07 31.18
CA SER F 62 8.08 -17.81 30.90
C SER F 62 9.58 -17.89 31.11
N GLY F 63 10.05 -18.88 31.85
CA GLY F 63 11.47 -19.08 32.08
C GLY F 63 12.15 -20.07 31.18
N ILE F 64 11.43 -20.69 30.26
CA ILE F 64 12.01 -21.66 29.34
C ILE F 64 11.88 -21.16 27.91
N THR F 65 10.84 -20.39 27.63
CA THR F 65 10.62 -19.85 26.30
C THR F 65 10.75 -18.34 26.22
N LYS F 66 10.79 -17.66 27.36
CA LYS F 66 10.96 -16.21 27.41
C LYS F 66 9.85 -15.49 26.63
N GLY F 67 8.64 -16.03 26.70
CA GLY F 67 7.50 -15.40 26.06
C GLY F 67 7.30 -15.74 24.60
N LEU F 68 8.01 -16.74 24.08
CA LEU F 68 7.82 -17.20 22.72
C LEU F 68 7.09 -18.54 22.71
N GLY F 69 6.65 -18.94 21.54
CA GLY F 69 5.93 -20.19 21.41
C GLY F 69 6.85 -21.37 21.65
N ALA F 70 6.25 -22.55 21.71
CA ALA F 70 7.04 -23.76 21.92
C ALA F 70 7.77 -24.21 20.66
N GLY F 71 7.45 -23.63 19.50
CA GLY F 71 8.16 -23.98 18.28
C GLY F 71 7.94 -25.42 17.84
N ALA F 72 6.70 -25.89 17.89
CA ALA F 72 6.34 -27.22 17.40
C ALA F 72 7.08 -28.33 18.14
N ASN F 73 7.43 -28.08 19.40
CA ASN F 73 8.13 -29.08 20.21
C ASN F 73 7.24 -29.51 21.36
N PRO F 74 6.67 -30.70 21.33
CA PRO F 74 5.82 -31.13 22.46
C PRO F 74 6.57 -31.21 23.78
N GLU F 75 7.86 -31.57 23.75
CA GLU F 75 8.64 -31.65 24.97
C GLU F 75 8.76 -30.28 25.63
N VAL F 76 8.98 -29.24 24.82
CA VAL F 76 9.06 -27.88 25.37
C VAL F 76 7.74 -27.50 26.00
N GLY F 77 6.62 -27.84 25.37
CA GLY F 77 5.33 -27.54 25.95
C GLY F 77 5.11 -28.25 27.28
N ARG F 78 5.49 -29.53 27.34
CA ARG F 78 5.36 -30.27 28.60
C ARG F 78 6.21 -29.66 29.70
N ASN F 79 7.45 -29.27 29.37
CA ASN F 79 8.31 -28.65 30.36
C ASN F 79 7.76 -27.31 30.81
N ALA F 80 7.23 -26.52 29.88
CA ALA F 80 6.66 -25.23 30.25
C ALA F 80 5.41 -25.39 31.11
N ALA F 81 4.64 -26.46 30.89
CA ALA F 81 3.49 -26.73 31.74
C ALA F 81 3.94 -27.18 33.13
N ASP F 82 4.97 -28.01 33.19
CA ASP F 82 5.47 -28.47 34.48
C ASP F 82 6.07 -27.35 35.29
N GLU F 83 6.66 -26.35 34.62
CA GLU F 83 7.27 -25.24 35.34
C GLU F 83 6.23 -24.44 36.12
N ASP F 84 5.07 -24.17 35.51
CA ASP F 84 4.05 -23.32 36.10
C ASP F 84 2.82 -24.10 36.51
N ARG F 85 3.02 -25.31 37.05
CA ARG F 85 1.90 -26.14 37.48
C ARG F 85 1.11 -25.49 38.60
N GLU F 86 1.77 -24.71 39.46
CA GLU F 86 1.08 -24.10 40.58
C GLU F 86 0.07 -23.06 40.13
N ALA F 87 0.40 -22.28 39.10
CA ALA F 87 -0.56 -21.31 38.58
C ALA F 87 -1.78 -22.01 38.00
N LEU F 88 -1.58 -23.12 37.28
CA LEU F 88 -2.70 -23.88 36.76
C LEU F 88 -3.55 -24.42 37.89
N ARG F 89 -2.92 -24.98 38.92
CA ARG F 89 -3.68 -25.52 40.04
C ARG F 89 -4.47 -24.43 40.74
N ALA F 90 -3.86 -23.27 40.94
CA ALA F 90 -4.53 -22.17 41.64
C ALA F 90 -5.72 -21.67 40.85
N ALA F 91 -5.57 -21.50 39.53
CA ALA F 91 -6.66 -20.98 38.72
C ALA F 91 -7.73 -22.04 38.46
N LEU F 92 -7.39 -23.32 38.59
CA LEU F 92 -8.30 -24.42 38.29
C LEU F 92 -8.87 -25.06 39.56
N ASP F 93 -8.50 -24.56 40.73
CA ASP F 93 -8.97 -25.14 41.98
C ASP F 93 -10.42 -24.78 42.25
N GLY F 94 -11.11 -25.65 42.98
CA GLY F 94 -12.50 -25.44 43.32
C GLY F 94 -13.43 -25.49 42.14
N ALA F 95 -13.26 -26.47 41.26
CA ALA F 95 -14.07 -26.60 40.05
C ALA F 95 -14.78 -27.94 40.04
N ASP F 96 -16.04 -27.93 39.62
CA ASP F 96 -16.80 -29.16 39.47
C ASP F 96 -16.35 -29.95 38.24
N MET F 97 -16.13 -29.25 37.13
CA MET F 97 -15.76 -29.90 35.89
C MET F 97 -15.13 -28.87 34.96
N VAL F 98 -14.06 -29.27 34.28
CA VAL F 98 -13.33 -28.36 33.41
C VAL F 98 -13.50 -28.82 31.97
N PHE F 99 -13.35 -27.87 31.05
CA PHE F 99 -13.43 -28.13 29.61
C PHE F 99 -12.14 -27.61 28.98
N ILE F 100 -11.23 -28.51 28.66
CA ILE F 100 -9.92 -28.15 28.12
C ILE F 100 -9.97 -28.19 26.60
N ALA F 101 -9.64 -27.08 25.97
CA ALA F 101 -9.65 -26.96 24.51
C ALA F 101 -8.23 -26.74 24.03
N ALA F 102 -7.81 -27.54 23.04
CA ALA F 102 -6.46 -27.43 22.51
C ALA F 102 -6.42 -28.02 21.11
N GLY F 103 -5.60 -27.43 20.26
CA GLY F 103 -5.39 -27.97 18.93
C GLY F 103 -4.11 -28.79 18.87
N MET F 104 -4.24 -30.10 18.79
CA MET F 104 -3.08 -30.97 18.89
C MET F 104 -2.28 -30.97 17.59
N GLY F 105 -0.97 -31.19 17.72
CA GLY F 105 -0.08 -31.22 16.58
C GLY F 105 1.13 -30.34 16.79
N GLY F 106 0.95 -29.24 17.50
CA GLY F 106 2.01 -28.30 17.77
C GLY F 106 2.80 -28.66 19.00
N GLY F 107 3.47 -27.66 19.57
CA GLY F 107 4.29 -27.89 20.73
C GLY F 107 3.61 -27.57 22.05
N THR F 108 2.94 -26.42 22.10
CA THR F 108 2.32 -25.99 23.35
C THR F 108 1.11 -26.84 23.70
N GLY F 109 0.11 -26.87 22.81
CA GLY F 109 -1.10 -27.61 23.12
C GLY F 109 -0.87 -29.09 23.29
N THR F 110 -0.12 -29.70 22.37
CA THR F 110 0.07 -31.14 22.38
C THR F 110 0.72 -31.62 23.67
N GLY F 111 1.75 -30.93 24.13
CA GLY F 111 2.47 -31.37 25.30
C GLY F 111 1.96 -30.78 26.59
N ALA F 112 1.09 -29.78 26.49
CA ALA F 112 0.63 -29.07 27.68
C ALA F 112 -0.78 -29.48 28.10
N ALA F 113 -1.62 -29.92 27.17
CA ALA F 113 -2.95 -30.38 27.57
C ALA F 113 -2.91 -31.57 28.51
N PRO F 114 -2.08 -32.60 28.29
CA PRO F 114 -2.02 -33.69 29.29
C PRO F 114 -1.63 -33.22 30.66
N VAL F 115 -0.77 -32.21 30.79
CA VAL F 115 -0.38 -31.74 32.11
C VAL F 115 -1.55 -31.04 32.81
N VAL F 116 -2.30 -30.22 32.08
CA VAL F 116 -3.47 -29.57 32.68
C VAL F 116 -4.51 -30.60 33.06
N ALA F 117 -4.70 -31.62 32.21
CA ALA F 117 -5.62 -32.69 32.54
C ALA F 117 -5.17 -33.45 33.78
N GLU F 118 -3.86 -33.69 33.91
CA GLU F 118 -3.33 -34.36 35.09
C GLU F 118 -3.55 -33.52 36.33
N VAL F 119 -3.37 -32.21 36.22
CA VAL F 119 -3.62 -31.31 37.34
C VAL F 119 -5.08 -31.42 37.78
N ALA F 120 -5.99 -31.37 36.81
CA ALA F 120 -7.41 -31.45 37.14
C ALA F 120 -7.77 -32.79 37.77
N LYS F 121 -7.24 -33.89 37.22
CA LYS F 121 -7.57 -35.21 37.75
C LYS F 121 -7.01 -35.39 39.15
N ASP F 122 -5.79 -34.93 39.40
CA ASP F 122 -5.24 -34.99 40.74
C ASP F 122 -6.05 -34.15 41.71
N LEU F 123 -6.54 -33.00 41.24
CA LEU F 123 -7.41 -32.19 42.10
C LEU F 123 -8.76 -32.85 42.32
N GLY F 124 -9.15 -33.78 41.46
CA GLY F 124 -10.41 -34.47 41.62
C GLY F 124 -11.55 -33.76 40.92
N ILE F 125 -11.33 -33.39 39.66
CA ILE F 125 -12.30 -32.65 38.87
C ILE F 125 -12.62 -33.45 37.62
N LEU F 126 -13.91 -33.60 37.32
CA LEU F 126 -14.31 -34.19 36.06
C LEU F 126 -13.74 -33.36 34.90
N THR F 127 -13.15 -34.02 33.93
CA THR F 127 -12.44 -33.35 32.86
C THR F 127 -12.99 -33.80 31.51
N VAL F 128 -13.28 -32.83 30.64
CA VAL F 128 -13.65 -33.09 29.26
C VAL F 128 -12.72 -32.29 28.36
N ALA F 129 -12.06 -32.98 27.43
CA ALA F 129 -11.09 -32.36 26.55
C ALA F 129 -11.65 -32.34 25.14
N VAL F 130 -11.71 -31.14 24.56
CA VAL F 130 -12.20 -30.95 23.19
C VAL F 130 -11.01 -30.51 22.35
N VAL F 131 -10.54 -31.39 21.47
CA VAL F 131 -9.31 -31.15 20.73
C VAL F 131 -9.57 -31.33 19.24
N THR F 132 -8.70 -30.72 18.43
CA THR F 132 -8.79 -30.79 16.99
C THR F 132 -7.51 -31.40 16.42
N LYS F 133 -7.67 -32.32 15.48
CA LYS F 133 -6.53 -32.87 14.77
C LYS F 133 -5.97 -31.84 13.79
N PRO F 134 -4.75 -32.03 13.32
CA PRO F 134 -4.21 -31.13 12.28
C PRO F 134 -4.83 -31.43 10.92
N PHE F 135 -4.60 -30.51 10.00
CA PHE F 135 -5.06 -30.67 8.63
C PHE F 135 -4.26 -31.76 7.92
N ASN F 136 -4.79 -32.23 6.79
CA ASN F 136 -4.07 -33.24 6.03
C ASN F 136 -2.76 -32.66 5.48
N PHE F 137 -2.82 -31.44 4.94
CA PHE F 137 -1.66 -30.86 4.28
C PHE F 137 -0.58 -30.39 5.25
N GLU F 138 -0.81 -30.50 6.56
CA GLU F 138 0.17 -30.01 7.51
C GLU F 138 1.29 -31.01 7.79
N GLY F 139 1.24 -32.18 7.17
CA GLY F 139 2.35 -33.10 7.23
C GLY F 139 2.03 -34.36 8.03
N LYS F 140 2.89 -35.35 7.87
CA LYS F 140 2.78 -36.59 8.65
C LYS F 140 3.30 -36.40 10.07
N LYS F 141 4.37 -35.62 10.24
CA LYS F 141 4.94 -35.44 11.56
C LYS F 141 4.00 -34.66 12.47
N ARG F 142 3.29 -33.66 11.93
CA ARG F 142 2.31 -32.93 12.73
C ARG F 142 1.22 -33.86 13.24
N MET F 143 0.70 -34.73 12.37
CA MET F 143 -0.33 -35.67 12.78
C MET F 143 0.21 -36.68 13.78
N ALA F 144 1.45 -37.12 13.60
CA ALA F 144 2.03 -38.06 14.56
C ALA F 144 2.16 -37.44 15.93
N PHE F 145 2.63 -36.20 16.00
CA PHE F 145 2.72 -35.50 17.27
C PHE F 145 1.34 -35.35 17.89
N ALA F 146 0.34 -35.00 17.09
CA ALA F 146 -1.01 -34.86 17.61
C ALA F 146 -1.55 -36.18 18.16
N GLU F 147 -1.30 -37.28 17.44
CA GLU F 147 -1.80 -38.58 17.91
C GLU F 147 -1.13 -38.99 19.21
N GLN F 148 0.18 -38.79 19.31
CA GLN F 148 0.86 -39.08 20.58
C GLN F 148 0.32 -38.22 21.70
N GLY F 149 0.07 -36.95 21.41
CA GLY F 149 -0.48 -36.07 22.43
C GLY F 149 -1.87 -36.49 22.87
N ILE F 150 -2.71 -36.93 21.93
CA ILE F 150 -4.04 -37.37 22.29
C ILE F 150 -3.99 -38.66 23.11
N THR F 151 -3.05 -39.55 22.77
CA THR F 151 -2.85 -40.73 23.59
C THR F 151 -2.46 -40.36 25.02
N GLU F 152 -1.58 -39.37 25.16
CA GLU F 152 -1.23 -38.91 26.50
C GLU F 152 -2.41 -38.24 27.19
N LEU F 153 -3.23 -37.51 26.44
CA LEU F 153 -4.37 -36.81 27.02
C LEU F 153 -5.44 -37.78 27.50
N SER F 154 -5.59 -38.93 26.82
CA SER F 154 -6.58 -39.91 27.22
C SER F 154 -6.32 -40.46 28.62
N LYS F 155 -5.10 -40.31 29.13
CA LYS F 155 -4.77 -40.89 30.43
C LYS F 155 -5.38 -40.10 31.58
N HIS F 156 -5.58 -38.79 31.40
CA HIS F 156 -5.94 -37.91 32.51
C HIS F 156 -7.27 -37.20 32.31
N VAL F 157 -8.08 -37.60 31.33
CA VAL F 157 -9.39 -37.01 31.14
C VAL F 157 -10.45 -38.09 31.33
N ASP F 158 -11.69 -37.65 31.45
CA ASP F 158 -12.81 -38.56 31.59
C ASP F 158 -13.55 -38.80 30.29
N SER F 159 -13.73 -37.76 29.48
CA SER F 159 -14.31 -37.89 28.15
C SER F 159 -13.59 -36.96 27.20
N LEU F 160 -13.28 -37.47 26.01
CA LEU F 160 -12.49 -36.74 25.03
C LEU F 160 -13.29 -36.56 23.75
N ILE F 161 -13.32 -35.33 23.24
CA ILE F 161 -13.99 -35.02 21.99
C ILE F 161 -12.93 -34.62 20.98
N THR F 162 -12.88 -35.31 19.85
CA THR F 162 -11.89 -35.08 18.81
C THR F 162 -12.57 -34.58 17.55
N ILE F 163 -12.10 -33.47 17.02
CA ILE F 163 -12.63 -32.89 15.79
C ILE F 163 -11.55 -32.96 14.71
N PRO F 164 -11.67 -33.85 13.74
CA PRO F 164 -10.71 -33.85 12.62
C PRO F 164 -10.82 -32.55 11.85
N ASN F 165 -9.71 -31.84 11.74
CA ASN F 165 -9.72 -30.56 11.06
C ASN F 165 -9.92 -30.72 9.56
N ASP F 166 -9.81 -31.94 9.04
CA ASP F 166 -10.01 -32.20 7.63
C ASP F 166 -11.47 -32.32 7.23
N LYS F 167 -12.37 -32.47 8.20
CA LYS F 167 -13.79 -32.53 7.88
C LYS F 167 -14.39 -31.16 7.58
N LEU F 168 -13.70 -30.09 7.95
CA LEU F 168 -14.14 -28.75 7.57
C LEU F 168 -14.15 -28.60 6.06
N LEU F 169 -13.14 -29.17 5.39
CA LEU F 169 -13.07 -29.09 3.94
C LEU F 169 -14.20 -29.87 3.28
N LYS F 170 -14.59 -31.00 3.85
CA LYS F 170 -15.57 -31.88 3.24
C LYS F 170 -17.00 -31.48 3.53
N VAL F 171 -17.27 -30.93 4.72
CA VAL F 171 -18.64 -30.67 5.14
C VAL F 171 -19.11 -29.28 4.76
N LEU F 172 -18.27 -28.27 4.93
CA LEU F 172 -18.76 -26.89 4.92
C LEU F 172 -19.05 -26.38 3.51
N GLY F 173 -18.32 -26.81 2.52
CA GLY F 173 -18.65 -26.36 1.18
C GLY F 173 -17.64 -25.35 0.65
N ARG F 174 -17.39 -25.43 -0.66
CA ARG F 174 -16.31 -24.67 -1.28
C ARG F 174 -16.78 -23.23 -1.48
N GLY F 175 -16.26 -22.33 -0.66
CA GLY F 175 -16.64 -20.93 -0.73
C GLY F 175 -16.78 -20.35 0.65
N ILE F 176 -16.75 -21.20 1.66
CA ILE F 176 -16.89 -20.75 3.05
C ILE F 176 -15.61 -20.04 3.47
N SER F 177 -15.78 -18.96 4.22
CA SER F 177 -14.63 -18.20 4.69
C SER F 177 -13.88 -18.98 5.76
N LEU F 178 -12.61 -18.64 5.95
CA LEU F 178 -11.82 -19.30 6.98
C LEU F 178 -12.39 -19.03 8.35
N LEU F 179 -12.81 -17.79 8.60
CA LEU F 179 -13.37 -17.45 9.91
C LEU F 179 -14.62 -18.26 10.19
N ASP F 180 -15.51 -18.40 9.21
CA ASP F 180 -16.73 -19.16 9.42
C ASP F 180 -16.45 -20.65 9.50
N ALA F 181 -15.47 -21.15 8.74
CA ALA F 181 -15.10 -22.55 8.84
C ALA F 181 -14.55 -22.88 10.23
N PHE F 182 -13.75 -21.98 10.80
CA PHE F 182 -13.25 -22.20 12.15
C PHE F 182 -14.34 -22.01 13.19
N GLY F 183 -15.28 -21.09 12.94
CA GLY F 183 -16.40 -20.93 13.86
C GLY F 183 -17.29 -22.15 13.92
N ALA F 184 -17.44 -22.83 12.78
CA ALA F 184 -18.20 -24.08 12.78
C ALA F 184 -17.57 -25.11 13.71
N ALA F 185 -16.23 -25.20 13.71
CA ALA F 185 -15.56 -26.11 14.62
C ALA F 185 -15.66 -25.65 16.06
N ASN F 186 -15.55 -24.35 16.30
CA ASN F 186 -15.65 -23.83 17.66
C ASN F 186 -17.04 -24.05 18.25
N ASP F 187 -18.06 -24.11 17.42
CA ASP F 187 -19.41 -24.33 17.93
C ASP F 187 -19.58 -25.70 18.56
N VAL F 188 -18.73 -26.68 18.26
CA VAL F 188 -18.81 -27.96 18.96
C VAL F 188 -18.54 -27.77 20.44
N LEU F 189 -17.42 -27.12 20.78
CA LEU F 189 -17.12 -26.84 22.18
C LEU F 189 -18.15 -25.91 22.79
N LYS F 190 -18.58 -24.88 22.04
CA LYS F 190 -19.58 -23.98 22.61
C LYS F 190 -20.88 -24.71 22.95
N GLY F 191 -21.36 -25.55 22.04
CA GLY F 191 -22.58 -26.28 22.30
C GLY F 191 -22.43 -27.24 23.46
N ALA F 192 -21.29 -27.94 23.52
CA ALA F 192 -21.06 -28.85 24.64
C ALA F 192 -21.11 -28.12 25.96
N VAL F 193 -20.36 -27.01 26.08
CA VAL F 193 -20.30 -26.28 27.34
C VAL F 193 -21.66 -25.73 27.71
N GLN F 194 -22.32 -25.06 26.77
CA GLN F 194 -23.61 -24.44 27.08
C GLN F 194 -24.67 -25.48 27.42
N GLY F 195 -24.70 -26.60 26.72
CA GLY F 195 -25.66 -27.64 27.04
C GLY F 195 -25.43 -28.24 28.41
N ILE F 196 -24.16 -28.52 28.74
CA ILE F 196 -23.88 -29.09 30.05
C ILE F 196 -24.26 -28.12 31.16
N ALA F 197 -23.93 -26.83 31.00
CA ALA F 197 -24.28 -25.87 32.03
C ALA F 197 -25.78 -25.75 32.19
N GLU F 198 -26.50 -25.60 31.08
CA GLU F 198 -27.95 -25.47 31.13
C GLU F 198 -28.61 -26.71 31.72
N LEU F 199 -28.00 -27.87 31.54
CA LEU F 199 -28.52 -29.09 32.14
C LEU F 199 -28.27 -29.12 33.65
N ILE F 200 -27.06 -28.73 34.07
CA ILE F 200 -26.70 -28.87 35.48
C ILE F 200 -27.48 -27.87 36.34
N THR F 201 -27.63 -26.63 35.87
CA THR F 201 -28.20 -25.62 36.76
C THR F 201 -29.73 -25.64 36.79
N ARG F 202 -30.36 -25.49 35.64
CA ARG F 202 -31.80 -25.31 35.59
C ARG F 202 -32.52 -26.56 36.09
N PRO F 203 -33.62 -26.42 36.84
CA PRO F 203 -34.35 -27.58 37.34
C PRO F 203 -35.17 -28.27 36.26
N GLY F 204 -35.99 -29.24 36.65
CA GLY F 204 -36.82 -29.93 35.69
C GLY F 204 -37.88 -30.75 36.37
N LEU F 205 -38.88 -31.14 35.58
CA LEU F 205 -39.92 -32.03 36.08
C LEU F 205 -39.35 -33.39 36.45
N MET F 206 -38.51 -33.95 35.58
CA MET F 206 -37.76 -35.17 35.85
C MET F 206 -36.30 -34.76 35.96
N ASN F 207 -35.88 -34.37 37.16
CA ASN F 207 -34.64 -33.64 37.32
C ASN F 207 -33.43 -34.51 37.03
N VAL F 208 -32.52 -33.98 36.22
CA VAL F 208 -31.19 -34.55 36.03
C VAL F 208 -30.19 -33.49 36.46
N ASP F 209 -29.17 -33.91 37.21
CA ASP F 209 -28.30 -32.95 37.88
C ASP F 209 -26.86 -33.40 37.71
N PHE F 210 -25.96 -32.79 38.50
CA PHE F 210 -24.54 -33.06 38.38
C PHE F 210 -24.20 -34.51 38.71
N ALA F 211 -25.00 -35.16 39.56
CA ALA F 211 -24.73 -36.56 39.89
C ALA F 211 -24.88 -37.45 38.68
N ASP F 212 -25.90 -37.21 37.86
CA ASP F 212 -26.08 -37.96 36.62
C ASP F 212 -24.93 -37.71 35.65
N VAL F 213 -24.46 -36.47 35.57
CA VAL F 213 -23.32 -36.15 34.73
C VAL F 213 -22.09 -36.92 35.20
N ARG F 214 -21.87 -36.96 36.51
CA ARG F 214 -20.74 -37.71 37.05
C ARG F 214 -20.86 -39.20 36.77
N THR F 215 -22.06 -39.76 36.88
CA THR F 215 -22.23 -41.19 36.69
C THR F 215 -22.24 -41.60 35.22
N VAL F 216 -22.42 -40.67 34.29
CA VAL F 216 -22.27 -41.01 32.88
C VAL F 216 -20.84 -40.76 32.39
N MET F 217 -20.10 -39.86 33.04
CA MET F 217 -18.69 -39.63 32.71
C MET F 217 -17.76 -40.44 33.59
N SER F 218 -18.28 -41.43 34.30
CA SER F 218 -17.46 -42.26 35.16
C SER F 218 -16.63 -43.25 34.40
N GLU F 219 -16.50 -43.14 33.09
CA GLU F 219 -15.72 -44.11 32.33
C GLU F 219 -15.01 -43.41 31.18
N MET F 220 -13.72 -43.68 31.04
CA MET F 220 -12.92 -43.10 29.97
C MET F 220 -13.49 -43.52 28.61
N GLY F 221 -13.48 -42.59 27.67
CA GLY F 221 -13.87 -42.89 26.31
C GLY F 221 -14.18 -41.63 25.54
N TYR F 222 -14.37 -41.83 24.24
CA TYR F 222 -14.81 -40.74 23.38
C TYR F 222 -16.23 -40.34 23.75
N ALA F 223 -16.57 -39.09 23.47
CA ALA F 223 -17.88 -38.58 23.84
C ALA F 223 -18.37 -37.62 22.76
N MET F 224 -19.68 -37.40 22.76
CA MET F 224 -20.29 -36.37 21.93
C MET F 224 -21.32 -35.64 22.77
N MET F 225 -21.32 -34.32 22.67
CA MET F 225 -22.29 -33.48 23.37
C MET F 225 -22.79 -32.40 22.43
N GLY F 226 -24.07 -32.09 22.54
CA GLY F 226 -24.66 -31.07 21.69
C GLY F 226 -26.13 -30.91 22.02
N SER F 227 -26.74 -29.93 21.39
CA SER F 227 -28.14 -29.64 21.60
C SER F 227 -28.83 -29.46 20.26
N GLY F 228 -30.12 -29.79 20.24
CA GLY F 228 -30.94 -29.58 19.07
C GLY F 228 -32.19 -28.80 19.42
N VAL F 229 -32.58 -27.86 18.56
CA VAL F 229 -33.74 -27.02 18.79
C VAL F 229 -34.62 -27.06 17.55
N ALA F 230 -35.94 -27.13 17.76
CA ALA F 230 -36.85 -27.18 16.63
C ALA F 230 -38.19 -26.58 17.04
N SER F 231 -39.02 -26.33 16.03
CA SER F 231 -40.39 -25.82 16.22
C SER F 231 -41.29 -26.51 15.22
N GLY F 232 -42.57 -26.20 15.29
CA GLY F 232 -43.51 -26.72 14.32
C GLY F 232 -44.05 -28.09 14.71
N GLU F 233 -44.60 -28.77 13.70
CA GLU F 233 -45.29 -30.02 13.94
C GLU F 233 -44.32 -31.13 14.33
N ASP F 234 -43.18 -31.21 13.64
CA ASP F 234 -42.18 -32.26 13.89
C ASP F 234 -41.06 -31.78 14.78
N ARG F 235 -41.37 -30.92 15.75
CA ARG F 235 -40.30 -30.31 16.55
C ARG F 235 -39.55 -31.36 17.36
N ALA F 236 -40.25 -32.34 17.91
CA ALA F 236 -39.59 -33.34 18.73
C ALA F 236 -38.60 -34.15 17.92
N GLU F 237 -39.04 -34.70 16.78
CA GLU F 237 -38.17 -35.53 15.97
C GLU F 237 -37.01 -34.72 15.39
N GLU F 238 -37.30 -33.52 14.89
CA GLU F 238 -36.23 -32.69 14.32
C GLU F 238 -35.19 -32.34 15.36
N ALA F 239 -35.62 -31.93 16.55
CA ALA F 239 -34.67 -31.61 17.60
C ALA F 239 -33.87 -32.82 18.04
N ALA F 240 -34.52 -33.98 18.13
CA ALA F 240 -33.81 -35.18 18.56
C ALA F 240 -32.73 -35.58 17.57
N GLU F 241 -33.04 -35.57 16.27
CA GLU F 241 -32.01 -35.90 15.29
C GLU F 241 -30.99 -34.79 15.12
N MET F 242 -31.32 -33.56 15.48
CA MET F 242 -30.32 -32.49 15.46
C MET F 242 -29.35 -32.62 16.63
N ALA F 243 -29.81 -33.13 17.76
CA ALA F 243 -28.93 -33.25 18.92
C ALA F 243 -27.87 -34.32 18.74
N ILE F 244 -28.18 -35.42 18.06
CA ILE F 244 -27.26 -36.53 17.90
C ILE F 244 -26.59 -36.51 16.52
N SER F 245 -26.53 -35.35 15.88
CA SER F 245 -25.84 -35.20 14.60
C SER F 245 -24.53 -34.48 14.84
N SER F 246 -23.43 -35.08 14.41
CA SER F 246 -22.09 -34.52 14.59
C SER F 246 -21.37 -34.57 13.26
N PRO F 247 -21.69 -33.64 12.35
CA PRO F 247 -21.01 -33.66 11.04
C PRO F 247 -19.51 -33.48 11.14
N LEU F 248 -19.04 -32.66 12.08
CA LEU F 248 -17.63 -32.32 12.16
C LEU F 248 -16.84 -33.24 13.08
N LEU F 249 -17.49 -34.10 13.84
CA LEU F 249 -16.76 -34.99 14.71
C LEU F 249 -16.18 -36.15 13.93
N GLU F 250 -15.21 -36.83 14.55
CA GLU F 250 -14.64 -38.00 13.92
C GLU F 250 -15.69 -39.09 13.78
N ASP F 251 -15.51 -39.95 12.78
CA ASP F 251 -16.48 -41.01 12.52
C ASP F 251 -16.70 -41.80 13.80
N ILE F 252 -17.91 -41.72 14.33
CA ILE F 252 -18.20 -42.20 15.68
C ILE F 252 -19.37 -43.18 15.61
N ASP F 253 -19.41 -44.08 16.59
CA ASP F 253 -20.44 -45.10 16.68
C ASP F 253 -21.20 -44.87 17.97
N LEU F 254 -22.40 -44.29 17.87
CA LEU F 254 -23.17 -44.00 19.08
C LEU F 254 -23.62 -45.27 19.78
N SER F 255 -23.78 -46.37 19.04
CA SER F 255 -24.19 -47.62 19.66
C SER F 255 -23.19 -48.12 20.68
N GLY F 256 -21.93 -47.73 20.56
CA GLY F 256 -20.91 -48.10 21.52
C GLY F 256 -20.88 -47.26 22.77
N ALA F 257 -21.75 -46.26 22.89
CA ALA F 257 -21.79 -45.43 24.08
C ALA F 257 -22.32 -46.22 25.26
N ARG F 258 -21.65 -46.09 26.40
CA ARG F 258 -22.08 -46.77 27.62
C ARG F 258 -22.77 -45.84 28.61
N GLY F 259 -22.98 -44.57 28.24
CA GLY F 259 -23.71 -43.65 29.07
C GLY F 259 -24.39 -42.60 28.23
N VAL F 260 -25.70 -42.45 28.37
CA VAL F 260 -26.48 -41.48 27.60
C VAL F 260 -27.27 -40.63 28.58
N LEU F 261 -27.23 -39.32 28.40
CA LEU F 261 -27.92 -38.37 29.25
C LEU F 261 -28.68 -37.39 28.38
N VAL F 262 -30.00 -37.40 28.49
CA VAL F 262 -30.87 -36.62 27.61
C VAL F 262 -31.72 -35.69 28.46
N ASN F 263 -31.90 -34.46 27.97
CA ASN F 263 -32.75 -33.48 28.65
C ASN F 263 -33.64 -32.82 27.61
N ILE F 264 -34.95 -32.97 27.77
CA ILE F 264 -35.94 -32.34 26.90
C ILE F 264 -36.44 -31.09 27.60
N THR F 265 -36.41 -29.96 26.91
CA THR F 265 -36.87 -28.71 27.47
C THR F 265 -37.89 -28.10 26.52
N ALA F 266 -39.04 -27.69 27.06
CA ALA F 266 -40.12 -27.16 26.24
C ALA F 266 -41.09 -26.40 27.14
N GLY F 267 -42.16 -25.92 26.53
CA GLY F 267 -43.24 -25.30 27.28
C GLY F 267 -44.20 -26.34 27.83
N PHE F 268 -45.19 -25.85 28.59
CA PHE F 268 -46.12 -26.76 29.26
C PHE F 268 -47.00 -27.53 28.30
N ASP F 269 -47.03 -27.16 27.02
CA ASP F 269 -47.84 -27.86 26.04
C ASP F 269 -47.14 -29.08 25.48
N LEU F 270 -45.93 -29.40 25.95
CA LEU F 270 -45.21 -30.57 25.49
C LEU F 270 -46.07 -31.82 25.61
N ARG F 271 -46.37 -32.42 24.47
CA ARG F 271 -47.25 -33.57 24.46
C ARG F 271 -46.50 -34.85 24.82
N LEU F 272 -47.25 -35.87 25.20
CA LEU F 272 -46.63 -37.12 25.61
C LEU F 272 -45.99 -37.84 24.44
N ASP F 273 -46.58 -37.76 23.25
CA ASP F 273 -46.00 -38.42 22.10
C ASP F 273 -44.69 -37.77 21.68
N GLU F 274 -44.52 -36.47 21.93
CA GLU F 274 -43.23 -35.83 21.66
C GLU F 274 -42.13 -36.37 22.57
N PHE F 275 -42.43 -36.48 23.86
CA PHE F 275 -41.49 -37.09 24.80
C PHE F 275 -41.19 -38.52 24.40
N GLU F 276 -42.20 -39.26 23.95
CA GLU F 276 -41.98 -40.63 23.51
C GLU F 276 -41.11 -40.68 22.26
N THR F 277 -41.30 -39.76 21.33
CA THR F 277 -40.47 -39.77 20.12
C THR F 277 -39.02 -39.43 20.42
N VAL F 278 -38.77 -38.50 21.34
CA VAL F 278 -37.39 -38.25 21.74
C VAL F 278 -36.81 -39.49 22.41
N GLY F 279 -37.58 -40.14 23.28
CA GLY F 279 -37.10 -41.35 23.91
C GLY F 279 -36.80 -42.45 22.92
N ASN F 280 -37.62 -42.58 21.89
CA ASN F 280 -37.38 -43.59 20.87
C ASN F 280 -36.14 -43.26 20.04
N THR F 281 -35.93 -41.98 19.74
CA THR F 281 -34.70 -41.59 19.06
C THR F 281 -33.48 -41.99 19.88
N ILE F 282 -33.54 -41.78 21.20
CA ILE F 282 -32.42 -42.15 22.06
C ILE F 282 -32.26 -43.66 22.11
N ARG F 283 -33.37 -44.39 22.22
CA ARG F 283 -33.31 -45.86 22.27
C ARG F 283 -32.83 -46.46 20.98
N ALA F 284 -32.93 -45.73 19.86
CA ALA F 284 -32.51 -46.27 18.57
C ALA F 284 -31.05 -46.67 18.56
N PHE F 285 -30.21 -46.01 19.36
CA PHE F 285 -28.78 -46.33 19.38
C PHE F 285 -28.27 -46.79 20.73
N ALA F 286 -28.94 -46.47 21.83
CA ALA F 286 -28.44 -46.82 23.15
C ALA F 286 -28.38 -48.34 23.31
N SER F 287 -27.28 -48.83 23.86
CA SER F 287 -27.10 -50.26 24.05
C SER F 287 -27.83 -50.74 25.31
N ASP F 288 -27.88 -52.06 25.48
CA ASP F 288 -28.63 -52.63 26.59
C ASP F 288 -27.91 -52.46 27.92
N ASN F 289 -26.59 -52.33 27.91
CA ASN F 289 -25.82 -52.19 29.13
C ASN F 289 -25.44 -50.74 29.42
N ALA F 290 -25.99 -49.79 28.66
CA ALA F 290 -25.70 -48.38 28.88
C ALA F 290 -26.69 -47.79 29.88
N THR F 291 -26.20 -46.86 30.69
CA THR F 291 -27.03 -46.17 31.67
C THR F 291 -27.64 -44.96 30.98
N VAL F 292 -28.93 -45.03 30.67
CA VAL F 292 -29.64 -43.97 29.98
C VAL F 292 -30.46 -43.21 31.01
N VAL F 293 -30.29 -41.90 31.06
CA VAL F 293 -31.08 -41.03 31.93
C VAL F 293 -31.79 -40.01 31.05
N ILE F 294 -33.11 -39.95 31.16
CA ILE F 294 -33.93 -39.02 30.39
C ILE F 294 -34.49 -37.98 31.35
N GLY F 295 -34.29 -36.71 31.03
CA GLY F 295 -34.76 -35.62 31.84
C GLY F 295 -35.69 -34.72 31.06
N THR F 296 -36.58 -34.04 31.78
CA THR F 296 -37.54 -33.12 31.18
C THR F 296 -37.57 -31.85 32.00
N SER F 297 -37.78 -30.72 31.33
CA SER F 297 -37.82 -29.41 31.98
C SER F 297 -38.85 -28.55 31.27
N LEU F 298 -40.07 -28.52 31.80
CA LEU F 298 -41.11 -27.67 31.23
C LEU F 298 -40.85 -26.23 31.67
N ASP F 299 -40.77 -25.32 30.71
CA ASP F 299 -40.36 -23.95 30.97
C ASP F 299 -41.39 -22.98 30.43
N PRO F 300 -42.08 -22.20 31.26
CA PRO F 300 -42.98 -21.17 30.71
C PRO F 300 -42.23 -20.14 29.90
N ASP F 301 -40.94 -19.93 30.19
CA ASP F 301 -40.13 -19.02 29.40
C ASP F 301 -40.06 -19.47 27.95
N MET F 302 -39.84 -20.76 27.73
CA MET F 302 -39.76 -21.29 26.37
C MET F 302 -41.09 -21.16 25.66
N ASN F 303 -41.01 -20.73 24.41
CA ASN F 303 -42.16 -20.63 23.52
C ASN F 303 -42.49 -22.00 22.95
N ASP F 304 -43.23 -22.04 21.85
CA ASP F 304 -43.55 -23.27 21.13
C ASP F 304 -42.32 -23.99 20.59
N GLU F 305 -41.17 -23.41 20.92
CA GLU F 305 -39.86 -23.95 20.65
C GLU F 305 -39.57 -25.13 21.57
N LEU F 306 -38.82 -26.11 21.06
CA LEU F 306 -38.45 -27.31 21.79
C LEU F 306 -36.96 -27.56 21.64
N ARG F 307 -36.30 -27.88 22.76
CA ARG F 307 -34.85 -28.12 22.77
C ARG F 307 -34.55 -29.50 23.35
N VAL F 308 -33.57 -30.19 22.75
CA VAL F 308 -33.12 -31.49 23.22
C VAL F 308 -31.61 -31.47 23.34
N THR F 309 -31.10 -31.82 24.51
CA THR F 309 -29.66 -31.88 24.76
C THR F 309 -29.27 -33.32 25.07
N VAL F 310 -28.29 -33.83 24.35
CA VAL F 310 -27.86 -35.23 24.48
C VAL F 310 -26.38 -35.24 24.81
N VAL F 311 -26.02 -36.01 25.84
CA VAL F 311 -24.62 -36.24 26.22
C VAL F 311 -24.39 -37.74 26.22
N ALA F 312 -23.50 -38.21 25.35
CA ALA F 312 -23.20 -39.62 25.24
C ALA F 312 -21.70 -39.83 25.39
N THR F 313 -21.31 -40.71 26.31
CA THR F 313 -19.91 -40.94 26.63
C THR F 313 -19.59 -42.42 26.51
N GLY F 314 -18.33 -42.77 26.79
CA GLY F 314 -17.90 -44.15 26.81
C GLY F 314 -17.65 -44.77 25.45
N ILE F 315 -17.71 -43.99 24.39
CA ILE F 315 -17.59 -44.53 23.05
C ILE F 315 -16.14 -44.94 22.78
N GLY F 316 -15.98 -46.07 22.10
CA GLY F 316 -14.67 -46.52 21.67
C GLY F 316 -13.69 -46.84 22.80
N ALA G 3 2.64 -2.14 30.84
CA ALA G 3 2.62 -1.97 32.28
C ALA G 3 1.47 -2.76 32.89
N GLN G 4 1.74 -4.04 33.21
CA GLN G 4 0.79 -5.00 33.79
C GLN G 4 -0.57 -4.89 33.13
N PRO G 5 -0.71 -5.37 31.89
CA PRO G 5 -1.96 -5.16 31.12
C PRO G 5 -3.17 -5.70 31.86
N VAL G 6 -4.17 -4.85 32.05
CA VAL G 6 -5.36 -5.21 32.78
C VAL G 6 -6.44 -5.63 31.78
N ASP G 7 -7.46 -6.31 32.29
CA ASP G 7 -8.54 -6.81 31.47
C ASP G 7 -9.86 -6.21 31.95
N LEU G 8 -10.69 -5.83 31.00
CA LEU G 8 -11.97 -5.21 31.29
C LEU G 8 -13.04 -5.88 30.46
N GLN G 9 -14.27 -5.83 30.94
CA GLN G 9 -15.42 -6.39 30.24
C GLN G 9 -16.51 -5.31 30.23
N ILE G 10 -16.55 -4.53 29.16
CA ILE G 10 -17.37 -3.33 29.08
C ILE G 10 -18.37 -3.49 27.94
N PHE G 11 -19.65 -3.32 28.26
CA PHE G 11 -20.73 -3.34 27.26
C PHE G 11 -20.73 -4.64 26.47
N GLY G 12 -20.46 -5.76 27.15
CA GLY G 12 -20.38 -7.04 26.47
C GLY G 12 -19.29 -7.09 25.43
N ARG G 13 -18.11 -6.56 25.74
CA ARG G 13 -17.05 -6.44 24.76
C ARG G 13 -15.72 -6.42 25.51
N SER G 14 -15.04 -7.55 25.54
CA SER G 14 -13.81 -7.68 26.31
C SER G 14 -12.72 -6.77 25.74
N LEU G 15 -12.02 -6.08 26.64
CA LEU G 15 -10.94 -5.17 26.28
C LEU G 15 -9.72 -5.48 27.10
N ARG G 16 -8.56 -5.09 26.58
CA ARG G 16 -7.28 -5.28 27.24
C ARG G 16 -6.52 -3.97 27.17
N VAL G 17 -6.19 -3.41 28.33
CA VAL G 17 -5.48 -2.14 28.43
C VAL G 17 -4.34 -2.32 29.43
N ASN G 18 -3.20 -1.70 29.15
CA ASN G 18 -2.11 -1.63 30.10
C ASN G 18 -2.17 -0.30 30.83
N CYS G 19 -2.12 -0.34 32.15
CA CYS G 19 -2.32 0.87 32.94
C CYS G 19 -1.25 0.98 34.01
N PRO G 20 -0.87 2.20 34.37
CA PRO G 20 -0.04 2.38 35.56
C PRO G 20 -0.79 1.91 36.79
N PRO G 21 -0.07 1.42 37.80
CA PRO G 21 -0.76 0.89 38.99
C PRO G 21 -1.63 1.92 39.70
N GLU G 22 -1.27 3.19 39.67
CA GLU G 22 -2.00 4.20 40.41
C GLU G 22 -3.28 4.64 39.73
N GLN G 23 -3.47 4.33 38.45
CA GLN G 23 -4.69 4.69 37.74
C GLN G 23 -5.67 3.52 37.63
N ARG G 24 -5.41 2.43 38.36
CA ARG G 24 -6.26 1.24 38.28
C ARG G 24 -7.70 1.55 38.68
N ASP G 25 -7.87 2.15 39.86
CA ASP G 25 -9.21 2.42 40.37
C ASP G 25 -9.92 3.47 39.54
N ALA G 26 -9.18 4.45 39.03
CA ALA G 26 -9.76 5.41 38.11
C ALA G 26 -10.26 4.70 36.85
N LEU G 27 -9.50 3.72 36.35
CA LEU G 27 -9.97 2.94 35.21
C LEU G 27 -11.23 2.16 35.53
N ASN G 28 -11.29 1.56 36.72
CA ASN G 28 -12.49 0.81 37.10
C ASN G 28 -13.72 1.74 37.15
N GLN G 29 -13.60 2.88 37.81
CA GLN G 29 -14.74 3.79 37.86
C GLN G 29 -15.08 4.37 36.49
N ALA G 30 -14.08 4.58 35.63
CA ALA G 30 -14.35 5.00 34.27
C ALA G 30 -15.13 3.93 33.51
N ALA G 31 -14.77 2.66 33.74
CA ALA G 31 -15.50 1.57 33.12
C ALA G 31 -16.94 1.53 33.61
N GLU G 32 -17.16 1.75 34.91
CA GLU G 32 -18.54 1.79 35.40
C GLU G 32 -19.32 2.95 34.77
N ASP G 33 -18.70 4.12 34.66
CA ASP G 33 -19.38 5.25 34.05
C ASP G 33 -19.73 4.95 32.60
N LEU G 34 -18.79 4.36 31.85
CA LEU G 34 -19.02 4.06 30.45
C LEU G 34 -20.08 2.97 30.29
N ASN G 35 -20.02 1.95 31.13
CA ASN G 35 -21.03 0.90 31.12
C ASN G 35 -22.42 1.48 31.34
N GLN G 36 -22.55 2.34 32.35
CA GLN G 36 -23.85 2.95 32.62
C GLN G 36 -24.29 3.86 31.48
N ARG G 37 -23.37 4.62 30.90
CA ARG G 37 -23.75 5.51 29.80
C ARG G 37 -24.25 4.72 28.60
N LEU G 38 -23.53 3.68 28.20
CA LEU G 38 -23.98 2.87 27.07
C LEU G 38 -25.22 2.06 27.40
N GLN G 39 -25.34 1.59 28.65
CA GLN G 39 -26.53 0.86 29.06
C GLN G 39 -27.77 1.73 28.98
N ASP G 40 -27.64 3.02 29.35
CA ASP G 40 -28.73 3.95 29.15
C ASP G 40 -28.92 4.30 27.68
N LEU G 41 -27.87 4.23 26.88
CA LEU G 41 -28.01 4.50 25.45
C LEU G 41 -28.68 3.36 24.70
N LYS G 42 -28.70 2.15 25.27
CA LYS G 42 -29.26 1.02 24.55
C LYS G 42 -30.77 1.17 24.35
N GLU G 43 -31.52 1.45 25.40
CA GLU G 43 -32.98 1.49 25.29
C GLU G 43 -33.50 2.87 24.93
N ARG G 44 -32.61 3.82 24.65
CA ARG G 44 -33.06 5.09 24.09
C ARG G 44 -33.78 4.84 22.78
N THR G 45 -33.35 3.84 22.02
CA THR G 45 -34.01 3.41 20.79
C THR G 45 -34.06 1.89 20.77
N ARG G 46 -35.19 1.34 20.33
CA ARG G 46 -35.37 -0.11 20.34
C ARG G 46 -34.44 -0.80 19.35
N VAL G 47 -34.45 -0.35 18.10
CA VAL G 47 -33.58 -0.91 17.06
C VAL G 47 -32.75 0.22 16.47
N THR G 48 -31.44 0.04 16.45
CA THR G 48 -30.54 1.07 15.98
C THR G 48 -29.31 0.42 15.36
N ASN G 49 -28.34 1.25 14.97
CA ASN G 49 -27.04 0.76 14.51
C ASN G 49 -26.13 0.68 15.72
N THR G 50 -26.25 -0.43 16.46
CA THR G 50 -25.48 -0.61 17.68
C THR G 50 -23.98 -0.57 17.44
N GLU G 51 -23.54 -0.80 16.20
CA GLU G 51 -22.13 -0.70 15.87
C GLU G 51 -21.61 0.73 16.02
N GLN G 52 -22.50 1.71 16.16
CA GLN G 52 -22.11 3.09 16.34
C GLN G 52 -22.31 3.59 17.76
N LEU G 53 -22.86 2.76 18.67
CA LEU G 53 -23.36 3.29 19.94
C LEU G 53 -22.25 3.90 20.79
N VAL G 54 -21.07 3.27 20.82
CA VAL G 54 -19.98 3.84 21.60
C VAL G 54 -19.53 5.18 21.02
N PHE G 55 -19.75 5.41 19.74
CA PHE G 55 -19.40 6.71 19.17
C PHE G 55 -20.26 7.83 19.79
N ILE G 56 -21.56 7.61 19.91
CA ILE G 56 -22.38 8.61 20.60
C ILE G 56 -22.02 8.65 22.08
N ALA G 57 -21.72 7.49 22.67
CA ALA G 57 -21.32 7.48 24.07
C ALA G 57 -20.02 8.23 24.31
N ALA G 58 -19.25 8.50 23.27
CA ALA G 58 -18.06 9.33 23.40
C ALA G 58 -18.27 10.78 23.01
N LEU G 59 -19.10 11.06 22.00
CA LEU G 59 -19.41 12.45 21.68
C LEU G 59 -20.18 13.13 22.80
N ASN G 60 -21.12 12.40 23.43
CA ASN G 60 -21.89 13.00 24.52
C ASN G 60 -20.98 13.41 25.67
N ILE G 61 -20.03 12.55 26.03
CA ILE G 61 -19.13 12.91 27.12
C ILE G 61 -18.10 13.93 26.65
N SER G 62 -17.79 14.01 25.36
CA SER G 62 -16.95 15.10 24.88
C SER G 62 -17.63 16.45 25.10
N TYR G 63 -18.90 16.55 24.75
CA TYR G 63 -19.63 17.80 24.97
C TYR G 63 -19.79 18.07 26.46
N GLU G 64 -20.09 17.04 27.24
CA GLU G 64 -20.23 17.16 28.68
C GLU G 64 -18.90 17.47 29.38
N LEU G 65 -17.78 17.21 28.71
CA LEU G 65 -16.47 17.58 29.23
C LEU G 65 -16.11 19.01 28.88
N THR G 66 -16.44 19.43 27.65
CA THR G 66 -16.22 20.83 27.28
C THR G 66 -17.07 21.78 28.10
N GLN G 67 -18.34 21.42 28.34
CA GLN G 67 -19.23 22.27 29.13
C GLN G 67 -18.62 22.62 30.49
N GLU G 68 -17.98 21.64 31.12
CA GLU G 68 -17.36 21.87 32.42
C GLU G 68 -15.90 22.31 32.31
N LYS G 69 -15.27 22.08 31.17
CA LYS G 69 -13.89 22.50 30.96
C LYS G 69 -13.79 24.01 30.81
N ALA G 70 -14.77 24.63 30.15
CA ALA G 70 -14.73 26.08 30.01
C ALA G 70 -14.75 26.79 31.36
N LYS G 71 -15.47 26.23 32.33
CA LYS G 71 -15.53 26.83 33.66
C LYS G 71 -14.18 26.85 34.35
N THR G 72 -13.28 25.93 33.96
CA THR G 72 -11.92 25.91 34.52
C THR G 72 -11.24 27.26 34.35
N ARG G 73 -11.21 27.78 33.13
CA ARG G 73 -10.67 29.12 32.93
C ARG G 73 -11.62 30.21 33.37
N ASP G 74 -12.94 29.99 33.26
CA ASP G 74 -13.90 31.02 33.65
C ASP G 74 -13.70 31.48 35.10
N TYR G 75 -13.93 30.58 36.05
CA TYR G 75 -13.85 31.02 37.44
C TYR G 75 -12.42 31.32 37.85
N ALA G 76 -11.45 30.64 37.25
CA ALA G 76 -10.05 30.95 37.54
C ALA G 76 -9.75 32.40 37.21
N SER G 77 -10.16 32.86 36.03
CA SER G 77 -9.90 34.25 35.65
C SER G 77 -10.65 35.23 36.54
N SER G 78 -11.94 34.96 36.80
CA SER G 78 -12.71 35.87 37.64
C SER G 78 -12.08 36.01 39.03
N MET G 79 -11.81 34.88 39.68
CA MET G 79 -11.22 34.92 41.00
C MET G 79 -9.81 35.52 40.96
N GLU G 80 -9.05 35.28 39.88
CA GLU G 80 -7.72 35.85 39.82
C GLU G 80 -7.76 37.37 39.78
N GLN G 81 -8.63 37.93 38.94
CA GLN G 81 -8.70 39.39 38.93
C GLN G 81 -9.15 39.92 40.29
N ARG G 82 -10.09 39.21 40.94
CA ARG G 82 -10.52 39.64 42.27
C ARG G 82 -9.35 39.60 43.26
N ILE G 83 -8.55 38.54 43.22
CA ILE G 83 -7.50 38.38 44.24
C ILE G 83 -6.37 39.38 44.01
N ARG G 84 -5.95 39.61 42.77
CA ARG G 84 -4.96 40.66 42.54
C ARG G 84 -5.49 42.04 42.92
N MET G 85 -6.78 42.31 42.65
CA MET G 85 -7.22 43.67 42.97
C MET G 85 -7.30 43.88 44.48
N LEU G 86 -7.79 42.89 45.24
CA LEU G 86 -7.79 43.06 46.69
C LEU G 86 -6.37 42.99 47.26
N GLN G 87 -5.44 42.33 46.56
CA GLN G 87 -4.04 42.44 46.93
C GLN G 87 -3.53 43.86 46.79
N GLN G 88 -3.91 44.53 45.70
CA GLN G 88 -3.39 45.86 45.43
C GLN G 88 -4.00 46.91 46.35
N THR G 89 -5.30 46.82 46.65
CA THR G 89 -5.88 47.79 47.58
C THR G 89 -5.25 47.68 48.97
N ILE G 90 -5.13 46.46 49.48
CA ILE G 90 -4.52 46.26 50.80
C ILE G 90 -3.37 45.28 50.70
N MET H 85 -8.39 41.19 60.31
CA MET H 85 -8.79 39.88 59.81
C MET H 85 -8.93 39.89 58.29
N LEU H 86 -9.20 41.06 57.73
CA LEU H 86 -9.33 41.19 56.29
C LEU H 86 -7.97 41.18 55.58
N GLN H 87 -6.89 41.39 56.32
CA GLN H 87 -5.57 41.39 55.71
C GLN H 87 -5.14 39.98 55.32
N GLN H 88 -5.49 38.97 56.12
CA GLN H 88 -5.02 37.62 55.93
C GLN H 88 -5.90 36.78 54.99
N THR H 89 -7.14 37.19 54.76
CA THR H 89 -8.02 36.41 53.89
C THR H 89 -7.45 36.32 52.48
N ILE H 90 -6.97 37.44 51.96
CA ILE H 90 -6.41 37.45 50.61
C ILE H 90 -5.07 36.73 50.58
N GLU H 91 -4.31 36.77 51.68
CA GLU H 91 -3.05 36.03 51.75
C GLU H 91 -3.29 34.52 51.67
N GLN H 92 -4.28 34.01 52.42
CA GLN H 92 -4.58 32.59 52.35
C GLN H 92 -5.28 32.21 51.05
N ALA H 93 -5.99 33.16 50.43
CA ALA H 93 -6.54 32.91 49.10
C ALA H 93 -5.44 32.55 48.12
N LEU H 94 -4.25 33.15 48.26
CA LEU H 94 -3.14 32.81 47.37
C LEU H 94 -2.73 31.35 47.53
N LEU H 95 -2.67 30.87 48.77
CA LEU H 95 -2.31 29.47 48.99
C LEU H 95 -3.38 28.54 48.41
N GLU H 96 -4.65 28.88 48.62
CA GLU H 96 -5.71 28.02 48.11
C GLU H 96 -5.75 28.06 46.57
N GLN H 97 -5.37 29.18 45.96
CA GLN H 97 -5.26 29.16 44.50
C GLN H 97 -3.98 28.50 44.03
N GLY H 98 -2.97 28.41 44.90
CA GLY H 98 -1.84 27.55 44.59
C GLY H 98 -2.28 26.10 44.46
N ARG H 99 -3.07 25.63 45.43
CA ARG H 99 -3.54 24.25 45.35
C ARG H 99 -4.57 24.06 44.23
N ILE H 100 -5.29 25.12 43.85
CA ILE H 100 -6.11 25.02 42.64
C ILE H 100 -5.23 24.89 41.40
N SER H 101 -4.23 25.76 41.27
CA SER H 101 -3.42 25.79 40.06
C SER H 101 -2.68 24.47 39.86
N GLU H 102 -2.15 23.90 40.94
CA GLU H 102 -1.53 22.58 40.79
C GLU H 102 -2.55 21.48 40.56
N ARG H 103 -3.84 21.74 40.76
CA ARG H 103 -4.83 20.68 40.70
C ARG H 103 -5.23 20.39 39.25
N ALA I 3 -34.94 14.58 15.28
CA ALA I 3 -34.82 16.04 15.30
C ALA I 3 -33.74 16.52 14.34
N GLN I 4 -34.11 16.63 13.06
CA GLN I 4 -33.20 17.04 12.00
C GLN I 4 -31.93 16.20 12.01
N PRO I 5 -32.00 14.94 11.59
CA PRO I 5 -30.81 14.08 11.63
C PRO I 5 -29.68 14.66 10.78
N VAL I 6 -28.45 14.50 11.26
CA VAL I 6 -27.29 15.04 10.57
C VAL I 6 -26.23 13.95 10.46
N ASP I 7 -25.34 14.13 9.49
CA ASP I 7 -24.28 13.17 9.22
C ASP I 7 -23.00 13.56 9.95
N LEU I 8 -22.21 12.55 10.29
CA LEU I 8 -20.85 12.75 10.76
C LEU I 8 -19.95 11.70 10.12
N GLN I 9 -18.68 12.06 9.96
CA GLN I 9 -17.67 11.13 9.44
C GLN I 9 -16.48 11.21 10.39
N ILE I 10 -16.38 10.25 11.29
CA ILE I 10 -15.44 10.29 12.40
C ILE I 10 -14.59 9.04 12.36
N PHE I 11 -13.27 9.23 12.34
CA PHE I 11 -12.31 8.13 12.40
C PHE I 11 -12.53 7.12 11.28
N GLY I 12 -12.85 7.63 10.10
CA GLY I 12 -13.12 6.75 8.96
C GLY I 12 -14.30 5.83 9.19
N ARG I 13 -15.37 6.34 9.78
CA ARG I 13 -16.53 5.51 10.11
C ARG I 13 -17.75 6.42 10.19
N SER I 14 -18.58 6.38 9.15
CA SER I 14 -19.70 7.30 9.04
C SER I 14 -20.74 7.01 10.13
N LEU I 15 -21.27 8.10 10.70
CA LEU I 15 -22.27 8.02 11.75
C LEU I 15 -23.42 8.96 11.42
N ARG I 16 -24.61 8.64 11.92
CA ARG I 16 -25.79 9.48 11.75
C ARG I 16 -26.42 9.69 13.12
N VAL I 17 -26.46 10.95 13.55
CA VAL I 17 -27.00 11.34 14.84
C VAL I 17 -27.98 12.48 14.63
N ASN I 18 -29.12 12.42 15.30
CA ASN I 18 -30.08 13.52 15.27
C ASN I 18 -29.80 14.43 16.44
N CYS I 19 -29.73 15.72 16.17
CA CYS I 19 -29.33 16.67 17.20
C CYS I 19 -30.25 17.86 17.22
N PRO I 20 -30.49 18.45 18.39
CA PRO I 20 -31.18 19.74 18.43
C PRO I 20 -30.38 20.78 17.70
N PRO I 21 -31.04 21.76 17.09
CA PRO I 21 -30.30 22.76 16.29
C PRO I 21 -29.28 23.54 17.09
N GLU I 22 -29.47 23.70 18.41
CA GLU I 22 -28.59 24.54 19.20
C GLU I 22 -27.31 23.84 19.63
N GLN I 23 -27.24 22.51 19.51
CA GLN I 23 -26.05 21.77 19.90
C GLN I 23 -25.23 21.33 18.69
N ARG I 24 -25.53 21.85 17.51
CA ARG I 24 -24.85 21.39 16.29
C ARG I 24 -23.35 21.70 16.34
N ASP I 25 -23.00 22.94 16.64
CA ASP I 25 -21.60 23.32 16.68
C ASP I 25 -20.86 22.60 17.79
N ALA I 26 -21.54 22.35 18.91
CA ALA I 26 -20.94 21.54 19.96
C ALA I 26 -20.66 20.13 19.46
N LEU I 27 -21.58 19.57 18.67
CA LEU I 27 -21.35 18.26 18.08
C LEU I 27 -20.14 18.27 17.16
N ASN I 28 -20.02 19.30 16.33
CA ASN I 28 -18.87 19.39 15.43
C ASN I 28 -17.56 19.47 16.22
N GLN I 29 -17.52 20.30 17.26
CA GLN I 29 -16.31 20.40 18.05
C GLN I 29 -15.99 19.12 18.81
N ALA I 30 -17.01 18.42 19.31
CA ALA I 30 -16.78 17.11 19.91
C ALA I 30 -16.24 16.14 18.87
N ALA I 31 -16.73 16.23 17.64
CA ALA I 31 -16.23 15.39 16.55
C ALA I 31 -14.75 15.63 16.31
N GLU I 32 -14.34 16.90 16.23
CA GLU I 32 -12.91 17.17 16.03
C GLU I 32 -12.08 16.70 17.22
N ASP I 33 -12.57 16.90 18.44
CA ASP I 33 -11.82 16.43 19.60
C ASP I 33 -11.65 14.92 19.56
N LEU I 34 -12.71 14.20 19.22
CA LEU I 34 -12.64 12.74 19.15
C LEU I 34 -11.75 12.28 18.01
N ASN I 35 -11.83 12.95 16.85
CA ASN I 35 -10.96 12.60 15.74
C ASN I 35 -9.50 12.73 16.14
N GLN I 36 -9.15 13.86 16.77
CA GLN I 36 -7.78 14.05 17.20
C GLN I 36 -7.36 13.05 18.26
N ARG I 37 -8.25 12.73 19.21
CA ARG I 37 -7.91 11.78 20.26
C ARG I 37 -7.64 10.40 19.67
N LEU I 38 -8.49 9.95 18.76
CA LEU I 38 -8.29 8.63 18.18
C LEU I 38 -7.12 8.61 17.22
N GLN I 39 -6.82 9.73 16.55
CA GLN I 39 -5.60 9.81 15.76
C GLN I 39 -4.37 9.66 16.64
N ASP I 40 -4.33 10.35 17.78
CA ASP I 40 -3.21 10.17 18.68
C ASP I 40 -3.15 8.76 19.23
N LEU I 41 -4.30 8.09 19.36
CA LEU I 41 -4.25 6.70 19.83
C LEU I 41 -3.73 5.75 18.77
N LYS I 42 -4.11 5.95 17.51
CA LYS I 42 -3.59 5.09 16.44
C LYS I 42 -2.08 5.23 16.30
N GLU I 43 -1.56 6.46 16.32
CA GLU I 43 -0.12 6.64 16.22
C GLU I 43 0.63 6.14 17.46
N ARG I 44 -0.09 5.80 18.53
CA ARG I 44 0.58 5.33 19.73
C ARG I 44 1.11 3.92 19.56
N THR I 45 0.48 3.10 18.71
CA THR I 45 0.85 1.71 18.56
C THR I 45 1.00 1.35 17.09
N ARG I 46 1.84 0.35 16.83
CA ARG I 46 2.04 -0.12 15.46
C ARG I 46 0.90 -1.03 15.02
N VAL I 47 0.75 -2.17 15.68
CA VAL I 47 -0.33 -3.10 15.42
C VAL I 47 -1.10 -3.29 16.71
N THR I 48 -2.40 -3.06 16.67
CA THR I 48 -3.24 -3.15 17.85
C THR I 48 -4.59 -3.72 17.43
N ASN I 49 -5.56 -3.70 18.35
CA ASN I 49 -6.94 -4.06 18.05
C ASN I 49 -7.71 -2.76 17.89
N THR I 50 -7.78 -2.26 16.65
CA THR I 50 -8.56 -1.08 16.37
C THR I 50 -10.03 -1.28 16.68
N GLU I 51 -10.46 -2.54 16.80
CA GLU I 51 -11.82 -2.87 17.18
C GLU I 51 -12.16 -2.33 18.56
N GLN I 52 -11.14 -2.01 19.38
CA GLN I 52 -11.35 -1.47 20.71
C GLN I 52 -10.84 -0.06 20.91
N LEU I 53 -10.37 0.61 19.85
CA LEU I 53 -9.68 1.88 20.04
C LEU I 53 -10.62 2.97 20.56
N VAL I 54 -11.85 3.01 20.05
CA VAL I 54 -12.78 4.03 20.51
C VAL I 54 -13.16 3.79 21.97
N PHE I 55 -13.10 2.53 22.41
CA PHE I 55 -13.33 2.26 23.82
C PHE I 55 -12.29 2.93 24.70
N ILE I 56 -11.01 2.85 24.29
CA ILE I 56 -9.97 3.56 25.02
C ILE I 56 -10.17 5.06 24.92
N ALA I 57 -10.55 5.54 23.73
CA ALA I 57 -10.78 6.97 23.55
C ALA I 57 -11.95 7.48 24.39
N ALA I 58 -12.82 6.61 24.86
CA ALA I 58 -13.88 7.02 25.76
C ALA I 58 -13.53 6.85 27.23
N LEU I 59 -12.80 5.80 27.59
CA LEU I 59 -12.35 5.69 28.98
C LEU I 59 -11.39 6.82 29.35
N ASN I 60 -10.48 7.17 28.44
CA ASN I 60 -9.55 8.26 28.73
C ASN I 60 -10.30 9.57 28.97
N ILE I 61 -11.28 9.88 28.12
CA ILE I 61 -12.03 11.11 28.31
C ILE I 61 -12.96 11.04 29.51
N SER I 62 -13.39 9.86 29.93
CA SER I 62 -14.15 9.80 31.18
C SER I 62 -13.27 10.07 32.40
N TYR I 63 -12.06 9.52 32.42
CA TYR I 63 -11.15 9.86 33.51
C TYR I 63 -10.78 11.34 33.49
N GLU I 64 -10.51 11.88 32.30
CA GLU I 64 -10.25 13.30 32.13
C GLU I 64 -11.47 14.15 32.43
N LEU I 65 -12.66 13.57 32.41
CA LEU I 65 -13.88 14.27 32.80
C LEU I 65 -13.99 14.33 34.31
N THR I 66 -13.84 13.19 34.98
CA THR I 66 -13.96 13.18 36.43
C THR I 66 -12.87 13.99 37.11
N GLN I 67 -11.62 13.90 36.61
CA GLN I 67 -10.52 14.61 37.23
C GLN I 67 -10.81 16.09 37.39
N GLU I 68 -11.43 16.69 36.38
CA GLU I 68 -11.73 18.11 36.41
C GLU I 68 -13.16 18.39 36.87
N LYS I 69 -14.03 17.39 36.84
CA LYS I 69 -15.41 17.58 37.28
C LYS I 69 -15.49 17.64 38.81
N ALA I 70 -14.60 16.92 39.50
CA ALA I 70 -14.59 17.02 40.95
C ALA I 70 -14.25 18.43 41.42
N LYS I 71 -13.47 19.18 40.64
CA LYS I 71 -13.17 20.55 41.02
C LYS I 71 -14.41 21.41 41.04
N THR I 72 -15.44 21.00 40.30
CA THR I 72 -16.69 21.76 40.28
C THR I 72 -17.25 21.94 41.68
N ARG I 73 -17.43 20.86 42.43
CA ARG I 73 -17.90 21.03 43.79
C ARG I 73 -16.76 21.36 44.75
N ASP I 74 -15.51 21.02 44.42
CA ASP I 74 -14.40 21.42 45.28
C ASP I 74 -14.38 22.94 45.49
N TYR I 75 -14.11 23.69 44.42
CA TYR I 75 -14.04 25.13 44.58
C TYR I 75 -15.40 25.72 44.89
N ALA I 76 -16.48 25.05 44.47
CA ALA I 76 -17.80 25.53 44.83
C ALA I 76 -17.97 25.58 46.33
N SER I 77 -17.71 24.47 47.01
CA SER I 77 -17.87 24.44 48.47
C SER I 77 -16.91 25.39 49.14
N SER I 78 -15.66 25.46 48.66
CA SER I 78 -14.72 26.41 49.24
C SER I 78 -15.25 27.83 49.18
N MET I 79 -15.74 28.25 48.01
CA MET I 79 -16.15 29.63 47.88
C MET I 79 -17.49 29.88 48.58
N GLU I 80 -18.38 28.89 48.61
CA GLU I 80 -19.60 29.03 49.42
C GLU I 80 -19.26 29.27 50.86
N GLN I 81 -18.39 28.44 51.46
CA GLN I 81 -18.11 28.64 52.87
C GLN I 81 -17.44 29.98 53.11
N ARG I 82 -16.53 30.39 52.23
CA ARG I 82 -15.88 31.68 52.43
C ARG I 82 -16.88 32.82 52.33
N ILE I 83 -17.83 32.74 51.40
CA ILE I 83 -18.76 33.85 51.20
C ILE I 83 -19.81 33.88 52.31
N ARG I 84 -20.30 32.72 52.77
CA ARG I 84 -21.13 32.71 53.99
C ARG I 84 -20.41 33.33 55.17
N MET I 85 -19.15 32.98 55.40
CA MET I 85 -18.50 33.48 56.60
C MET I 85 -18.29 35.00 56.47
N LEU I 86 -17.89 35.47 55.29
CA LEU I 86 -17.72 36.90 55.08
C LEU I 86 -19.04 37.65 55.25
N GLN I 87 -20.14 37.08 54.75
CA GLN I 87 -21.46 37.67 54.96
C GLN I 87 -21.79 37.75 56.44
N GLN I 88 -21.48 36.69 57.20
CA GLN I 88 -21.83 36.67 58.61
C GLN I 88 -21.04 37.70 59.40
N THR I 89 -19.77 37.90 59.06
CA THR I 89 -19.01 38.96 59.76
C THR I 89 -19.57 40.33 59.45
N ILE I 90 -19.75 40.66 58.17
CA ILE I 90 -20.28 41.96 57.80
C ILE I 90 -21.51 41.80 56.92
N MET J 85 -15.82 49.93 50.84
CA MET J 85 -15.48 49.19 49.64
C MET J 85 -15.63 47.69 49.87
N LEU J 86 -15.10 47.22 51.00
CA LEU J 86 -15.16 45.80 51.33
C LEU J 86 -16.58 45.30 51.55
N GLN J 87 -17.52 46.20 51.82
CA GLN J 87 -18.89 45.79 52.10
C GLN J 87 -19.57 45.21 50.85
N GLN J 88 -19.27 45.76 49.68
CA GLN J 88 -19.98 45.39 48.46
C GLN J 88 -19.32 44.26 47.67
N THR J 89 -18.04 43.98 47.91
CA THR J 89 -17.38 42.90 47.18
C THR J 89 -18.04 41.57 47.50
N ILE J 90 -18.37 41.34 48.77
CA ILE J 90 -19.06 40.12 49.14
C ILE J 90 -20.47 40.08 48.54
N GLU J 91 -21.14 41.23 48.45
CA GLU J 91 -22.48 41.27 47.89
C GLU J 91 -22.47 40.89 46.41
N GLN J 92 -21.51 41.43 45.64
CA GLN J 92 -21.41 41.04 44.23
C GLN J 92 -20.87 39.62 44.07
N ALA J 93 -20.08 39.15 45.04
CA ALA J 93 -19.67 37.76 45.01
C ALA J 93 -20.87 36.82 45.06
N LEU J 94 -21.96 37.24 45.71
CA LEU J 94 -23.17 36.42 45.70
C LEU J 94 -23.74 36.29 44.31
N LEU J 95 -23.76 37.39 43.55
CA LEU J 95 -24.23 37.33 42.17
C LEU J 95 -23.33 36.43 41.34
N GLU J 96 -22.01 36.52 41.56
CA GLU J 96 -21.09 35.67 40.82
C GLU J 96 -21.30 34.21 41.15
N GLN J 97 -21.52 33.88 42.44
CA GLN J 97 -21.80 32.51 42.81
C GLN J 97 -23.13 32.04 42.25
N GLY J 98 -24.10 32.94 42.13
CA GLY J 98 -25.36 32.57 41.51
C GLY J 98 -25.21 32.22 40.05
N ARG J 99 -24.45 33.05 39.31
CA ARG J 99 -24.23 32.73 37.90
C ARG J 99 -23.39 31.48 37.73
N ILE J 100 -22.53 31.17 38.70
CA ILE J 100 -21.88 29.86 38.71
C ILE J 100 -22.89 28.74 38.95
N SER J 101 -23.80 28.96 39.90
CA SER J 101 -24.75 27.92 40.27
C SER J 101 -25.64 27.55 39.10
N GLU J 102 -26.09 28.55 38.35
CA GLU J 102 -26.85 28.27 37.13
C GLU J 102 -25.96 27.85 35.97
N ARG J 103 -24.65 27.91 36.13
CA ARG J 103 -23.73 27.58 35.04
C ARG J 103 -23.52 26.07 34.96
N ALA K 3 37.21 14.82 8.04
CA ALA K 3 37.21 15.12 9.46
C ALA K 3 36.11 14.35 10.17
N GLN K 4 36.40 13.08 10.49
CA GLN K 4 35.49 12.16 11.18
C GLN K 4 34.12 12.16 10.50
N PRO K 5 33.99 11.52 9.35
CA PRO K 5 32.72 11.53 8.63
C PRO K 5 31.60 10.96 9.48
N VAL K 6 30.42 11.57 9.37
CA VAL K 6 29.25 11.13 10.11
C VAL K 6 28.10 10.91 9.15
N ASP K 7 27.17 10.05 9.55
CA ASP K 7 26.09 9.63 8.69
C ASP K 7 24.76 10.24 9.12
N LEU K 8 23.94 10.57 8.13
CA LEU K 8 22.64 11.18 8.35
C LEU K 8 21.60 10.43 7.55
N GLN K 9 20.35 10.52 8.00
CA GLN K 9 19.22 9.93 7.30
C GLN K 9 18.12 10.99 7.25
N ILE K 10 18.03 11.70 6.13
CA ILE K 10 17.19 12.87 6.00
C ILE K 10 16.22 12.65 4.86
N PHE K 11 14.93 12.80 5.13
CA PHE K 11 13.88 12.71 4.11
C PHE K 11 13.92 11.37 3.38
N GLY K 12 14.19 10.30 4.13
CA GLY K 12 14.28 8.98 3.51
C GLY K 12 15.38 8.88 2.47
N ARG K 13 16.54 9.45 2.75
CA ARG K 13 17.64 9.48 1.79
C ARG K 13 18.94 9.63 2.55
N SER K 14 19.66 8.52 2.70
CA SER K 14 20.86 8.51 3.54
C SER K 14 21.95 9.40 2.95
N LEU K 15 22.63 10.13 3.83
CA LEU K 15 23.70 11.03 3.45
C LEU K 15 24.90 10.81 4.34
N ARG K 16 26.08 11.18 3.84
CA ARG K 16 27.32 11.09 4.58
C ARG K 16 28.06 12.41 4.45
N VAL K 17 28.30 13.08 5.57
CA VAL K 17 28.98 14.37 5.60
C VAL K 17 30.06 14.31 6.68
N ASN K 18 31.22 14.86 6.38
CA ASN K 18 32.28 15.01 7.37
C ASN K 18 32.15 16.37 8.02
N CYS K 19 32.17 16.41 9.34
CA CYS K 19 31.94 17.65 10.05
C CYS K 19 32.99 17.84 11.13
N PRO K 20 33.38 19.08 11.41
CA PRO K 20 34.18 19.34 12.61
C PRO K 20 33.39 18.95 13.85
N PRO K 21 34.08 18.49 14.89
CA PRO K 21 33.36 18.04 16.09
C PRO K 21 32.47 19.10 16.72
N GLU K 22 32.85 20.37 16.63
CA GLU K 22 32.10 21.41 17.30
C GLU K 22 30.79 21.77 16.61
N GLN K 23 30.62 21.42 15.34
CA GLN K 23 29.39 21.72 14.63
C GLN K 23 28.42 20.55 14.56
N ARG K 24 28.69 19.46 15.28
CA ARG K 24 27.89 18.25 15.17
C ARG K 24 26.45 18.49 15.60
N ASP K 25 26.26 19.09 16.77
CA ASP K 25 24.90 19.29 17.28
C ASP K 25 24.11 20.24 16.39
N ALA K 26 24.76 21.26 15.87
CA ALA K 26 24.10 22.15 14.92
C ALA K 26 23.77 21.41 13.62
N LEU K 27 24.60 20.46 13.20
CA LEU K 27 24.28 19.64 12.05
C LEU K 27 23.03 18.82 12.30
N ASN K 28 22.93 18.20 13.48
CA ASN K 28 21.72 17.44 13.80
C ASN K 28 20.49 18.35 13.83
N GLN K 29 20.62 19.54 14.41
CA GLN K 29 19.48 20.46 14.43
C GLN K 29 19.07 20.90 13.05
N ALA K 30 20.05 21.16 12.16
CA ALA K 30 19.72 21.47 10.78
C ALA K 30 19.05 20.28 10.10
N ALA K 31 19.47 19.07 10.46
CA ALA K 31 18.82 17.88 9.94
C ALA K 31 17.35 17.84 10.33
N GLU K 32 17.03 18.08 11.61
CA GLU K 32 15.62 18.08 12.01
C GLU K 32 14.85 19.21 11.33
N ASP K 33 15.46 20.39 11.21
CA ASP K 33 14.78 21.50 10.55
C ASP K 33 14.45 21.16 9.10
N LEU K 34 15.41 20.57 8.38
CA LEU K 34 15.19 20.19 7.00
C LEU K 34 14.18 19.06 6.88
N ASN K 35 14.24 18.08 7.78
CA ASN K 35 13.25 17.01 7.78
C ASN K 35 11.85 17.56 7.92
N GLN K 36 11.66 18.46 8.89
CA GLN K 36 10.34 19.05 9.09
C GLN K 36 9.91 19.90 7.90
N ARG K 37 10.84 20.68 7.32
CA ARG K 37 10.47 21.51 6.18
C ARG K 37 10.03 20.67 5.00
N LEU K 38 10.77 19.60 4.69
CA LEU K 38 10.40 18.76 3.56
C LEU K 38 9.16 17.92 3.87
N GLN K 39 8.93 17.56 5.13
CA GLN K 39 7.68 16.92 5.48
C GLN K 39 6.50 17.84 5.22
N ASP K 40 6.61 19.11 5.63
CA ASP K 40 5.55 20.06 5.34
C ASP K 40 5.39 20.28 3.85
N LEU K 41 6.47 20.17 3.07
CA LEU K 41 6.34 20.32 1.64
C LEU K 41 5.65 19.12 0.99
N LYS K 42 5.94 17.91 1.46
CA LYS K 42 5.26 16.73 0.92
C LYS K 42 3.77 16.77 1.19
N GLU K 43 3.37 17.12 2.41
CA GLU K 43 1.95 17.20 2.72
C GLU K 43 1.26 18.35 2.01
N ARG K 44 2.02 19.26 1.39
CA ARG K 44 1.41 20.38 0.70
C ARG K 44 0.72 19.95 -0.59
N THR K 45 1.22 18.90 -1.25
CA THR K 45 0.71 18.48 -2.54
C THR K 45 0.41 16.99 -2.54
N ARG K 46 -0.56 16.59 -3.38
CA ARG K 46 -0.90 15.19 -3.51
C ARG K 46 0.12 14.44 -4.36
N VAL K 47 0.22 14.81 -5.63
CA VAL K 47 1.20 14.25 -6.55
C VAL K 47 2.04 15.39 -7.11
N THR K 48 3.35 15.27 -6.97
CA THR K 48 4.26 16.31 -7.41
C THR K 48 5.52 15.65 -7.96
N ASN K 49 6.54 16.45 -8.22
CA ASN K 49 7.86 15.95 -8.60
C ASN K 49 8.74 16.00 -7.36
N THR K 50 8.73 14.90 -6.60
CA THR K 50 9.60 14.80 -5.43
C THR K 50 11.06 14.92 -5.81
N GLU K 51 11.38 14.70 -7.08
CA GLU K 51 12.73 14.87 -7.58
C GLU K 51 13.21 16.30 -7.46
N GLN K 52 12.30 17.25 -7.24
CA GLN K 52 12.65 18.65 -7.06
C GLN K 52 12.31 19.20 -5.68
N LEU K 53 11.82 18.38 -4.75
CA LEU K 53 11.26 18.91 -3.51
C LEU K 53 12.35 19.56 -2.64
N VAL K 54 13.52 18.94 -2.58
CA VAL K 54 14.59 19.53 -1.77
C VAL K 54 15.04 20.85 -2.37
N PHE K 55 14.90 21.02 -3.68
CA PHE K 55 15.21 22.31 -4.29
C PHE K 55 14.30 23.40 -3.77
N ILE K 56 12.99 23.11 -3.66
CA ILE K 56 12.09 24.08 -3.06
C ILE K 56 12.43 24.30 -1.60
N ALA K 57 12.74 23.22 -0.88
CA ALA K 57 13.10 23.34 0.52
C ALA K 57 14.35 24.17 0.74
N ALA K 58 15.20 24.31 -0.28
CA ALA K 58 16.36 25.18 -0.17
C ALA K 58 16.11 26.61 -0.64
N LEU K 59 15.31 26.80 -1.69
CA LEU K 59 14.96 28.15 -2.09
C LEU K 59 14.12 28.86 -1.03
N ASN K 60 13.23 28.12 -0.37
CA ASN K 60 12.41 28.74 0.67
C ASN K 60 13.26 29.25 1.82
N ILE K 61 14.22 28.45 2.28
CA ILE K 61 15.08 28.93 3.35
C ILE K 61 16.04 29.99 2.85
N SER K 62 16.41 29.98 1.57
CA SER K 62 17.20 31.09 1.03
C SER K 62 16.44 32.41 1.13
N TYR K 63 15.18 32.42 0.70
CA TYR K 63 14.39 33.63 0.81
C TYR K 63 14.18 34.01 2.27
N GLU K 64 13.85 33.04 3.11
CA GLU K 64 13.68 33.29 4.53
C GLU K 64 14.97 33.80 5.18
N LEU K 65 16.11 33.52 4.57
CA LEU K 65 17.37 34.07 5.05
C LEU K 65 17.60 35.49 4.55
N THR K 66 17.18 35.79 3.32
CA THR K 66 17.54 37.07 2.71
C THR K 66 17.04 38.26 3.54
N GLN K 67 15.71 38.38 3.71
CA GLN K 67 15.19 39.58 4.36
C GLN K 67 15.56 39.62 5.83
N GLU K 68 15.63 38.48 6.50
CA GLU K 68 16.00 38.47 7.92
C GLU K 68 17.50 38.62 8.12
N LYS K 69 18.29 38.44 7.05
CA LYS K 69 19.71 38.75 7.09
C LYS K 69 19.97 40.21 6.79
N ALA K 70 19.06 40.87 6.07
CA ALA K 70 19.16 42.32 5.92
C ALA K 70 19.16 43.01 7.27
N LYS K 71 18.56 42.39 8.29
CA LYS K 71 18.56 42.95 9.63
C LYS K 71 19.95 42.95 10.24
N THR K 72 20.87 42.17 9.66
CA THR K 72 22.24 42.18 10.14
C THR K 72 22.84 43.58 10.02
N ARG K 73 22.59 44.25 8.91
CA ARG K 73 23.07 45.61 8.72
C ARG K 73 22.05 46.67 9.14
N ASP K 74 20.75 46.37 9.08
CA ASP K 74 19.75 47.39 9.37
C ASP K 74 19.93 47.98 10.77
N TYR K 75 19.70 47.17 11.80
CA TYR K 75 19.80 47.73 13.14
C TYR K 75 21.24 47.97 13.55
N ALA K 76 22.19 47.30 12.91
CA ALA K 76 23.59 47.61 13.17
C ALA K 76 23.89 49.05 12.81
N SER K 77 23.48 49.49 11.62
CA SER K 77 23.70 50.87 11.21
C SER K 77 22.90 51.83 12.06
N SER K 78 21.64 51.49 12.37
CA SER K 78 20.84 52.37 13.20
C SER K 78 21.47 52.58 14.57
N MET K 79 21.85 51.49 15.23
CA MET K 79 22.46 51.60 16.55
C MET K 79 23.82 52.26 16.47
N GLU K 80 24.57 52.05 15.39
CA GLU K 80 25.83 52.77 15.20
C GLU K 80 25.64 54.26 15.16
N GLN K 81 24.71 54.74 14.32
CA GLN K 81 24.54 56.18 14.23
C GLN K 81 24.05 56.75 15.56
N ARG K 82 23.13 56.04 16.24
CA ARG K 82 22.64 56.53 17.52
C ARG K 82 23.76 56.58 18.56
N ILE K 83 24.63 55.57 18.58
CA ILE K 83 25.65 55.50 19.62
C ILE K 83 26.77 56.50 19.37
N ARG K 84 27.15 56.73 18.10
CA ARG K 84 28.06 57.86 17.82
C ARG K 84 27.45 59.20 18.18
N MET K 85 26.16 59.43 17.90
CA MET K 85 25.63 60.75 18.20
C MET K 85 25.55 60.97 19.71
N LEU K 86 25.20 59.92 20.47
CA LEU K 86 25.18 60.03 21.92
C LEU K 86 26.58 60.09 22.51
N GLN K 87 27.58 59.49 21.85
CA GLN K 87 28.97 59.68 22.25
C GLN K 87 29.38 61.13 22.08
N GLN K 88 29.03 61.73 20.94
CA GLN K 88 29.50 63.07 20.64
C GLN K 88 28.82 64.12 21.50
N THR K 89 27.53 63.97 21.81
CA THR K 89 26.89 64.97 22.66
C THR K 89 27.48 64.96 24.06
N ILE K 90 27.67 63.78 24.63
CA ILE K 90 28.24 63.66 25.98
C ILE K 90 29.43 62.72 25.96
N MET L 85 24.26 58.64 35.47
CA MET L 85 23.76 57.38 34.95
C MET L 85 23.76 57.39 33.42
N LEU L 86 23.39 58.53 32.84
CA LEU L 86 23.36 58.65 31.39
C LEU L 86 24.76 58.61 30.79
N GLN L 87 25.79 58.92 31.59
CA GLN L 87 27.15 58.94 31.08
C GLN L 87 27.64 57.53 30.74
N GLN L 88 27.32 56.55 31.59
CA GLN L 88 27.82 55.19 31.42
C GLN L 88 26.97 54.34 30.48
N THR L 89 25.75 54.77 30.17
CA THR L 89 24.89 53.96 29.30
C THR L 89 25.51 53.81 27.93
N ILE L 90 26.06 54.88 27.37
CA ILE L 90 26.72 54.80 26.08
C ILE L 90 28.00 53.98 26.16
N GLU L 91 28.75 54.10 27.25
CA GLU L 91 29.97 53.33 27.41
C GLU L 91 29.68 51.83 27.42
N GLN L 92 28.63 51.41 28.12
CA GLN L 92 28.27 49.99 28.11
C GLN L 92 27.61 49.57 26.81
N ALA L 93 26.89 50.49 26.14
CA ALA L 93 26.36 50.19 24.82
C ALA L 93 27.50 49.93 23.83
N LEU L 94 28.64 50.58 24.04
CA LEU L 94 29.81 50.29 23.20
C LEU L 94 30.26 48.85 23.39
N LEU L 95 30.25 48.35 24.64
CA LEU L 95 30.66 46.97 24.87
C LEU L 95 29.65 45.99 24.29
N GLU L 96 28.36 46.29 24.40
CA GLU L 96 27.35 45.43 23.80
C GLU L 96 27.49 45.44 22.28
N GLN L 97 27.80 46.59 21.70
CA GLN L 97 28.09 46.66 20.27
C GLN L 97 29.32 45.82 19.94
N GLY L 98 30.33 45.85 20.81
CA GLY L 98 31.52 45.06 20.56
C GLY L 98 31.21 43.57 20.51
N ARG L 99 30.36 43.09 21.43
CA ARG L 99 30.03 41.67 21.39
C ARG L 99 29.11 41.35 20.22
N ILE L 100 28.28 42.31 19.78
CA ILE L 100 27.50 42.08 18.56
C ILE L 100 28.39 41.99 17.34
N SER L 101 29.43 42.84 17.26
CA SER L 101 30.24 42.90 16.06
C SER L 101 30.91 41.56 15.77
N GLU L 102 31.41 40.91 16.81
CA GLU L 102 31.97 39.57 16.68
C GLU L 102 30.91 38.49 16.68
N ARG L 103 29.65 38.84 16.92
CA ARG L 103 28.59 37.84 16.98
C ARG L 103 28.25 37.34 15.58
N ALA M 3 -0.51 29.66 -9.11
CA ALA M 3 -0.39 31.12 -9.15
C ALA M 3 0.71 31.53 -10.12
N GLN M 4 0.41 31.45 -11.42
CA GLN M 4 1.32 31.75 -12.53
C GLN M 4 2.61 30.97 -12.28
N PRO M 5 2.62 29.69 -12.62
CA PRO M 5 3.81 28.86 -12.37
C PRO M 5 5.03 29.42 -13.08
N VAL M 6 6.12 29.57 -12.34
CA VAL M 6 7.34 30.11 -12.89
C VAL M 6 8.30 28.96 -13.18
N ASP M 7 9.28 29.22 -14.03
CA ASP M 7 10.24 28.20 -14.42
C ASP M 7 11.65 28.67 -14.09
N LEU M 8 12.45 27.76 -13.55
CA LEU M 8 13.80 28.07 -13.14
C LEU M 8 14.74 27.00 -13.67
N GLN M 9 16.01 27.37 -13.84
CA GLN M 9 17.05 26.45 -14.26
C GLN M 9 18.21 26.60 -13.28
N ILE M 10 18.25 25.72 -12.28
CA ILE M 10 19.18 25.84 -11.17
C ILE M 10 20.05 24.60 -11.12
N PHE M 11 21.37 24.80 -11.14
CA PHE M 11 22.35 23.71 -11.01
C PHE M 11 22.15 22.66 -12.09
N GLY M 12 21.84 23.12 -13.31
CA GLY M 12 21.59 22.19 -14.40
C GLY M 12 20.41 21.29 -14.16
N ARG M 13 19.31 21.82 -13.63
CA ARG M 13 18.19 20.99 -13.23
C ARG M 13 16.93 21.86 -13.27
N SER M 14 16.15 21.71 -14.33
CA SER M 14 14.97 22.55 -14.52
C SER M 14 13.94 22.28 -13.43
N LEU M 15 13.37 23.36 -12.90
CA LEU M 15 12.35 23.29 -11.86
C LEU M 15 11.15 24.14 -12.27
N ARG M 16 10.01 23.82 -11.68
CA ARG M 16 8.78 24.55 -11.92
C ARG M 16 8.14 24.84 -10.57
N VAL M 17 7.93 26.13 -10.28
CA VAL M 17 7.34 26.57 -9.02
C VAL M 17 6.25 27.59 -9.36
N ASN M 18 5.20 27.62 -8.56
CA ASN M 18 4.20 28.66 -8.65
C ASN M 18 4.44 29.66 -7.52
N CYS M 19 4.50 30.93 -7.87
CA CYS M 19 4.88 31.94 -6.89
C CYS M 19 3.92 33.11 -6.92
N PRO M 20 3.68 33.75 -5.78
CA PRO M 20 2.96 35.02 -5.80
C PRO M 20 3.73 36.05 -6.60
N PRO M 21 3.03 36.97 -7.26
CA PRO M 21 3.74 37.94 -8.11
C PRO M 21 4.76 38.79 -7.36
N GLU M 22 4.53 39.07 -6.08
CA GLU M 22 5.41 39.97 -5.35
C GLU M 22 6.69 39.29 -4.88
N GLN M 23 6.76 37.96 -4.90
CA GLN M 23 7.95 37.24 -4.48
C GLN M 23 8.80 36.77 -5.66
N ARG M 24 8.51 37.25 -6.88
CA ARG M 24 9.26 36.85 -8.06
C ARG M 24 10.74 37.18 -7.93
N ASP M 25 11.07 38.43 -7.64
CA ASP M 25 12.47 38.86 -7.61
C ASP M 25 13.21 38.23 -6.44
N ALA M 26 12.51 38.02 -5.32
CA ALA M 26 13.10 37.28 -4.22
C ALA M 26 13.42 35.84 -4.62
N LEU M 27 12.54 35.22 -5.41
CA LEU M 27 12.82 33.88 -5.92
C LEU M 27 14.03 33.88 -6.83
N ASN M 28 14.13 34.88 -7.71
CA ASN M 28 15.30 34.95 -8.60
C ASN M 28 16.59 35.11 -7.80
N GLN M 29 16.59 35.98 -6.81
CA GLN M 29 17.80 36.16 -5.99
C GLN M 29 18.11 34.92 -5.16
N ALA M 30 17.10 34.23 -4.64
CA ALA M 30 17.35 32.96 -3.97
C ALA M 30 17.93 31.94 -4.94
N ALA M 31 17.47 31.97 -6.19
CA ALA M 31 18.01 31.08 -7.20
C ALA M 31 19.48 31.37 -7.47
N GLU M 32 19.85 32.65 -7.58
CA GLU M 32 21.27 32.96 -7.78
C GLU M 32 22.10 32.56 -6.56
N ASP M 33 21.57 32.78 -5.36
CA ASP M 33 22.30 32.37 -4.15
C ASP M 33 22.51 30.87 -4.13
N LEU M 34 21.47 30.11 -4.47
CA LEU M 34 21.57 28.65 -4.49
C LEU M 34 22.50 28.16 -5.59
N ASN M 35 22.42 28.78 -6.76
CA ASN M 35 23.32 28.44 -7.86
C ASN M 35 24.76 28.65 -7.43
N GLN M 36 25.07 29.79 -6.83
CA GLN M 36 26.43 30.07 -6.39
C GLN M 36 26.86 29.11 -5.27
N ARG M 37 25.97 28.80 -4.34
CA ARG M 37 26.33 27.90 -3.26
C ARG M 37 26.68 26.51 -3.78
N LEU M 38 25.84 25.96 -4.66
CA LEU M 38 26.12 24.65 -5.21
C LEU M 38 27.31 24.68 -6.17
N GLN M 39 27.49 25.78 -6.91
CA GLN M 39 28.63 25.91 -7.79
C GLN M 39 29.93 25.91 -7.02
N ASP M 40 29.94 26.55 -5.84
CA ASP M 40 31.09 26.45 -4.96
C ASP M 40 31.20 25.07 -4.33
N LEU M 41 30.08 24.39 -4.12
CA LEU M 41 30.14 23.04 -3.54
C LEU M 41 30.66 22.01 -4.52
N LYS M 42 30.61 22.29 -5.82
CA LYS M 42 31.01 21.29 -6.82
C LYS M 42 32.50 20.98 -6.73
N GLU M 43 33.36 21.99 -6.74
CA GLU M 43 34.80 21.76 -6.77
C GLU M 43 35.41 21.67 -5.39
N ARG M 44 34.59 21.69 -4.34
CA ARG M 44 35.10 21.37 -3.02
C ARG M 44 35.69 19.96 -3.00
N THR M 45 35.11 19.06 -3.79
CA THR M 45 35.62 17.71 -3.98
C THR M 45 35.55 17.35 -5.45
N ARG M 46 36.58 16.68 -5.97
CA ARG M 46 36.63 16.38 -7.40
C ARG M 46 35.57 15.35 -7.78
N VAL M 47 35.51 14.23 -7.06
CA VAL M 47 34.52 13.19 -7.31
C VAL M 47 33.77 12.94 -6.02
N THR M 48 32.44 13.00 -6.08
CA THR M 48 31.61 12.85 -4.91
C THR M 48 30.29 12.22 -5.30
N ASN M 49 29.37 12.13 -4.35
CA ASN M 49 27.99 11.70 -4.63
C ASN M 49 27.18 12.96 -4.90
N THR M 50 27.25 13.41 -6.16
CA THR M 50 26.57 14.63 -6.57
C THR M 50 25.07 14.55 -6.36
N GLU M 51 24.52 13.34 -6.26
CA GLU M 51 23.10 13.18 -5.98
C GLU M 51 22.72 13.69 -4.60
N GLN M 52 23.70 13.96 -3.75
CA GLN M 52 23.45 14.49 -2.41
C GLN M 52 23.81 15.95 -2.26
N LEU M 53 24.34 16.59 -3.30
CA LEU M 53 24.98 17.89 -3.13
C LEU M 53 23.99 18.96 -2.67
N VAL M 54 22.77 18.96 -3.21
CA VAL M 54 21.79 19.94 -2.78
C VAL M 54 21.41 19.74 -1.32
N PHE M 55 21.57 18.53 -0.79
CA PHE M 55 21.31 18.33 0.63
C PHE M 55 22.28 19.11 1.49
N ILE M 56 23.58 19.05 1.20
CA ILE M 56 24.52 19.87 1.95
C ILE M 56 24.30 21.35 1.66
N ALA M 57 23.96 21.67 0.41
CA ALA M 57 23.65 23.07 0.09
C ALA M 57 22.45 23.58 0.84
N ALA M 58 21.63 22.70 1.42
CA ALA M 58 20.54 23.12 2.28
C ALA M 58 20.85 23.06 3.77
N LEU M 59 21.58 22.05 4.25
CA LEU M 59 21.97 22.07 5.66
C LEU M 59 22.91 23.22 5.97
N ASN M 60 23.78 23.60 5.04
CA ASN M 60 24.67 24.73 5.31
C ASN M 60 23.88 26.01 5.54
N ILE M 61 22.88 26.27 4.71
CA ILE M 61 22.09 27.47 4.92
C ILE M 61 21.13 27.30 6.10
N SER M 62 20.78 26.07 6.48
CA SER M 62 20.04 25.89 7.72
C SER M 62 20.88 26.33 8.92
N TYR M 63 22.12 25.90 8.99
CA TYR M 63 23.03 26.34 10.05
C TYR M 63 23.24 27.85 10.01
N GLU M 64 23.46 28.39 8.81
CA GLU M 64 23.65 29.82 8.64
C GLU M 64 22.40 30.61 9.01
N LEU M 65 21.22 30.01 8.86
CA LEU M 65 19.99 30.67 9.28
C LEU M 65 19.86 30.65 10.79
N THR M 66 20.21 29.52 11.42
CA THR M 66 20.11 29.46 12.87
C THR M 66 21.01 30.49 13.54
N GLN M 67 22.27 30.58 13.08
CA GLN M 67 23.19 31.51 13.74
C GLN M 67 22.66 32.94 13.71
N GLU M 68 22.28 33.42 12.53
CA GLU M 68 21.89 34.81 12.41
C GLU M 68 20.41 35.02 12.72
N LYS M 69 19.67 33.94 13.01
CA LYS M 69 18.28 34.09 13.43
C LYS M 69 18.17 34.19 14.94
N ALA M 70 19.06 33.51 15.67
CA ALA M 70 19.06 33.66 17.12
C ALA M 70 19.28 35.11 17.55
N LYS M 71 20.01 35.89 16.75
CA LYS M 71 20.27 37.27 17.09
C LYS M 71 19.00 38.11 17.07
N THR M 72 17.99 37.69 16.31
CA THR M 72 16.73 38.41 16.27
C THR M 72 16.12 38.53 17.66
N ARG M 73 16.06 37.43 18.39
CA ARG M 73 15.61 37.49 19.78
C ARG M 73 16.69 38.02 20.71
N ASP M 74 17.96 37.75 20.45
CA ASP M 74 19.03 38.22 21.32
C ASP M 74 18.98 39.75 21.49
N TYR M 75 19.20 40.48 20.39
CA TYR M 75 19.26 41.93 20.50
C TYR M 75 17.88 42.52 20.77
N ALA M 76 16.81 41.83 20.38
CA ALA M 76 15.48 42.31 20.74
C ALA M 76 15.30 42.32 22.26
N SER M 77 15.71 41.25 22.93
CA SER M 77 15.62 41.21 24.39
C SER M 77 16.51 42.25 25.03
N SER M 78 17.74 42.39 24.53
CA SER M 78 18.65 43.39 25.11
C SER M 78 18.10 44.80 24.95
N MET M 79 17.63 45.14 23.75
CA MET M 79 17.07 46.47 23.52
C MET M 79 15.81 46.66 24.35
N GLU M 80 14.99 45.62 24.48
CA GLU M 80 13.80 45.73 25.33
C GLU M 80 14.15 46.09 26.76
N GLN M 81 15.08 45.34 27.37
CA GLN M 81 15.39 45.66 28.76
C GLN M 81 15.94 47.07 28.87
N ARG M 82 16.83 47.48 27.94
CA ARG M 82 17.41 48.81 28.04
C ARG M 82 16.33 49.88 27.85
N ILE M 83 15.39 49.66 26.94
CA ILE M 83 14.41 50.70 26.63
C ILE M 83 13.37 50.84 27.74
N ARG M 84 12.84 49.71 28.26
CA ARG M 84 11.98 49.82 29.44
C ARG M 84 12.70 50.49 30.61
N MET M 85 13.97 50.17 30.84
CA MET M 85 14.60 50.78 32.01
C MET M 85 14.78 52.28 31.79
N LEU M 86 15.16 52.70 30.58
CA LEU M 86 15.26 54.13 30.30
C LEU M 86 13.90 54.82 30.38
N GLN M 87 12.83 54.11 30.04
CA GLN M 87 11.49 54.68 30.24
C GLN M 87 11.22 54.91 31.72
N GLN M 88 11.57 53.93 32.57
CA GLN M 88 11.18 54.05 33.97
C GLN M 88 12.03 55.09 34.71
N THR M 89 13.29 55.29 34.31
CA THR M 89 14.05 56.37 34.94
C THR M 89 13.46 57.74 34.58
N ILE M 90 13.25 57.99 33.29
CA ILE M 90 12.71 59.28 32.86
C ILE M 90 11.43 59.07 32.06
N MET N 85 16.64 66.89 25.30
CA MET N 85 17.08 66.02 24.20
C MET N 85 17.02 64.56 24.62
N LEU N 86 17.48 64.27 25.84
CA LEU N 86 17.44 62.90 26.34
C LEU N 86 16.02 62.42 26.59
N GLN N 87 15.06 63.33 26.78
CA GLN N 87 13.68 62.94 27.01
C GLN N 87 13.08 62.29 25.77
N GLN N 88 13.37 62.83 24.58
CA GLN N 88 12.74 62.34 23.36
C GLN N 88 13.47 61.15 22.75
N THR N 89 14.70 60.85 23.16
CA THR N 89 15.40 59.69 22.62
C THR N 89 14.66 58.40 22.96
N ILE N 90 14.24 58.28 24.23
CA ILE N 90 13.49 57.11 24.64
C ILE N 90 12.12 57.03 23.98
N GLU N 91 11.53 58.18 23.62
CA GLU N 91 10.26 58.16 22.92
C GLU N 91 10.41 57.71 21.48
N GLN N 92 11.44 58.22 20.79
CA GLN N 92 11.66 57.82 19.40
C GLN N 92 12.19 56.39 19.29
N ALA N 93 12.83 55.88 20.35
CA ALA N 93 13.32 54.51 20.32
C ALA N 93 12.16 53.53 20.18
N LEU N 94 11.05 53.79 20.87
CA LEU N 94 9.88 52.92 20.74
C LEU N 94 9.35 52.92 19.32
N LEU N 95 9.29 54.09 18.68
CA LEU N 95 8.84 54.16 17.30
C LEU N 95 9.79 53.42 16.37
N GLU N 96 11.10 53.55 16.61
CA GLU N 96 12.08 52.95 15.71
C GLU N 96 12.16 51.44 15.92
N GLN N 97 11.77 50.93 17.09
CA GLN N 97 11.63 49.50 17.28
C GLN N 97 10.24 48.96 16.98
N GLY N 98 9.25 49.83 16.76
CA GLY N 98 7.96 49.34 16.31
C GLY N 98 8.04 48.67 14.94
N ARG N 99 8.75 49.31 14.01
CA ARG N 99 8.96 48.71 12.71
C ARG N 99 9.75 47.41 12.82
N ILE N 100 10.69 47.34 13.78
CA ILE N 100 11.39 46.08 14.04
C ILE N 100 10.40 45.02 14.53
N SER N 101 9.50 45.40 15.43
CA SER N 101 8.50 44.48 15.93
C SER N 101 7.65 43.92 14.80
N GLU N 102 7.28 44.78 13.84
CA GLU N 102 6.55 44.31 12.68
C GLU N 102 7.46 43.86 11.54
N ARG N 103 8.78 43.91 11.72
CA ARG N 103 9.69 43.57 10.63
C ARG N 103 9.66 42.07 10.37
PG G2P O . -74.22 -14.32 19.85
O1G G2P O . -75.20 -15.20 19.11
O2G G2P O . -73.69 -14.94 21.14
O3G G2P O . -74.64 -12.87 20.02
O3B G2P O . -72.87 -14.29 18.82
PB G2P O . -71.36 -14.66 19.19
O1B G2P O . -71.10 -14.68 20.67
O2B G2P O . -70.39 -13.87 18.34
C3A G2P O . -71.28 -16.37 18.54
PA G2P O . -69.99 -17.47 19.16
O1A G2P O . -68.61 -16.94 18.91
O2A G2P O . -70.32 -17.87 20.56
O5' G2P O . -70.28 -18.76 18.17
C5' G2P O . -69.96 -18.65 16.81
C4' G2P O . -69.30 -19.95 16.41
O4' G2P O . -67.88 -19.86 16.52
C3' G2P O . -69.72 -21.09 17.30
O3' G2P O . -70.76 -21.83 16.71
C2' G2P O . -68.47 -21.98 17.28
O2' G2P O . -68.43 -22.93 16.26
C1' G2P O . -67.32 -20.99 17.11
N9 G2P O . -66.67 -20.61 18.35
C8 G2P O . -67.21 -20.00 19.44
N7 G2P O . -66.35 -19.80 20.38
C5 G2P O . -65.17 -20.29 19.90
C6 G2P O . -63.89 -20.34 20.49
O6 G2P O . -63.53 -19.95 21.59
N1 G2P O . -62.98 -20.94 19.62
C2 G2P O . -63.25 -21.41 18.38
N2 G2P O . -62.23 -21.96 17.70
N3 G2P O . -64.43 -21.37 17.84
C4 G2P O . -65.36 -20.80 18.63
MG MG P . -72.60 -14.27 22.57
K K Q . -39.38 -3.48 7.06
PG G2P R . -39.06 -0.16 -3.74
O1G G2P R . -39.99 -1.13 -4.46
O2G G2P R . -38.49 -0.70 -2.43
O3G G2P R . -39.54 1.27 -3.65
O3B G2P R . -37.71 -0.11 -4.79
PB G2P R . -36.17 -0.45 -4.42
O1B G2P R . -35.91 -0.44 -2.94
O2B G2P R . -35.23 0.31 -5.30
C3A G2P R . -36.10 -2.18 -5.03
PA G2P R . -34.81 -3.27 -4.38
O1A G2P R . -33.42 -2.71 -4.60
O2A G2P R . -35.16 -3.65 -2.96
O5' G2P R . -35.05 -4.58 -5.35
C5' G2P R . -34.62 -4.53 -6.67
C4' G2P R . -33.89 -5.82 -6.95
O4' G2P R . -32.49 -5.68 -6.77
C3' G2P R . -34.33 -6.93 -6.01
O3' G2P R . -35.34 -7.72 -6.59
C2' G2P R . -33.06 -7.78 -5.94
O2' G2P R . -32.95 -8.77 -6.91
C1' G2P R . -31.93 -6.77 -6.11
N9 G2P R . -31.32 -6.33 -4.88
C8 G2P R . -31.93 -5.70 -3.82
N7 G2P R . -31.10 -5.43 -2.87
C5 G2P R . -29.89 -5.88 -3.31
C6 G2P R . -28.61 -5.84 -2.69
O6 G2P R . -28.30 -5.40 -1.60
N1 G2P R . -27.65 -6.42 -3.52
C2 G2P R . -27.88 -6.94 -4.76
N2 G2P R . -26.81 -7.46 -5.40
N3 G2P R . -29.04 -6.98 -5.31
C4 G2P R . -30.01 -6.43 -4.57
MG MG S . -37.53 0.14 -1.02
K K T . -4.22 11.19 -16.36
PG G2P U . -3.86 14.01 -27.27
O1G G2P U . -4.79 12.98 -27.88
O2G G2P U . -3.23 13.59 -25.95
O3G G2P U . -4.36 15.44 -27.27
O3B G2P U . -2.54 13.99 -28.37
PB G2P U . -0.99 13.75 -28.02
O1B G2P U . -0.68 13.98 -26.56
O2B G2P U . -0.11 14.41 -29.03
C3A G2P U . -0.86 11.95 -28.37
PA G2P U . 0.56 11.05 -27.71
O1A G2P U . 1.86 11.68 -28.09
O2A G2P U . 0.33 10.79 -26.25
O5' G2P U . 0.36 9.64 -28.54
C5' G2P U . 0.64 9.61 -29.90
C4' G2P U . 1.48 8.37 -30.15
O4' G2P U . 2.86 8.62 -29.94
C3' G2P U . 1.12 7.26 -29.20
O3' G2P U . 0.16 6.41 -29.76
C2' G2P U . 2.43 6.49 -29.10
O2' G2P U . 2.61 5.50 -30.06
C1' G2P U . 3.50 7.58 -29.28
N9 G2P U . 4.07 8.07 -28.05
C8 G2P U . 3.43 8.70 -27.02
N7 G2P U . 4.22 9.01 -26.05
C5 G2P U . 5.44 8.58 -26.44
C6 G2P U . 6.70 8.65 -25.80
O6 G2P U . 6.98 9.13 -24.71
N1 G2P U . 7.70 8.07 -26.57
C2 G2P U . 7.52 7.50 -27.80
N2 G2P U . 8.62 7.00 -28.40
N3 G2P U . 6.36 7.45 -28.39
C4 G2P U . 5.37 7.98 -27.68
MG MG V . -2.37 14.55 -24.58
K K W . 30.75 25.94 -39.73
PG G2P X . 73.81 9.12 -23.98
O1G G2P X . 74.63 8.12 -24.76
O2G G2P X . 73.29 10.29 -24.82
O3G G2P X . 74.38 9.55 -22.64
O3B G2P X . 72.39 8.24 -23.61
PB G2P X . 70.88 8.63 -23.93
O1B G2P X . 70.71 10.09 -24.31
O2B G2P X . 69.93 8.06 -22.91
C3A G2P X . 70.61 7.60 -25.44
PA G2P X . 69.30 8.08 -26.59
O1A G2P X . 67.94 8.11 -25.95
O2A G2P X . 69.74 9.33 -27.33
O5' G2P X . 69.40 6.79 -27.63
C5' G2P X . 68.97 5.56 -27.19
C4' G2P X . 68.14 4.95 -28.31
O4' G2P X . 66.76 5.23 -28.14
C3' G2P X . 68.52 5.53 -29.66
O3' G2P X . 69.44 4.71 -30.31
C2' G2P X . 67.20 5.43 -30.42
O2' G2P X . 67.00 4.25 -31.10
C1' G2P X . 66.13 5.60 -29.32
N9 G2P X . 65.61 6.94 -29.20
C8 G2P X . 66.30 8.08 -28.89
N7 G2P X . 65.54 9.13 -28.86
C5 G2P X . 64.29 8.66 -29.13
C6 G2P X . 63.06 9.35 -29.21
O6 G2P X . 62.82 10.53 -29.05
N1 G2P X . 62.02 8.47 -29.52
C2 G2P X . 62.15 7.13 -29.72
N2 G2P X . 61.03 6.44 -30.01
N3 G2P X . 63.28 6.50 -29.64
C4 G2P X . 64.32 7.30 -29.34
MG MG Y . 72.43 11.93 -24.41
K K Z . 39.32 2.38 -7.88
PG G2P AA . 38.49 -7.37 -2.22
O1G G2P AA . 39.26 -8.37 -3.05
O2G G2P AA . 37.97 -6.16 -3.01
O3G G2P AA . 39.10 -6.98 -0.89
O3B G2P AA . 37.06 -8.23 -1.83
PB G2P AA . 35.54 -7.81 -2.12
O1B G2P AA . 35.40 -6.34 -2.44
O2B G2P AA . 34.61 -8.39 -1.10
C3A G2P AA . 35.23 -8.78 -3.65
PA G2P AA . 33.91 -8.23 -4.76
O1A G2P AA . 32.57 -8.17 -4.07
O2A G2P AA . 34.36 -6.98 -5.48
O5' G2P AA . 33.94 -9.48 -5.83
C5' G2P AA . 33.44 -10.72 -5.45
C4' G2P AA . 32.60 -11.24 -6.59
O4' G2P AA . 31.23 -10.93 -6.40
C3' G2P AA . 32.99 -10.60 -7.91
O3' G2P AA . 33.89 -11.41 -8.61
C2' G2P AA . 31.67 -10.62 -8.67
O2' G2P AA . 31.42 -11.78 -9.39
C1' G2P AA . 30.62 -10.48 -7.56
N9 G2P AA . 30.14 -9.12 -7.36
C8 G2P AA . 30.88 -8.01 -7.04
N7 G2P AA . 30.15 -6.95 -6.91
C5 G2P AA . 28.88 -7.37 -7.17
C6 G2P AA . 27.67 -6.64 -7.18
O6 G2P AA . 27.48 -5.45 -6.96
N1 G2P AA . 26.60 -7.47 -7.49
C2 G2P AA . 26.67 -8.81 -7.75
N2 G2P AA . 25.53 -9.45 -8.03
N3 G2P AA . 27.79 -9.47 -7.74
C4 G2P AA . 28.85 -8.71 -7.44
MG MG BA . 37.21 -4.52 -2.44
K K CA . 4.01 -13.78 14.28
PG G2P DA . 3.12 -23.74 19.57
O1G G2P DA . 3.91 -24.67 18.66
O2G G2P DA . 2.58 -22.50 18.87
O3G G2P DA . 3.75 -23.46 20.92
O3B G2P DA . 1.72 -24.67 19.90
PB G2P DA . 0.19 -24.22 19.70
O1B G2P DA . 0.03 -22.73 19.60
O2B G2P DA . -0.72 -24.96 20.65
C3A G2P DA . -0.14 -24.96 18.06
PA G2P DA . -1.59 -24.39 17.13
O1A G2P DA . -2.86 -24.49 17.93
O2A G2P DA . -1.28 -23.04 16.52
O5' G2P DA . -1.59 -25.52 15.93
C5' G2P DA . -1.98 -26.83 16.25
C4' G2P DA . -2.93 -27.26 15.16
O4' G2P DA . -4.26 -26.87 15.46
C3' G2P DA . -2.60 -26.61 13.84
O3' G2P DA . -1.78 -27.44 13.06
C2' G2P DA . -3.98 -26.57 13.16
O2' G2P DA . -4.31 -27.70 12.43
C1' G2P DA . -4.95 -26.40 14.34
N9 G2P DA . -5.38 -25.04 14.56
C8 G2P DA . -4.60 -23.96 14.91
N7 G2P DA . -5.29 -22.88 15.04
C5 G2P DA . -6.58 -23.24 14.80
C6 G2P DA . -7.76 -22.48 14.82
O6 G2P DA . -7.91 -21.30 15.06
N1 G2P DA . -8.87 -23.28 14.50
C2 G2P DA . -8.84 -24.61 14.23
N2 G2P DA . -10.02 -25.20 13.95
N3 G2P DA . -7.74 -25.31 14.21
C4 G2P DA . -6.65 -24.59 14.50
MG MG EA . 1.83 -20.87 19.47
K K FA . -31.05 -29.91 36.60
#